data_4MTJ
#
_entry.id   4MTJ
#
_cell.length_a   102.696
_cell.length_b   212.399
_cell.length_c   198.740
_cell.angle_alpha   90.00
_cell.angle_beta   90.00
_cell.angle_gamma   90.00
#
_symmetry.space_group_name_H-M   'C 2 2 21'
#
loop_
_entity.id
_entity.type
_entity.pdbx_description
1 polymer 'B12-independent glycerol dehydratase'
2 non-polymer S-1,2-PROPANEDIOL
3 water water
#
_entity_poly.entity_id   1
_entity_poly.type   'polypeptide(L)'
_entity_poly.pdbx_seq_one_letter_code
;MISKGFSTQTERINILKAQILNAKPCVESERAILITESFKQTEGQPAILRRALALKHILENIPITIRDQELIVGSLTKEP
RSSQVFPEFSNKWLQDELDRLNKRTGDAFQISEESKEKLKDVFEYWNGKTTSELATSYMTEETREAVNCDVFTVGNYYYN
GVGHVSVDYGKVLRVGFNGIINEAKEQLEKNRSIDPDFIKKEKFLNSVIISCEAAITYVNRYAKKAKEIADNTSDAKRKA
ELNEIAKICSKVSGEGAKSFYEACQLFWFIHAIINIESNGHSISPARFDQYMYPYYENDKNITDKFAQELIDCIWIKLND
INKVRDEISTKHFGGYPMYQNLIVGGQNSEGKDATNKVSYMALEAAVHVKLPQPSLSVRIWNKTPDEFLLRAAELTREGL
GLPAYYNDEVIIPALVSRGLTLEDARDYGIIGCVEPQKPGKTEGWHDSAFFNLARIVELTINSGFDKNKQIGPKTQNFEE
MKSFDEFMKAYKAQMEYFVKHMCCADNCIDIAHAERAPLPFLSSMVDNCIGKGKSLQDGGAEYNFSGPQGVGVANIGDSL
VAVKKIVFDENKITPSELKKTLNNDFKNSEEIQALLKNAPKFGNDIDEVDNLAREGALVYCREVNKYTNPRGGNFQPGLY
PSSINVYFGSLTGATPDGRKSGQPLADGVSPSRGCDVSGPTAACNSVSKLDHFIASNGTLFNQKFHPSALKGDNGLMNLS
SLIRSYFDQKGFHVQFNVIDKKILLAAQKNPEKYQDLIVRVAGYSAQFISLDKSIQNDIIARTEHVM
;
_entity_poly.pdbx_strand_id   A,B
#
# COMPACT_ATOMS: atom_id res chain seq x y z
N ILE A 2 52.81 -4.99 -29.99
CA ILE A 2 52.41 -5.06 -31.40
C ILE A 2 50.90 -5.36 -31.50
N SER A 3 50.30 -5.05 -32.65
CA SER A 3 48.88 -5.32 -32.87
C SER A 3 48.68 -6.71 -33.42
N LYS A 4 47.89 -7.51 -32.72
CA LYS A 4 47.71 -8.90 -33.09
C LYS A 4 46.58 -9.08 -34.11
N GLY A 5 45.75 -8.05 -34.23
CA GLY A 5 44.57 -8.13 -35.09
C GLY A 5 43.49 -8.98 -34.46
N PHE A 6 42.34 -9.07 -35.11
CA PHE A 6 41.24 -9.83 -34.56
C PHE A 6 40.95 -11.05 -35.42
N SER A 7 40.60 -12.15 -34.77
CA SER A 7 40.24 -13.37 -35.48
C SER A 7 38.89 -13.26 -36.20
N THR A 8 38.58 -14.27 -37.00
CA THR A 8 37.38 -14.26 -37.82
C THR A 8 36.31 -15.12 -37.19
N GLN A 9 35.09 -14.58 -37.13
CA GLN A 9 33.95 -15.27 -36.56
C GLN A 9 33.42 -16.34 -37.50
N THR A 10 32.69 -17.34 -36.96
CA THR A 10 32.14 -18.41 -37.78
C THR A 10 31.05 -17.87 -38.69
N GLU A 11 30.71 -18.63 -39.73
CA GLU A 11 29.65 -18.24 -40.65
C GLU A 11 28.30 -18.11 -39.95
N ARG A 12 28.09 -18.94 -38.93
CA ARG A 12 26.87 -18.88 -38.12
C ARG A 12 26.66 -17.49 -37.55
N ILE A 13 27.73 -16.89 -37.04
CA ILE A 13 27.66 -15.55 -36.48
C ILE A 13 27.16 -14.55 -37.53
N ASN A 14 27.69 -14.66 -38.75
CA ASN A 14 27.24 -13.79 -39.84
C ASN A 14 25.75 -13.98 -40.13
N ILE A 15 25.30 -15.24 -40.12
CA ILE A 15 23.89 -15.54 -40.33
C ILE A 15 22.98 -15.01 -39.21
N LEU A 16 23.42 -15.20 -37.97
CA LEU A 16 22.66 -14.71 -36.82
C LEU A 16 22.61 -13.19 -36.81
N LYS A 17 23.76 -12.56 -37.11
CA LYS A 17 23.86 -11.10 -37.18
C LYS A 17 22.94 -10.49 -38.25
N ALA A 18 22.81 -11.18 -39.38
CA ALA A 18 21.98 -10.69 -40.47
C ALA A 18 20.49 -10.78 -40.11
N GLN A 19 20.14 -11.68 -39.21
CA GLN A 19 18.77 -11.74 -38.72
C GLN A 19 18.39 -10.46 -37.98
N ILE A 20 19.35 -9.88 -37.28
CA ILE A 20 19.11 -8.64 -36.56
C ILE A 20 18.90 -7.50 -37.55
N LEU A 21 19.85 -7.35 -38.47
CA LEU A 21 19.85 -6.20 -39.37
C LEU A 21 18.75 -6.26 -40.40
N ASN A 22 18.32 -7.48 -40.76
CA ASN A 22 17.30 -7.64 -41.79
C ASN A 22 15.89 -7.53 -41.23
N ALA A 23 15.77 -7.64 -39.92
CA ALA A 23 14.50 -7.57 -39.23
C ALA A 23 13.80 -6.23 -39.44
N LYS A 24 12.50 -6.22 -39.28
CA LYS A 24 11.78 -4.96 -39.26
C LYS A 24 11.17 -4.78 -37.88
N PRO A 25 11.84 -3.99 -37.01
CA PRO A 25 11.37 -3.76 -35.65
C PRO A 25 9.87 -3.46 -35.60
N CYS A 26 9.17 -4.15 -34.70
CA CYS A 26 7.74 -3.97 -34.57
C CYS A 26 7.27 -4.06 -33.13
N VAL A 27 6.02 -3.71 -32.95
CA VAL A 27 5.35 -3.84 -31.67
C VAL A 27 4.44 -5.08 -31.70
N GLU A 28 4.67 -6.01 -30.78
CA GLU A 28 3.87 -7.22 -30.73
C GLU A 28 2.94 -7.14 -29.52
N SER A 29 1.80 -7.82 -29.60
CA SER A 29 0.74 -7.62 -28.61
C SER A 29 0.54 -8.76 -27.58
N GLU A 30 1.23 -9.87 -27.72
CA GLU A 30 0.96 -11.03 -26.87
C GLU A 30 1.15 -10.74 -25.37
N ARG A 31 2.31 -10.21 -24.99
CA ARG A 31 2.54 -9.91 -23.59
C ARG A 31 1.43 -9.02 -23.03
N ALA A 32 1.04 -7.99 -23.78
CA ALA A 32 0.00 -7.07 -23.30
C ALA A 32 -1.33 -7.79 -23.09
N ILE A 33 -1.69 -8.67 -24.01
CA ILE A 33 -2.93 -9.42 -23.86
C ILE A 33 -2.86 -10.33 -22.63
N LEU A 34 -1.71 -10.97 -22.45
CA LEU A 34 -1.54 -11.94 -21.37
C LEU A 34 -1.52 -11.30 -19.98
N ILE A 35 -0.82 -10.17 -19.84
CA ILE A 35 -0.80 -9.54 -18.53
C ILE A 35 -2.19 -8.99 -18.21
N THR A 36 -2.90 -8.51 -19.22
CA THR A 36 -4.26 -8.00 -19.05
C THR A 36 -5.20 -9.11 -18.59
N GLU A 37 -5.14 -10.24 -19.28
CA GLU A 37 -5.91 -11.41 -18.93
C GLU A 37 -5.67 -11.82 -17.46
N SER A 38 -4.41 -11.82 -17.03
CA SER A 38 -4.04 -12.25 -15.68
C SER A 38 -4.50 -11.27 -14.60
N PHE A 39 -4.30 -9.99 -14.83
CA PHE A 39 -4.72 -8.98 -13.85
C PHE A 39 -6.22 -9.00 -13.57
N LYS A 40 -7.02 -9.30 -14.61
CA LYS A 40 -8.46 -9.40 -14.45
C LYS A 40 -8.85 -10.53 -13.49
N GLN A 41 -7.97 -11.52 -13.37
CA GLN A 41 -8.22 -12.68 -12.52
C GLN A 41 -7.67 -12.55 -11.10
N THR A 42 -6.95 -11.46 -10.83
CA THR A 42 -6.24 -11.33 -9.56
C THR A 42 -6.59 -10.06 -8.78
N GLU A 43 -7.71 -9.43 -9.11
CA GLU A 43 -8.09 -8.17 -8.48
C GLU A 43 -8.09 -8.26 -6.95
N GLY A 44 -8.36 -9.44 -6.40
CA GLY A 44 -8.47 -9.60 -4.96
C GLY A 44 -7.13 -9.84 -4.27
N GLN A 45 -6.07 -9.84 -5.06
CA GLN A 45 -4.75 -10.21 -4.59
C GLN A 45 -3.89 -8.96 -4.28
N PRO A 46 -2.97 -9.05 -3.31
CA PRO A 46 -2.02 -7.94 -3.12
C PRO A 46 -1.15 -7.73 -4.36
N ALA A 47 -0.65 -6.51 -4.55
CA ALA A 47 0.12 -6.19 -5.75
C ALA A 47 1.30 -7.14 -6.08
N ILE A 48 2.06 -7.54 -5.06
CA ILE A 48 3.22 -8.42 -5.30
C ILE A 48 2.78 -9.78 -5.88
N LEU A 49 1.63 -10.27 -5.43
CA LEU A 49 1.11 -11.53 -5.94
C LEU A 49 0.53 -11.39 -7.35
N ARG A 50 -0.13 -10.26 -7.62
CA ARG A 50 -0.59 -9.93 -8.97
C ARG A 50 0.60 -9.98 -9.91
N ARG A 51 1.71 -9.38 -9.49
CA ARG A 51 2.93 -9.31 -10.29
C ARG A 51 3.50 -10.71 -10.55
N ALA A 52 3.57 -11.51 -9.49
CA ALA A 52 4.04 -12.89 -9.61
C ALA A 52 3.17 -13.68 -10.58
N LEU A 53 1.87 -13.70 -10.32
CA LEU A 53 0.91 -14.45 -11.15
C LEU A 53 0.87 -13.98 -12.61
N ALA A 54 1.03 -12.67 -12.81
CA ALA A 54 1.08 -12.12 -14.15
C ALA A 54 2.31 -12.64 -14.90
N LEU A 55 3.45 -12.63 -14.23
CA LEU A 55 4.69 -13.10 -14.85
C LEU A 55 4.57 -14.60 -15.17
N LYS A 56 3.97 -15.35 -14.26
CA LYS A 56 3.66 -16.75 -14.49
C LYS A 56 2.78 -16.91 -15.73
N HIS A 57 1.74 -16.08 -15.83
CA HIS A 57 0.81 -16.21 -16.94
C HIS A 57 1.46 -15.89 -18.29
N ILE A 58 2.27 -14.82 -18.30
CA ILE A 58 3.04 -14.43 -19.48
C ILE A 58 4.06 -15.51 -19.86
N LEU A 59 4.87 -15.94 -18.90
CA LEU A 59 5.89 -16.95 -19.15
C LEU A 59 5.32 -18.27 -19.67
N GLU A 60 4.08 -18.60 -19.26
CA GLU A 60 3.45 -19.85 -19.65
C GLU A 60 2.87 -19.84 -21.06
N ASN A 61 2.44 -18.67 -21.53
CA ASN A 61 1.66 -18.59 -22.77
C ASN A 61 2.21 -17.68 -23.87
N ILE A 62 3.29 -16.96 -23.59
CA ILE A 62 3.93 -16.09 -24.58
C ILE A 62 4.52 -16.96 -25.70
N PRO A 63 4.42 -16.50 -26.96
CA PRO A 63 5.09 -17.26 -28.04
C PRO A 63 6.59 -17.43 -27.83
N ILE A 64 7.08 -18.60 -28.17
CA ILE A 64 8.47 -18.99 -28.02
C ILE A 64 9.06 -19.05 -29.42
N THR A 65 10.32 -18.70 -29.58
CA THR A 65 10.96 -18.79 -30.89
C THR A 65 12.42 -19.22 -30.82
N ILE A 66 12.76 -20.18 -31.66
CA ILE A 66 14.14 -20.55 -31.89
C ILE A 66 14.45 -20.14 -33.34
N ARG A 67 15.45 -19.26 -33.51
CA ARG A 67 15.79 -18.77 -34.84
C ARG A 67 16.79 -19.71 -35.46
N ASP A 68 16.83 -19.75 -36.80
CA ASP A 68 17.72 -20.67 -37.51
C ASP A 68 19.16 -20.54 -37.01
N GLN A 69 19.81 -21.67 -36.83
CA GLN A 69 21.24 -21.73 -36.52
C GLN A 69 21.68 -21.16 -35.15
N GLU A 70 20.73 -20.77 -34.30
CA GLU A 70 21.08 -20.38 -32.93
C GLU A 70 21.68 -21.49 -32.09
N LEU A 71 22.64 -21.14 -31.26
CA LEU A 71 23.20 -22.06 -30.29
C LEU A 71 22.66 -21.71 -28.91
N ILE A 72 22.41 -20.42 -28.72
CA ILE A 72 21.84 -19.89 -27.49
C ILE A 72 20.44 -19.43 -27.82
N VAL A 73 19.46 -19.96 -27.11
CA VAL A 73 18.07 -19.67 -27.46
C VAL A 73 17.34 -18.84 -26.42
N GLY A 74 16.24 -18.22 -26.84
CA GLY A 74 15.43 -17.38 -25.99
C GLY A 74 15.16 -16.08 -26.71
N SER A 75 13.93 -15.93 -27.20
CA SER A 75 13.55 -14.75 -27.96
C SER A 75 12.32 -14.15 -27.36
N LEU A 76 12.34 -12.83 -27.18
CA LEU A 76 11.27 -12.14 -26.48
C LEU A 76 10.15 -11.75 -27.42
N THR A 77 10.47 -11.68 -28.71
CA THR A 77 9.49 -11.36 -29.72
C THR A 77 9.64 -12.34 -30.87
N LYS A 78 8.54 -12.64 -31.55
CA LYS A 78 8.57 -13.44 -32.76
C LYS A 78 9.49 -12.84 -33.85
N GLU A 79 9.23 -11.59 -34.24
CA GLU A 79 10.15 -10.86 -35.11
C GLU A 79 11.43 -10.47 -34.32
N PRO A 80 12.62 -10.60 -34.94
CA PRO A 80 13.82 -10.14 -34.23
C PRO A 80 13.82 -8.63 -34.02
N ARG A 81 14.64 -8.20 -33.06
CA ARG A 81 14.85 -6.78 -32.80
C ARG A 81 13.51 -6.06 -32.63
N SER A 82 12.56 -6.70 -31.97
CA SER A 82 11.24 -6.13 -31.78
C SER A 82 10.83 -5.97 -30.31
N SER A 83 9.64 -5.44 -30.06
CA SER A 83 9.26 -5.07 -28.69
C SER A 83 7.86 -5.50 -28.26
N GLN A 84 7.75 -6.10 -27.07
CA GLN A 84 6.45 -6.33 -26.43
C GLN A 84 5.95 -5.03 -25.81
N VAL A 85 4.73 -5.07 -25.27
CA VAL A 85 4.08 -3.88 -24.67
C VAL A 85 3.94 -4.05 -23.15
N PHE A 86 4.15 -2.97 -22.41
CA PHE A 86 4.14 -3.03 -20.96
C PHE A 86 3.16 -2.00 -20.39
N PRO A 87 1.85 -2.30 -20.49
CA PRO A 87 0.78 -1.34 -20.21
C PRO A 87 0.61 -1.11 -18.72
N GLU A 88 1.23 -1.93 -17.89
CA GLU A 88 1.20 -1.70 -16.45
C GLU A 88 1.87 -0.37 -16.05
N PHE A 89 2.72 0.18 -16.91
CA PHE A 89 3.41 1.44 -16.60
C PHE A 89 2.76 2.65 -17.25
N SER A 90 2.52 2.57 -18.56
CA SER A 90 1.73 3.56 -19.28
C SER A 90 1.31 2.88 -20.57
N ASN A 91 0.27 3.42 -21.21
CA ASN A 91 -0.16 2.85 -22.48
C ASN A 91 -0.95 3.82 -23.35
N LYS A 92 -1.37 4.93 -22.76
CA LYS A 92 -2.13 5.92 -23.53
C LYS A 92 -1.29 6.55 -24.67
N TRP A 93 0.01 6.72 -24.46
CA TRP A 93 0.88 7.23 -25.50
C TRP A 93 0.83 6.28 -26.70
N LEU A 94 0.82 4.98 -26.42
CA LEU A 94 0.80 3.97 -27.46
C LEU A 94 -0.55 4.00 -28.20
N GLN A 95 -1.65 4.16 -27.48
CA GLN A 95 -2.95 4.26 -28.11
C GLN A 95 -3.01 5.50 -29.02
N ASP A 96 -2.32 6.56 -28.62
CA ASP A 96 -2.27 7.78 -29.41
C ASP A 96 -1.42 7.66 -30.70
N GLU A 97 -0.41 6.79 -30.66
CA GLU A 97 0.58 6.75 -31.74
C GLU A 97 0.46 5.58 -32.72
N LEU A 98 -0.50 4.67 -32.47
CA LEU A 98 -0.65 3.43 -33.24
C LEU A 98 -0.45 3.58 -34.74
N ASP A 99 -0.95 4.68 -35.28
CA ASP A 99 -0.97 4.84 -36.72
C ASP A 99 0.20 5.63 -37.28
N ARG A 100 1.10 6.10 -36.43
CA ARG A 100 2.22 6.86 -36.95
C ARG A 100 3.59 6.30 -36.56
N LEU A 101 3.59 5.15 -35.91
CA LEU A 101 4.83 4.49 -35.52
C LEU A 101 5.70 4.19 -36.73
N ASN A 102 5.07 3.82 -37.83
CA ASN A 102 5.84 3.40 -38.98
C ASN A 102 6.24 4.58 -39.87
N LYS A 103 5.85 5.78 -39.46
CA LYS A 103 6.17 6.96 -40.23
C LYS A 103 7.34 7.76 -39.64
N ARG A 104 7.89 7.30 -38.53
CA ARG A 104 8.98 8.01 -37.88
C ARG A 104 10.24 8.05 -38.74
N THR A 105 11.01 9.13 -38.60
CA THR A 105 12.29 9.31 -39.29
C THR A 105 13.33 8.30 -38.81
N GLY A 106 13.43 8.17 -37.49
CA GLY A 106 14.30 7.19 -36.89
C GLY A 106 13.52 6.41 -35.86
N ASP A 107 14.08 5.28 -35.41
CA ASP A 107 13.41 4.38 -34.49
C ASP A 107 11.97 4.09 -34.93
N ALA A 108 11.80 3.74 -36.19
CA ALA A 108 10.49 3.40 -36.70
C ALA A 108 10.09 2.02 -36.19
N PHE A 109 8.81 1.86 -35.85
CA PHE A 109 8.28 0.54 -35.52
C PHE A 109 7.10 0.18 -36.41
N GLN A 110 7.06 -1.07 -36.89
CA GLN A 110 5.87 -1.59 -37.55
C GLN A 110 4.88 -2.11 -36.51
N ILE A 111 3.60 -2.16 -36.86
CA ILE A 111 2.62 -2.84 -36.02
C ILE A 111 1.44 -3.32 -36.87
N SER A 112 1.14 -4.61 -36.78
CA SER A 112 0.08 -5.22 -37.56
C SER A 112 -1.27 -4.63 -37.19
N GLU A 113 -2.20 -4.64 -38.14
CA GLU A 113 -3.55 -4.18 -37.90
C GLU A 113 -4.23 -5.04 -36.85
N GLU A 114 -3.85 -6.32 -36.82
CA GLU A 114 -4.37 -7.23 -35.82
C GLU A 114 -3.96 -6.77 -34.41
N SER A 115 -2.67 -6.43 -34.26
CA SER A 115 -2.17 -5.96 -32.97
C SER A 115 -2.89 -4.71 -32.52
N LYS A 116 -3.12 -3.78 -33.44
CA LYS A 116 -3.85 -2.56 -33.11
C LYS A 116 -5.21 -2.92 -32.50
N GLU A 117 -5.92 -3.82 -33.15
CA GLU A 117 -7.27 -4.18 -32.74
C GLU A 117 -7.27 -4.87 -31.36
N LYS A 118 -6.28 -5.72 -31.13
CA LYS A 118 -6.19 -6.42 -29.86
C LYS A 118 -5.81 -5.53 -28.70
N LEU A 119 -5.10 -4.44 -28.97
CA LEU A 119 -4.68 -3.56 -27.90
C LEU A 119 -5.84 -2.73 -27.34
N LYS A 120 -6.92 -2.59 -28.09
CA LYS A 120 -8.09 -1.82 -27.65
C LYS A 120 -8.57 -2.20 -26.24
N ASP A 121 -8.83 -3.49 -26.03
CA ASP A 121 -9.21 -3.97 -24.71
C ASP A 121 -8.13 -3.70 -23.65
N VAL A 122 -6.86 -3.80 -24.05
CA VAL A 122 -5.74 -3.48 -23.17
C VAL A 122 -5.83 -2.02 -22.70
N PHE A 123 -6.00 -1.09 -23.64
CA PHE A 123 -6.13 0.33 -23.30
C PHE A 123 -7.33 0.53 -22.37
N GLU A 124 -8.41 -0.19 -22.65
CA GLU A 124 -9.62 -0.09 -21.85
C GLU A 124 -9.44 -0.57 -20.40
N TYR A 125 -8.83 -1.73 -20.21
CA TYR A 125 -8.66 -2.28 -18.86
C TYR A 125 -7.69 -1.50 -17.97
N TRP A 126 -6.56 -1.09 -18.54
CA TRP A 126 -5.51 -0.46 -17.73
C TRP A 126 -5.76 1.01 -17.44
N ASN A 127 -6.90 1.52 -17.86
CA ASN A 127 -7.23 2.91 -17.60
C ASN A 127 -7.26 3.20 -16.11
N GLY A 128 -6.38 4.12 -15.69
CA GLY A 128 -6.26 4.50 -14.29
C GLY A 128 -5.45 3.52 -13.45
N LYS A 129 -5.00 2.41 -14.03
CA LYS A 129 -4.42 1.33 -13.24
C LYS A 129 -2.90 1.22 -13.34
N THR A 130 -2.27 2.17 -14.02
CA THR A 130 -0.83 2.08 -14.27
C THR A 130 0.00 2.75 -13.17
N THR A 131 1.32 2.54 -13.20
CA THR A 131 2.19 3.26 -12.30
C THR A 131 2.20 4.78 -12.61
N SER A 132 2.25 5.12 -13.91
CA SER A 132 2.26 6.52 -14.38
C SER A 132 1.09 7.35 -13.83
N GLU A 133 -0.12 6.78 -13.85
CA GLU A 133 -1.30 7.49 -13.39
C GLU A 133 -1.30 7.65 -11.87
N LEU A 134 -0.77 6.66 -11.16
CA LEU A 134 -0.69 6.78 -9.72
C LEU A 134 0.39 7.82 -9.37
N ALA A 135 1.48 7.79 -10.11
CA ALA A 135 2.61 8.71 -9.86
C ALA A 135 2.19 10.17 -9.96
N THR A 136 1.43 10.47 -11.01
CA THR A 136 0.87 11.80 -11.23
C THR A 136 -0.02 12.21 -10.05
N SER A 137 -0.81 11.25 -9.56
CA SER A 137 -1.73 11.51 -8.45
C SER A 137 -0.96 11.92 -7.19
N TYR A 138 0.19 11.30 -6.96
CA TYR A 138 1.01 11.62 -5.79
C TYR A 138 1.71 13.00 -5.84
N MET A 139 2.05 13.46 -7.04
CA MET A 139 2.69 14.75 -7.20
C MET A 139 1.76 15.91 -6.85
N THR A 140 2.30 16.99 -6.30
CA THR A 140 1.53 18.22 -6.08
C THR A 140 1.30 18.91 -7.41
N GLU A 141 0.46 19.92 -7.39
CA GLU A 141 0.15 20.64 -8.60
C GLU A 141 1.38 21.45 -8.98
N GLU A 142 2.02 22.03 -7.97
CA GLU A 142 3.22 22.80 -8.20
C GLU A 142 4.26 21.92 -8.89
N THR A 143 4.38 20.68 -8.44
CA THR A 143 5.35 19.77 -9.04
C THR A 143 4.97 19.41 -10.47
N ARG A 144 3.71 19.09 -10.71
CA ARG A 144 3.27 18.77 -12.08
C ARG A 144 3.60 19.90 -13.05
N GLU A 145 3.52 21.15 -12.58
CA GLU A 145 3.82 22.27 -13.43
C GLU A 145 5.32 22.38 -13.70
N ALA A 146 6.11 22.19 -12.64
CA ALA A 146 7.56 22.17 -12.75
C ALA A 146 8.05 21.10 -13.74
N VAL A 147 7.32 19.99 -13.81
CA VAL A 147 7.68 18.85 -14.64
C VAL A 147 7.42 19.13 -16.13
N ASN A 148 6.51 20.05 -16.40
CA ASN A 148 6.13 20.36 -17.77
C ASN A 148 6.58 21.74 -18.26
N CYS A 149 7.65 22.23 -17.64
CA CYS A 149 8.25 23.54 -17.87
C CYS A 149 9.34 23.53 -18.92
N ASP A 150 9.65 22.35 -19.46
CA ASP A 150 10.83 22.19 -20.32
C ASP A 150 12.14 22.50 -19.60
N VAL A 151 12.21 22.19 -18.32
CA VAL A 151 13.48 22.29 -17.60
C VAL A 151 14.10 20.90 -17.40
N PHE A 152 13.25 19.94 -17.04
CA PHE A 152 13.72 18.58 -16.85
C PHE A 152 12.62 17.59 -17.29
N THR A 153 12.96 16.32 -17.35
CA THR A 153 12.00 15.26 -17.63
C THR A 153 12.20 14.09 -16.68
N VAL A 154 11.10 13.60 -16.11
CA VAL A 154 11.17 12.40 -15.29
C VAL A 154 10.44 11.28 -16.02
N GLY A 155 10.41 11.41 -17.34
CA GLY A 155 9.73 10.45 -18.19
C GLY A 155 10.17 9.01 -18.05
N ASN A 156 11.47 8.78 -17.89
CA ASN A 156 12.02 7.43 -18.00
C ASN A 156 11.27 6.36 -17.21
N TYR A 157 11.15 6.57 -15.90
CA TYR A 157 10.50 5.63 -15.01
C TYR A 157 9.00 5.92 -14.90
N TYR A 158 8.58 7.01 -15.54
CA TYR A 158 7.18 7.38 -15.60
C TYR A 158 6.43 6.51 -16.61
N TYR A 159 6.95 6.45 -17.83
CA TYR A 159 6.26 5.76 -18.92
C TYR A 159 6.55 4.28 -18.97
N ASN A 160 7.70 3.90 -18.43
CA ASN A 160 8.13 2.52 -18.52
C ASN A 160 8.82 2.04 -17.24
N GLY A 161 9.31 0.80 -17.25
CA GLY A 161 9.90 0.20 -16.07
C GLY A 161 11.20 0.83 -15.58
N VAL A 162 11.69 0.36 -14.44
CA VAL A 162 12.90 0.94 -13.88
C VAL A 162 14.17 0.36 -14.51
N GLY A 163 14.48 -0.90 -14.19
CA GLY A 163 15.67 -1.53 -14.68
C GLY A 163 16.89 -0.92 -14.02
N HIS A 164 17.90 -0.57 -14.83
CA HIS A 164 19.11 0.09 -14.33
C HIS A 164 19.72 -0.68 -13.15
N VAL A 165 20.11 -1.91 -13.45
CA VAL A 165 20.48 -2.87 -12.42
C VAL A 165 21.33 -3.96 -13.04
N SER A 166 22.28 -4.46 -12.25
CA SER A 166 23.02 -5.66 -12.60
C SER A 166 22.76 -6.66 -11.48
N VAL A 167 21.96 -7.69 -11.77
CA VAL A 167 21.53 -8.64 -10.74
C VAL A 167 22.68 -9.54 -10.39
N ASP A 168 22.49 -10.38 -9.37
CA ASP A 168 23.51 -11.32 -8.95
C ASP A 168 23.59 -12.54 -9.88
N TYR A 169 24.01 -12.32 -11.13
CA TYR A 169 24.10 -13.38 -12.14
C TYR A 169 24.96 -14.53 -11.65
N GLY A 170 26.09 -14.19 -11.04
CA GLY A 170 27.02 -15.19 -10.54
C GLY A 170 26.31 -16.15 -9.61
N LYS A 171 25.45 -15.63 -8.73
CA LYS A 171 24.76 -16.46 -7.76
C LYS A 171 23.74 -17.39 -8.40
N VAL A 172 22.93 -16.85 -9.30
CA VAL A 172 21.95 -17.67 -9.98
C VAL A 172 22.62 -18.74 -10.86
N LEU A 173 23.71 -18.38 -11.53
CA LEU A 173 24.51 -19.34 -12.29
C LEU A 173 24.99 -20.48 -11.40
N ARG A 174 25.34 -20.17 -10.15
CA ARG A 174 25.82 -21.21 -9.24
C ARG A 174 24.69 -22.12 -8.72
N VAL A 175 23.60 -21.52 -8.26
CA VAL A 175 22.57 -22.25 -7.51
C VAL A 175 21.29 -22.52 -8.29
N GLY A 176 21.16 -21.90 -9.46
CA GLY A 176 20.01 -22.15 -10.31
C GLY A 176 18.77 -21.46 -9.80
N PHE A 177 17.70 -21.50 -10.57
CA PHE A 177 16.43 -20.96 -10.10
C PHE A 177 15.90 -21.77 -8.93
N ASN A 178 16.31 -23.04 -8.84
CA ASN A 178 15.97 -23.87 -7.69
C ASN A 178 16.57 -23.32 -6.40
N GLY A 179 17.85 -22.95 -6.46
CA GLY A 179 18.56 -22.44 -5.30
C GLY A 179 17.93 -21.17 -4.75
N ILE A 180 17.45 -20.31 -5.64
CA ILE A 180 16.73 -19.10 -5.24
C ILE A 180 15.45 -19.48 -4.53
N ILE A 181 14.68 -20.38 -5.15
CA ILE A 181 13.46 -20.90 -4.57
C ILE A 181 13.69 -21.46 -3.16
N ASN A 182 14.74 -22.25 -3.00
CA ASN A 182 15.01 -22.86 -1.70
C ASN A 182 15.40 -21.85 -0.64
N GLU A 183 16.15 -20.84 -1.06
CA GLU A 183 16.51 -19.76 -0.17
C GLU A 183 15.25 -19.05 0.31
N ALA A 184 14.32 -18.81 -0.62
CA ALA A 184 13.04 -18.18 -0.28
C ALA A 184 12.23 -19.03 0.70
N LYS A 185 12.29 -20.35 0.53
CA LYS A 185 11.59 -21.26 1.43
C LYS A 185 12.22 -21.31 2.83
N GLU A 186 13.55 -21.24 2.90
CA GLU A 186 14.22 -21.21 4.20
C GLU A 186 13.86 -19.95 4.95
N GLN A 187 13.69 -18.85 4.24
CA GLN A 187 13.43 -17.56 4.87
C GLN A 187 12.02 -17.56 5.43
N LEU A 188 11.10 -18.12 4.64
CA LEU A 188 9.73 -18.37 5.07
C LEU A 188 9.69 -19.13 6.40
N GLU A 189 10.53 -20.15 6.52
CA GLU A 189 10.68 -20.92 7.75
C GLU A 189 11.23 -20.10 8.92
N LYS A 190 12.25 -19.29 8.66
CA LYS A 190 12.81 -18.45 9.72
C LYS A 190 11.81 -17.41 10.20
N ASN A 191 10.91 -17.00 9.30
CA ASN A 191 9.95 -15.95 9.55
C ASN A 191 8.68 -16.43 10.23
N ARG A 192 8.55 -17.74 10.45
CA ARG A 192 7.41 -18.27 11.21
C ARG A 192 7.27 -17.47 12.49
N SER A 193 6.15 -16.77 12.62
CA SER A 193 5.97 -15.82 13.71
C SER A 193 4.54 -15.29 13.76
N ILE A 194 4.10 -14.92 14.94
CA ILE A 194 2.77 -14.35 15.12
C ILE A 194 2.80 -12.82 14.91
N ASP A 195 4.00 -12.27 14.79
CA ASP A 195 4.19 -10.86 14.46
C ASP A 195 3.53 -10.52 13.11
N PRO A 196 2.65 -9.52 13.09
CA PRO A 196 1.94 -9.18 11.84
C PRO A 196 2.88 -8.72 10.73
N ASP A 197 4.06 -8.23 11.09
CA ASP A 197 5.05 -7.78 10.11
C ASP A 197 5.39 -8.87 9.10
N PHE A 198 5.20 -10.12 9.48
CA PHE A 198 5.59 -11.20 8.61
C PHE A 198 4.53 -11.56 7.59
N ILE A 199 3.33 -11.00 7.75
CA ILE A 199 2.25 -11.24 6.78
C ILE A 199 2.64 -10.77 5.36
N LYS A 200 3.00 -9.50 5.23
CA LYS A 200 3.40 -8.98 3.93
C LYS A 200 4.70 -9.62 3.42
N LYS A 201 5.63 -9.95 4.32
CA LYS A 201 6.89 -10.58 3.91
C LYS A 201 6.61 -11.95 3.33
N GLU A 202 5.56 -12.59 3.83
CA GLU A 202 5.20 -13.92 3.38
C GLU A 202 4.70 -13.86 1.94
N LYS A 203 3.84 -12.89 1.64
CA LYS A 203 3.33 -12.73 0.29
C LYS A 203 4.49 -12.46 -0.67
N PHE A 204 5.44 -11.65 -0.23
CA PHE A 204 6.62 -11.39 -1.05
C PHE A 204 7.40 -12.67 -1.34
N LEU A 205 7.68 -13.44 -0.29
CA LEU A 205 8.48 -14.65 -0.49
C LEU A 205 7.75 -15.67 -1.38
N ASN A 206 6.45 -15.84 -1.18
CA ASN A 206 5.65 -16.71 -2.05
C ASN A 206 5.67 -16.21 -3.47
N SER A 207 5.73 -14.89 -3.64
CA SER A 207 5.75 -14.31 -4.98
C SER A 207 7.05 -14.63 -5.69
N VAL A 208 8.16 -14.52 -4.94
CA VAL A 208 9.45 -14.93 -5.45
C VAL A 208 9.42 -16.38 -5.93
N ILE A 209 8.80 -17.24 -5.14
CA ILE A 209 8.74 -18.65 -5.45
C ILE A 209 7.92 -18.93 -6.72
N ILE A 210 6.72 -18.35 -6.79
CA ILE A 210 5.89 -18.46 -7.98
C ILE A 210 6.62 -17.95 -9.21
N SER A 211 7.32 -16.81 -9.07
CA SER A 211 8.06 -16.22 -10.17
C SER A 211 9.18 -17.15 -10.69
N CYS A 212 10.01 -17.64 -9.78
CA CYS A 212 11.10 -18.52 -10.16
C CYS A 212 10.61 -19.86 -10.70
N GLU A 213 9.44 -20.30 -10.24
CA GLU A 213 8.87 -21.53 -10.76
C GLU A 213 8.44 -21.29 -12.20
N ALA A 214 7.88 -20.11 -12.44
CA ALA A 214 7.52 -19.74 -13.80
C ALA A 214 8.77 -19.65 -14.68
N ALA A 215 9.89 -19.26 -14.09
CA ALA A 215 11.12 -19.17 -14.85
C ALA A 215 11.51 -20.57 -15.32
N ILE A 216 11.46 -21.53 -14.41
CA ILE A 216 11.78 -22.91 -14.72
C ILE A 216 10.90 -23.43 -15.84
N THR A 217 9.60 -23.15 -15.73
CA THR A 217 8.64 -23.52 -16.75
C THR A 217 9.03 -22.94 -18.10
N TYR A 218 9.47 -21.68 -18.10
CA TYR A 218 9.83 -20.99 -19.33
C TYR A 218 11.01 -21.67 -20.03
N VAL A 219 12.06 -21.95 -19.27
CA VAL A 219 13.22 -22.64 -19.83
C VAL A 219 12.84 -24.00 -20.43
N ASN A 220 12.00 -24.74 -19.72
CA ASN A 220 11.54 -26.04 -20.20
C ASN A 220 10.76 -25.99 -21.52
N ARG A 221 10.04 -24.90 -21.76
CA ARG A 221 9.34 -24.74 -23.02
C ARG A 221 10.32 -24.67 -24.20
N TYR A 222 11.50 -24.10 -23.96
CA TYR A 222 12.54 -24.08 -24.98
C TYR A 222 13.15 -25.47 -25.15
N ALA A 223 13.30 -26.18 -24.04
CA ALA A 223 13.76 -27.56 -24.10
C ALA A 223 12.87 -28.39 -25.04
N LYS A 224 11.57 -28.24 -24.87
CA LYS A 224 10.60 -28.96 -25.67
C LYS A 224 10.62 -28.53 -27.13
N LYS A 225 10.62 -27.23 -27.38
CA LYS A 225 10.61 -26.71 -28.75
C LYS A 225 11.84 -27.15 -29.53
N ALA A 226 13.00 -27.11 -28.87
CA ALA A 226 14.25 -27.55 -29.47
C ALA A 226 14.21 -28.99 -29.95
N LYS A 227 13.69 -29.90 -29.13
CA LYS A 227 13.53 -31.32 -29.49
C LYS A 227 12.63 -31.42 -30.70
N GLU A 228 11.53 -30.68 -30.63
CA GLU A 228 10.51 -30.70 -31.67
C GLU A 228 11.11 -30.25 -32.99
N ILE A 229 11.97 -29.23 -32.94
CA ILE A 229 12.62 -28.78 -34.15
C ILE A 229 13.65 -29.80 -34.61
N ALA A 230 14.40 -30.36 -33.65
CA ALA A 230 15.39 -31.39 -33.97
C ALA A 230 14.77 -32.56 -34.74
N ASP A 231 13.57 -32.98 -34.32
CA ASP A 231 12.87 -34.10 -34.95
C ASP A 231 12.46 -33.79 -36.39
N ASN A 232 12.49 -32.50 -36.76
CA ASN A 232 12.13 -32.07 -38.10
C ASN A 232 13.33 -31.48 -38.85
N THR A 233 14.53 -31.93 -38.51
CA THR A 233 15.74 -31.41 -39.15
C THR A 233 16.50 -32.54 -39.84
N SER A 234 16.75 -32.37 -41.14
CA SER A 234 17.48 -33.36 -41.92
C SER A 234 18.98 -33.33 -41.62
N ASP A 235 19.54 -32.13 -41.62
CA ASP A 235 20.98 -31.97 -41.42
C ASP A 235 21.44 -32.49 -40.07
N ALA A 236 22.30 -33.50 -40.09
CA ALA A 236 22.77 -34.17 -38.89
C ALA A 236 23.44 -33.23 -37.89
N LYS A 237 24.23 -32.29 -38.40
CA LYS A 237 24.96 -31.37 -37.54
C LYS A 237 23.99 -30.46 -36.78
N ARG A 238 23.09 -29.82 -37.51
CA ARG A 238 22.10 -28.94 -36.91
C ARG A 238 21.14 -29.71 -35.97
N LYS A 239 20.74 -30.91 -36.39
CA LYS A 239 19.89 -31.75 -35.54
C LYS A 239 20.56 -32.04 -34.19
N ALA A 240 21.88 -32.27 -34.22
CA ALA A 240 22.62 -32.51 -32.99
C ALA A 240 22.78 -31.25 -32.14
N GLU A 241 22.85 -30.09 -32.79
CA GLU A 241 22.91 -28.83 -32.06
C GLU A 241 21.62 -28.66 -31.27
N LEU A 242 20.49 -28.91 -31.95
CA LEU A 242 19.20 -28.70 -31.33
C LEU A 242 18.95 -29.67 -30.20
N ASN A 243 19.41 -30.92 -30.36
CA ASN A 243 19.32 -31.90 -29.29
C ASN A 243 20.14 -31.49 -28.07
N GLU A 244 21.28 -30.86 -28.33
CA GLU A 244 22.15 -30.41 -27.26
C GLU A 244 21.57 -29.17 -26.58
N ILE A 245 20.89 -28.33 -27.38
CA ILE A 245 20.14 -27.20 -26.84
C ILE A 245 19.05 -27.72 -25.91
N ALA A 246 18.31 -28.73 -26.38
CA ALA A 246 17.27 -29.33 -25.56
C ALA A 246 17.83 -29.86 -24.24
N LYS A 247 18.99 -30.52 -24.31
CA LYS A 247 19.60 -31.13 -23.14
C LYS A 247 20.00 -30.05 -22.14
N ILE A 248 20.58 -28.98 -22.67
CA ILE A 248 21.09 -27.89 -21.85
C ILE A 248 19.97 -27.13 -21.16
N CYS A 249 18.90 -26.86 -21.90
CA CYS A 249 17.78 -26.14 -21.33
C CYS A 249 17.12 -26.97 -20.23
N SER A 250 16.98 -28.27 -20.46
CA SER A 250 16.43 -29.14 -19.43
C SER A 250 17.24 -29.10 -18.14
N LYS A 251 18.58 -29.08 -18.26
CA LYS A 251 19.40 -28.98 -17.06
C LYS A 251 19.33 -27.61 -16.36
N VAL A 252 19.49 -26.51 -17.10
CA VAL A 252 19.52 -25.20 -16.46
C VAL A 252 18.13 -24.63 -16.17
N SER A 253 17.09 -25.40 -16.50
CA SER A 253 15.72 -24.98 -16.18
C SER A 253 15.56 -24.68 -14.70
N GLY A 254 16.20 -25.47 -13.85
CA GLY A 254 16.23 -25.14 -12.43
C GLY A 254 17.56 -25.31 -11.74
N GLU A 255 18.46 -26.11 -12.32
CA GLU A 255 19.77 -26.31 -11.71
C GLU A 255 20.72 -25.20 -12.09
N GLY A 256 21.80 -25.08 -11.32
CA GLY A 256 22.89 -24.17 -11.66
C GLY A 256 23.73 -24.74 -12.79
N ALA A 257 24.51 -23.90 -13.44
CA ALA A 257 25.34 -24.35 -14.55
C ALA A 257 26.59 -25.06 -14.08
N LYS A 258 27.06 -26.00 -14.88
CA LYS A 258 28.37 -26.60 -14.64
C LYS A 258 29.31 -26.33 -15.82
N SER A 259 28.89 -26.64 -17.03
CA SER A 259 29.73 -26.39 -18.19
C SER A 259 29.62 -24.93 -18.67
N PHE A 260 30.48 -24.55 -19.59
CA PHE A 260 30.48 -23.19 -20.08
C PHE A 260 29.22 -22.88 -20.92
N TYR A 261 28.86 -23.82 -21.79
CA TYR A 261 27.66 -23.72 -22.61
C TYR A 261 26.44 -23.59 -21.70
N GLU A 262 26.40 -24.37 -20.62
CA GLU A 262 25.33 -24.23 -19.65
C GLU A 262 25.27 -22.85 -19.02
N ALA A 263 26.44 -22.29 -18.69
CA ALA A 263 26.52 -20.96 -18.11
C ALA A 263 25.98 -19.90 -19.07
N CYS A 264 26.45 -19.96 -20.32
CA CYS A 264 25.99 -19.03 -21.36
C CYS A 264 24.46 -19.06 -21.57
N GLN A 265 23.88 -20.26 -21.66
CA GLN A 265 22.43 -20.38 -21.85
C GLN A 265 21.62 -19.94 -20.63
N LEU A 266 22.10 -20.26 -19.44
CA LEU A 266 21.41 -19.85 -18.21
C LEU A 266 21.55 -18.34 -18.03
N PHE A 267 22.73 -17.84 -18.36
CA PHE A 267 22.96 -16.41 -18.32
C PHE A 267 21.89 -15.69 -19.12
N TRP A 268 21.73 -16.13 -20.36
CA TRP A 268 20.80 -15.47 -21.25
C TRP A 268 19.33 -15.59 -20.79
N PHE A 269 18.99 -16.71 -20.16
CA PHE A 269 17.64 -16.90 -19.65
C PHE A 269 17.35 -15.98 -18.47
N ILE A 270 18.32 -15.86 -17.57
CA ILE A 270 18.21 -14.88 -16.49
C ILE A 270 17.97 -13.48 -17.05
N HIS A 271 18.85 -13.09 -17.97
CA HIS A 271 18.78 -11.79 -18.63
C HIS A 271 17.46 -11.61 -19.40
N ALA A 272 17.12 -12.61 -20.20
CA ALA A 272 15.89 -12.53 -20.97
C ALA A 272 14.66 -12.37 -20.08
N ILE A 273 14.53 -13.21 -19.04
CA ILE A 273 13.31 -13.21 -18.24
C ILE A 273 13.13 -11.90 -17.49
N ILE A 274 14.24 -11.29 -17.08
CA ILE A 274 14.19 -9.96 -16.48
C ILE A 274 13.43 -9.00 -17.41
N ASN A 275 13.78 -9.09 -18.69
CA ASN A 275 13.21 -8.22 -19.73
C ASN A 275 11.79 -8.59 -20.13
N ILE A 276 11.26 -9.66 -19.54
CA ILE A 276 9.85 -10.04 -19.73
C ILE A 276 9.00 -9.50 -18.59
N GLU A 277 9.55 -9.54 -17.38
CA GLU A 277 8.85 -9.01 -16.21
C GLU A 277 8.68 -7.52 -16.33
N SER A 278 9.73 -6.84 -16.76
CA SER A 278 9.68 -5.39 -16.90
C SER A 278 10.52 -4.92 -18.08
N ASN A 279 10.18 -3.74 -18.60
CA ASN A 279 10.94 -3.18 -19.71
C ASN A 279 11.84 -2.02 -19.28
N GLY A 280 12.14 -1.96 -17.99
CA GLY A 280 13.17 -1.07 -17.53
C GLY A 280 14.41 -1.45 -18.32
N HIS A 281 15.08 -0.47 -18.92
CA HIS A 281 16.27 -0.78 -19.71
C HIS A 281 17.53 -0.61 -18.84
N SER A 282 18.72 -0.57 -19.46
CA SER A 282 19.96 -0.60 -18.71
C SER A 282 20.07 -1.83 -17.81
N ILE A 283 19.44 -2.92 -18.24
CA ILE A 283 19.69 -4.23 -17.61
C ILE A 283 21.11 -4.61 -18.01
N SER A 284 22.05 -4.46 -17.09
CA SER A 284 23.46 -4.53 -17.45
C SER A 284 24.16 -5.73 -16.89
N PRO A 285 24.72 -6.56 -17.78
CA PRO A 285 25.52 -7.72 -17.38
C PRO A 285 26.70 -7.40 -16.45
N ALA A 286 27.28 -6.19 -16.56
CA ALA A 286 28.43 -5.81 -15.74
C ALA A 286 29.66 -6.71 -15.91
N ARG A 287 30.21 -7.22 -14.80
CA ARG A 287 31.51 -7.90 -14.87
C ARG A 287 31.42 -9.34 -15.38
N PHE A 288 30.90 -9.48 -16.60
CA PHE A 288 30.72 -10.76 -17.28
C PHE A 288 32.00 -11.59 -17.25
N ASP A 289 33.15 -10.95 -17.40
CA ASP A 289 34.41 -11.69 -17.37
C ASP A 289 34.67 -12.31 -15.99
N GLN A 290 34.25 -11.62 -14.94
CA GLN A 290 34.49 -12.11 -13.59
C GLN A 290 33.64 -13.34 -13.23
N TYR A 291 32.34 -13.32 -13.54
CA TYR A 291 31.52 -14.46 -13.14
C TYR A 291 31.43 -15.58 -14.18
N MET A 292 31.75 -15.28 -15.44
CA MET A 292 31.73 -16.30 -16.48
C MET A 292 33.06 -17.04 -16.60
N TYR A 293 34.16 -16.39 -16.21
CA TYR A 293 35.46 -17.04 -16.35
C TYR A 293 35.65 -18.37 -15.60
N PRO A 294 35.16 -18.46 -14.35
CA PRO A 294 35.27 -19.76 -13.68
C PRO A 294 34.64 -20.90 -14.49
N TYR A 295 33.49 -20.67 -15.11
CA TYR A 295 32.84 -21.71 -15.90
C TYR A 295 33.67 -22.06 -17.13
N TYR A 296 34.27 -21.04 -17.75
CA TYR A 296 35.21 -21.28 -18.83
C TYR A 296 36.39 -22.14 -18.38
N GLU A 297 37.10 -21.71 -17.35
CA GLU A 297 38.32 -22.39 -16.91
C GLU A 297 38.10 -23.81 -16.38
N ASN A 298 36.95 -24.05 -15.77
CA ASN A 298 36.64 -25.38 -15.25
C ASN A 298 36.14 -26.34 -16.32
N ASP A 299 35.75 -25.81 -17.47
CA ASP A 299 35.28 -26.63 -18.58
C ASP A 299 36.47 -27.17 -19.33
N LYS A 300 36.75 -28.46 -19.14
CA LYS A 300 37.97 -29.04 -19.69
C LYS A 300 37.74 -29.78 -21.01
N ASN A 301 36.62 -29.51 -21.67
CA ASN A 301 36.35 -30.09 -22.99
C ASN A 301 36.22 -29.07 -24.09
N ILE A 302 35.56 -27.97 -23.76
CA ILE A 302 35.25 -26.95 -24.74
C ILE A 302 36.54 -26.38 -25.33
N THR A 303 36.50 -26.05 -26.61
CA THR A 303 37.64 -25.42 -27.27
C THR A 303 37.47 -23.92 -27.20
N ASP A 304 38.58 -23.19 -27.23
CA ASP A 304 38.53 -21.74 -27.25
C ASP A 304 37.64 -21.20 -28.38
N LYS A 305 37.69 -21.88 -29.53
CA LYS A 305 36.90 -21.46 -30.69
C LYS A 305 35.39 -21.50 -30.42
N PHE A 306 34.95 -22.57 -29.77
CA PHE A 306 33.53 -22.75 -29.47
C PHE A 306 33.10 -21.85 -28.31
N ALA A 307 33.97 -21.72 -27.32
CA ALA A 307 33.75 -20.77 -26.23
C ALA A 307 33.51 -19.37 -26.80
N GLN A 308 34.33 -18.98 -27.78
CA GLN A 308 34.18 -17.68 -28.42
C GLN A 308 32.90 -17.59 -29.23
N GLU A 309 32.58 -18.63 -29.98
CA GLU A 309 31.35 -18.65 -30.77
C GLU A 309 30.12 -18.48 -29.86
N LEU A 310 30.11 -19.21 -28.74
CA LEU A 310 29.04 -19.08 -27.76
C LEU A 310 28.93 -17.66 -27.25
N ILE A 311 30.08 -17.04 -26.97
CA ILE A 311 30.09 -15.65 -26.52
C ILE A 311 29.54 -14.74 -27.61
N ASP A 312 29.94 -14.98 -28.86
CA ASP A 312 29.42 -14.20 -29.98
C ASP A 312 27.90 -14.36 -30.10
N CYS A 313 27.39 -15.55 -29.81
CA CYS A 313 25.94 -15.78 -29.84
C CYS A 313 25.23 -14.95 -28.78
N ILE A 314 25.84 -14.84 -27.59
CA ILE A 314 25.27 -14.01 -26.53
C ILE A 314 25.23 -12.55 -26.97
N TRP A 315 26.35 -12.07 -27.51
CA TRP A 315 26.44 -10.75 -28.11
C TRP A 315 25.27 -10.48 -29.06
N ILE A 316 25.03 -11.43 -29.96
CA ILE A 316 23.97 -11.28 -30.94
C ILE A 316 22.58 -11.24 -30.28
N LYS A 317 22.37 -12.11 -29.30
CA LYS A 317 21.10 -12.13 -28.54
C LYS A 317 20.84 -10.81 -27.82
N LEU A 318 21.89 -10.23 -27.24
CA LEU A 318 21.77 -8.92 -26.59
C LEU A 318 21.26 -7.84 -27.55
N ASN A 319 21.40 -8.07 -28.85
CA ASN A 319 20.88 -7.14 -29.84
C ASN A 319 19.46 -7.52 -30.29
N ASP A 320 18.93 -8.60 -29.76
CA ASP A 320 17.59 -9.05 -30.16
C ASP A 320 16.50 -8.32 -29.39
N ILE A 321 16.85 -7.86 -28.19
CA ILE A 321 15.91 -7.12 -27.35
C ILE A 321 15.72 -5.69 -27.85
N ASN A 322 14.48 -5.22 -27.82
CA ASN A 322 14.15 -3.86 -28.22
C ASN A 322 12.96 -3.38 -27.39
N LYS A 323 12.66 -2.09 -27.47
CA LYS A 323 11.74 -1.47 -26.55
C LYS A 323 11.14 -0.25 -27.21
N VAL A 324 9.85 -0.27 -27.49
CA VAL A 324 9.25 0.89 -28.13
C VAL A 324 8.94 1.95 -27.08
N ARG A 325 9.15 3.21 -27.42
CA ARG A 325 8.93 4.30 -26.49
C ARG A 325 8.06 5.33 -27.21
N ASP A 326 7.43 6.21 -26.44
CA ASP A 326 6.67 7.29 -27.05
C ASP A 326 7.58 8.19 -27.91
N GLU A 327 6.96 8.95 -28.82
CA GLU A 327 7.72 9.73 -29.78
C GLU A 327 8.58 10.82 -29.13
N ILE A 328 8.14 11.33 -27.98
CA ILE A 328 8.97 12.28 -27.26
C ILE A 328 10.16 11.60 -26.56
N SER A 329 9.90 10.52 -25.83
CA SER A 329 10.94 9.84 -25.08
C SER A 329 11.96 9.25 -26.05
N THR A 330 11.47 8.85 -27.20
CA THR A 330 12.33 8.27 -28.22
C THR A 330 13.46 9.23 -28.59
N LYS A 331 13.23 10.54 -28.45
CA LYS A 331 14.27 11.54 -28.70
C LYS A 331 15.37 11.48 -27.64
N HIS A 332 15.00 11.10 -26.41
CA HIS A 332 15.92 10.96 -25.29
C HIS A 332 16.81 9.74 -25.46
N PHE A 333 16.27 8.72 -26.13
CA PHE A 333 16.95 7.43 -26.24
C PHE A 333 16.88 6.97 -27.70
N GLY A 334 17.64 7.61 -28.59
CA GLY A 334 17.59 7.29 -30.00
C GLY A 334 18.45 6.11 -30.40
N GLY A 335 18.02 5.40 -31.44
CA GLY A 335 18.78 4.31 -32.02
C GLY A 335 18.47 2.93 -31.47
N TYR A 336 17.21 2.72 -31.07
CA TYR A 336 16.75 1.44 -30.50
C TYR A 336 17.56 0.93 -29.31
N PRO A 337 17.98 1.84 -28.40
CA PRO A 337 18.98 1.43 -27.41
C PRO A 337 18.40 0.72 -26.18
N MET A 338 19.10 -0.29 -25.71
CA MET A 338 18.73 -1.00 -24.50
C MET A 338 19.72 -0.72 -23.38
N TYR A 339 20.91 -0.19 -23.74
CA TYR A 339 21.95 0.20 -22.77
C TYR A 339 22.41 -0.93 -21.84
N GLN A 340 22.57 -2.13 -22.40
CA GLN A 340 23.04 -3.26 -21.62
C GLN A 340 24.58 -3.23 -21.48
N ASN A 341 25.05 -2.68 -20.36
CA ASN A 341 26.47 -2.46 -20.19
C ASN A 341 27.22 -3.69 -19.69
N LEU A 342 28.34 -3.99 -20.33
CA LEU A 342 29.10 -5.17 -20.01
C LEU A 342 30.53 -4.75 -19.88
N ILE A 343 31.15 -5.05 -18.74
CA ILE A 343 32.49 -4.52 -18.46
C ILE A 343 33.51 -5.64 -18.22
N VAL A 344 34.75 -5.42 -18.65
CA VAL A 344 35.81 -6.39 -18.43
C VAL A 344 37.06 -5.74 -17.85
N GLY A 345 37.90 -6.57 -17.24
CA GLY A 345 39.11 -6.10 -16.57
C GLY A 345 38.80 -5.38 -15.28
N GLY A 346 39.80 -4.69 -14.75
CA GLY A 346 39.69 -4.02 -13.47
C GLY A 346 40.39 -4.80 -12.38
N GLN A 347 40.06 -4.51 -11.14
CA GLN A 347 40.69 -5.20 -10.04
C GLN A 347 39.67 -6.03 -9.27
N ASN A 348 40.16 -6.94 -8.42
CA ASN A 348 39.28 -7.72 -7.56
C ASN A 348 39.08 -7.05 -6.20
N SER A 349 38.45 -7.81 -5.31
CA SER A 349 38.09 -7.30 -3.99
C SER A 349 39.31 -6.91 -3.16
N GLU A 350 40.42 -7.60 -3.38
CA GLU A 350 41.63 -7.34 -2.60
C GLU A 350 42.61 -6.40 -3.33
N GLY A 351 42.14 -5.75 -4.38
CA GLY A 351 42.95 -4.77 -5.09
C GLY A 351 44.06 -5.34 -5.95
N LYS A 352 43.87 -6.56 -6.46
CA LYS A 352 44.80 -7.10 -7.44
C LYS A 352 44.13 -7.11 -8.81
N ASP A 353 44.93 -7.18 -9.87
CA ASP A 353 44.34 -7.14 -11.19
C ASP A 353 43.48 -8.37 -11.48
N ALA A 354 42.43 -8.19 -12.28
CA ALA A 354 41.47 -9.28 -12.51
C ALA A 354 41.27 -9.60 -13.98
N THR A 355 42.19 -9.17 -14.84
CA THR A 355 42.11 -9.50 -16.25
C THR A 355 42.16 -11.02 -16.41
N ASN A 356 41.23 -11.58 -17.18
CA ASN A 356 41.28 -13.01 -17.47
C ASN A 356 40.99 -13.28 -18.95
N LYS A 357 41.08 -14.54 -19.36
CA LYS A 357 40.84 -14.91 -20.75
C LYS A 357 39.48 -14.41 -21.29
N VAL A 358 38.44 -14.50 -20.46
CA VAL A 358 37.11 -14.05 -20.89
C VAL A 358 37.12 -12.55 -21.13
N SER A 359 37.93 -11.81 -20.37
CA SER A 359 38.10 -10.37 -20.63
C SER A 359 38.44 -10.12 -22.10
N TYR A 360 39.45 -10.85 -22.60
CA TYR A 360 39.87 -10.73 -24.00
C TYR A 360 38.84 -11.27 -25.02
N MET A 361 38.15 -12.35 -24.69
CA MET A 361 37.14 -12.91 -25.58
C MET A 361 35.97 -11.95 -25.76
N ALA A 362 35.77 -11.11 -24.75
CA ALA A 362 34.72 -10.11 -24.80
C ALA A 362 35.09 -9.08 -25.84
N LEU A 363 36.33 -8.62 -25.78
CA LEU A 363 36.83 -7.65 -26.75
C LEU A 363 36.78 -8.25 -28.16
N GLU A 364 37.19 -9.51 -28.28
CA GLU A 364 37.13 -10.22 -29.56
C GLU A 364 35.71 -10.24 -30.11
N ALA A 365 34.72 -10.48 -29.24
CA ALA A 365 33.33 -10.61 -29.65
C ALA A 365 32.80 -9.34 -30.27
N ALA A 366 33.31 -8.21 -29.81
CA ALA A 366 32.89 -6.92 -30.35
C ALA A 366 33.23 -6.84 -31.84
N VAL A 367 34.40 -7.34 -32.21
CA VAL A 367 34.85 -7.29 -33.60
C VAL A 367 34.22 -8.41 -34.45
N HIS A 368 33.97 -9.55 -33.82
CA HIS A 368 33.27 -10.65 -34.46
C HIS A 368 31.86 -10.27 -34.90
N VAL A 369 31.17 -9.52 -34.05
CA VAL A 369 29.75 -9.22 -34.25
C VAL A 369 29.45 -7.82 -34.78
N LYS A 370 30.16 -6.81 -34.28
CA LYS A 370 30.02 -5.42 -34.76
C LYS A 370 28.58 -4.94 -34.78
N LEU A 371 27.86 -5.20 -33.71
CA LEU A 371 26.50 -4.67 -33.52
C LEU A 371 26.52 -3.64 -32.39
N PRO A 372 25.42 -2.88 -32.22
CA PRO A 372 25.41 -1.85 -31.16
C PRO A 372 25.46 -2.39 -29.72
N GLN A 373 24.84 -3.54 -29.47
CA GLN A 373 24.87 -4.16 -28.16
C GLN A 373 25.86 -5.32 -28.17
N PRO A 374 26.40 -5.67 -27.01
CA PRO A 374 26.23 -4.96 -25.75
C PRO A 374 27.13 -3.72 -25.67
N SER A 375 26.75 -2.80 -24.79
CA SER A 375 27.57 -1.61 -24.54
C SER A 375 28.85 -2.03 -23.79
N LEU A 376 29.85 -2.47 -24.55
CA LEU A 376 31.08 -3.05 -23.99
C LEU A 376 32.01 -1.98 -23.39
N SER A 377 32.59 -2.30 -22.25
CA SER A 377 33.37 -1.34 -21.45
C SER A 377 34.58 -2.02 -20.85
N VAL A 378 35.59 -1.23 -20.48
CA VAL A 378 36.74 -1.78 -19.78
C VAL A 378 37.03 -0.95 -18.53
N ARG A 379 37.42 -1.62 -17.46
CA ARG A 379 37.87 -0.90 -16.29
C ARG A 379 39.37 -0.65 -16.42
N ILE A 380 39.79 0.55 -16.04
CA ILE A 380 41.20 0.91 -16.09
C ILE A 380 41.64 1.31 -14.69
N TRP A 381 42.83 0.89 -14.29
CA TRP A 381 43.42 1.37 -13.04
C TRP A 381 44.94 1.45 -13.10
N ASN A 382 45.54 1.80 -11.97
CA ASN A 382 47.00 2.03 -11.92
C ASN A 382 47.83 0.86 -12.42
N LYS A 383 47.35 -0.36 -12.20
CA LYS A 383 48.12 -1.52 -12.57
C LYS A 383 47.48 -2.33 -13.68
N THR A 384 46.66 -1.65 -14.49
CA THR A 384 46.09 -2.28 -15.68
C THR A 384 47.24 -2.78 -16.54
N PRO A 385 47.18 -4.06 -16.94
CA PRO A 385 48.21 -4.64 -17.82
C PRO A 385 48.27 -3.93 -19.17
N ASP A 386 49.47 -3.49 -19.55
CA ASP A 386 49.71 -2.77 -20.81
C ASP A 386 49.08 -3.44 -22.02
N GLU A 387 49.17 -4.76 -22.09
CA GLU A 387 48.60 -5.46 -23.23
C GLU A 387 47.08 -5.41 -23.23
N PHE A 388 46.48 -5.32 -22.05
CA PHE A 388 45.02 -5.20 -21.95
C PHE A 388 44.55 -3.85 -22.48
N LEU A 389 45.16 -2.77 -22.01
CA LEU A 389 44.85 -1.44 -22.49
C LEU A 389 45.14 -1.31 -24.00
N LEU A 390 46.24 -1.91 -24.46
CA LEU A 390 46.51 -1.88 -25.90
C LEU A 390 45.48 -2.69 -26.69
N ARG A 391 45.05 -3.82 -26.14
CA ARG A 391 44.00 -4.58 -26.80
C ARG A 391 42.71 -3.76 -26.88
N ALA A 392 42.39 -3.02 -25.82
CA ALA A 392 41.22 -2.14 -25.84
C ALA A 392 41.38 -1.01 -26.89
N ALA A 393 42.56 -0.41 -26.93
CA ALA A 393 42.84 0.60 -27.95
C ALA A 393 42.67 0.02 -29.36
N GLU A 394 43.08 -1.22 -29.56
CA GLU A 394 42.93 -1.85 -30.85
C GLU A 394 41.45 -1.99 -31.21
N LEU A 395 40.61 -2.25 -30.20
CA LEU A 395 39.18 -2.34 -30.43
C LEU A 395 38.66 -0.97 -30.83
N THR A 396 39.14 0.06 -30.15
CA THR A 396 38.78 1.44 -30.50
C THR A 396 39.07 1.76 -31.95
N ARG A 397 40.19 1.24 -32.46
CA ARG A 397 40.59 1.54 -33.83
C ARG A 397 39.59 0.98 -34.83
N GLU A 398 38.88 -0.08 -34.44
CA GLU A 398 37.87 -0.68 -35.32
C GLU A 398 36.72 0.26 -35.64
N GLY A 399 36.57 1.33 -34.86
CA GLY A 399 35.59 2.36 -35.16
C GLY A 399 34.15 2.02 -34.82
N LEU A 400 33.96 1.12 -33.86
CA LEU A 400 32.62 0.75 -33.43
C LEU A 400 32.11 1.67 -32.32
N GLY A 401 32.99 2.52 -31.80
CA GLY A 401 32.67 3.35 -30.66
C GLY A 401 33.07 2.65 -29.37
N LEU A 402 33.53 1.42 -29.51
CA LEU A 402 33.85 0.58 -28.35
C LEU A 402 35.35 0.59 -28.09
N PRO A 403 35.76 0.31 -26.84
CA PRO A 403 34.90 0.19 -25.67
C PRO A 403 34.84 1.54 -24.97
N ALA A 404 33.92 1.71 -24.04
CA ALA A 404 33.98 2.84 -23.12
C ALA A 404 35.00 2.53 -22.02
N TYR A 405 35.78 3.54 -21.61
CA TYR A 405 36.82 3.39 -20.61
C TYR A 405 36.39 4.03 -19.30
N TYR A 406 36.60 3.32 -18.20
CA TYR A 406 36.19 3.77 -16.86
C TYR A 406 37.33 3.75 -15.86
N ASN A 407 37.45 4.83 -15.09
CA ASN A 407 38.55 5.02 -14.14
C ASN A 407 38.30 4.46 -12.73
N ASP A 408 38.85 3.29 -12.44
CA ASP A 408 38.82 2.72 -11.09
C ASP A 408 39.31 3.69 -10.01
N GLU A 409 40.37 4.42 -10.36
CA GLU A 409 41.03 5.29 -9.39
C GLU A 409 40.10 6.38 -8.85
N VAL A 410 39.11 6.78 -9.64
CA VAL A 410 38.13 7.76 -9.20
C VAL A 410 36.87 7.10 -8.67
N ILE A 411 36.37 6.13 -9.42
CA ILE A 411 35.08 5.50 -9.15
C ILE A 411 35.06 4.80 -7.79
N ILE A 412 36.12 4.07 -7.49
CA ILE A 412 36.21 3.38 -6.21
C ILE A 412 36.07 4.33 -5.00
N PRO A 413 36.90 5.38 -4.90
CA PRO A 413 36.71 6.29 -3.77
C PRO A 413 35.34 6.96 -3.77
N ALA A 414 34.84 7.32 -4.95
CA ALA A 414 33.54 7.97 -5.05
C ALA A 414 32.45 7.07 -4.48
N LEU A 415 32.55 5.78 -4.73
CA LEU A 415 31.56 4.82 -4.26
C LEU A 415 31.63 4.60 -2.75
N VAL A 416 32.85 4.48 -2.21
CA VAL A 416 33.05 4.30 -0.78
C VAL A 416 32.51 5.51 -0.04
N SER A 417 32.72 6.68 -0.63
CA SER A 417 32.16 7.93 -0.17
C SER A 417 30.64 7.84 0.01
N ARG A 418 30.01 7.08 -0.87
CA ARG A 418 28.56 6.99 -0.92
C ARG A 418 28.03 5.87 -0.02
N GLY A 419 28.94 5.20 0.70
CA GLY A 419 28.54 4.22 1.69
C GLY A 419 28.83 2.77 1.35
N LEU A 420 29.41 2.51 0.18
CA LEU A 420 29.81 1.15 -0.15
C LEU A 420 31.08 0.78 0.63
N THR A 421 31.22 -0.49 1.00
CA THR A 421 32.48 -0.95 1.58
C THR A 421 33.59 -0.88 0.51
N LEU A 422 34.85 -0.90 0.93
CA LEU A 422 35.95 -0.90 -0.02
C LEU A 422 35.86 -2.12 -0.95
N GLU A 423 35.52 -3.27 -0.38
CA GLU A 423 35.38 -4.50 -1.17
C GLU A 423 34.27 -4.41 -2.20
N ASP A 424 33.10 -3.90 -1.81
CA ASP A 424 32.00 -3.73 -2.74
C ASP A 424 32.37 -2.74 -3.83
N ALA A 425 32.94 -1.60 -3.46
CA ALA A 425 33.37 -0.60 -4.44
C ALA A 425 34.37 -1.13 -5.47
N ARG A 426 35.34 -1.94 -5.03
CA ARG A 426 36.33 -2.51 -5.94
C ARG A 426 35.71 -3.42 -6.99
N ASP A 427 34.53 -3.96 -6.66
CA ASP A 427 33.85 -4.92 -7.51
C ASP A 427 32.79 -4.24 -8.38
N TYR A 428 32.86 -2.93 -8.53
CA TYR A 428 31.83 -2.23 -9.27
C TYR A 428 31.75 -2.67 -10.72
N GLY A 429 30.55 -2.55 -11.29
CA GLY A 429 30.35 -2.64 -12.72
C GLY A 429 29.64 -1.39 -13.17
N ILE A 430 29.42 -1.27 -14.48
CA ILE A 430 28.71 -0.11 -15.02
C ILE A 430 27.26 -0.43 -15.41
N ILE A 431 26.37 0.47 -15.04
CA ILE A 431 24.97 0.38 -15.42
C ILE A 431 24.69 1.35 -16.57
N GLY A 432 23.93 0.91 -17.56
CA GLY A 432 23.52 1.78 -18.66
C GLY A 432 24.67 2.44 -19.41
N CYS A 433 24.81 3.75 -19.26
CA CYS A 433 25.88 4.47 -19.95
C CYS A 433 27.18 4.57 -19.15
N VAL A 434 27.11 5.12 -17.94
CA VAL A 434 28.31 5.43 -17.14
C VAL A 434 28.04 5.30 -15.64
N GLU A 435 26.95 4.64 -15.26
CA GLU A 435 26.54 4.63 -13.87
C GLU A 435 27.07 3.42 -13.08
N PRO A 436 27.96 3.68 -12.11
CA PRO A 436 28.61 2.63 -11.33
C PRO A 436 27.80 2.11 -10.13
N GLN A 437 27.84 0.80 -9.93
CA GLN A 437 27.21 0.19 -8.76
C GLN A 437 27.89 -1.13 -8.41
N LYS A 438 27.70 -1.56 -7.18
CA LYS A 438 28.01 -2.92 -6.76
C LYS A 438 26.88 -3.80 -7.25
N PRO A 439 27.14 -4.64 -8.26
CA PRO A 439 26.08 -5.50 -8.78
C PRO A 439 25.62 -6.51 -7.74
N GLY A 440 24.37 -6.95 -7.83
CA GLY A 440 23.81 -7.93 -6.94
C GLY A 440 23.41 -7.33 -5.60
N LYS A 441 23.60 -6.02 -5.42
CA LYS A 441 23.32 -5.44 -4.11
C LYS A 441 22.61 -4.08 -4.14
N THR A 442 22.25 -3.61 -5.32
CA THR A 442 21.85 -2.21 -5.49
C THR A 442 20.54 -2.03 -6.21
N GLU A 443 19.71 -1.13 -5.69
CA GLU A 443 18.64 -0.50 -6.45
C GLU A 443 19.07 0.94 -6.64
N GLY A 444 19.63 1.25 -7.81
CA GLY A 444 20.31 2.52 -8.00
C GLY A 444 19.50 3.64 -8.63
N TRP A 445 18.44 3.31 -9.37
CA TRP A 445 17.65 4.32 -10.10
C TRP A 445 18.54 5.24 -10.96
N HIS A 446 19.48 4.62 -11.68
CA HIS A 446 20.62 5.33 -12.24
C HIS A 446 20.32 6.30 -13.40
N ASP A 447 19.06 6.40 -13.83
CA ASP A 447 18.70 7.42 -14.82
C ASP A 447 17.27 7.87 -14.54
N SER A 448 17.09 8.49 -13.38
CA SER A 448 15.77 8.82 -12.87
C SER A 448 15.23 10.09 -13.51
N ALA A 449 16.11 10.87 -14.13
CA ALA A 449 15.71 12.12 -14.76
C ALA A 449 16.84 12.70 -15.61
N PHE A 450 16.48 13.51 -16.61
CA PHE A 450 17.45 14.38 -17.29
C PHE A 450 17.07 15.83 -17.00
N PHE A 451 18.07 16.64 -16.70
CA PHE A 451 17.85 18.00 -16.21
C PHE A 451 18.60 18.94 -17.12
N ASN A 452 17.92 19.97 -17.61
CA ASN A 452 18.53 20.91 -18.54
C ASN A 452 19.21 22.10 -17.84
N LEU A 453 20.54 22.02 -17.73
CA LEU A 453 21.34 23.08 -17.11
C LEU A 453 21.30 24.40 -17.89
N ALA A 454 21.34 24.31 -19.23
CA ALA A 454 21.24 25.49 -20.06
C ALA A 454 19.96 26.29 -19.76
N ARG A 455 18.84 25.60 -19.55
CA ARG A 455 17.58 26.28 -19.25
C ARG A 455 17.68 27.07 -17.96
N ILE A 456 18.47 26.58 -17.01
CA ILE A 456 18.63 27.30 -15.74
C ILE A 456 19.33 28.64 -15.97
N VAL A 457 20.34 28.63 -16.83
CA VAL A 457 21.04 29.87 -17.18
C VAL A 457 20.07 30.82 -17.88
N GLU A 458 19.23 30.28 -18.76
CA GLU A 458 18.24 31.08 -19.48
C GLU A 458 17.26 31.73 -18.52
N LEU A 459 16.88 30.99 -17.47
CA LEU A 459 15.91 31.46 -16.49
C LEU A 459 16.53 32.37 -15.45
N THR A 460 17.85 32.33 -15.32
CA THR A 460 18.54 33.23 -14.41
C THR A 460 18.50 34.59 -15.07
N ILE A 461 18.92 34.63 -16.33
CA ILE A 461 18.84 35.84 -17.11
C ILE A 461 17.41 36.40 -17.22
N ASN A 462 16.42 35.53 -17.38
CA ASN A 462 15.03 35.98 -17.48
C ASN A 462 14.24 35.98 -16.15
N SER A 463 14.95 35.87 -15.02
CA SER A 463 14.31 35.89 -13.69
C SER A 463 13.15 34.91 -13.52
N GLY A 464 13.30 33.69 -14.01
CA GLY A 464 12.27 32.68 -13.84
C GLY A 464 11.04 32.88 -14.71
N PHE A 465 11.15 33.79 -15.68
CA PHE A 465 10.03 34.10 -16.57
C PHE A 465 10.27 33.45 -17.93
N ASP A 466 9.27 32.74 -18.44
CA ASP A 466 9.44 31.96 -19.66
C ASP A 466 8.10 31.80 -20.34
N LYS A 467 8.05 32.17 -21.61
CA LYS A 467 6.84 32.08 -22.41
C LYS A 467 5.66 32.78 -21.73
N ASN A 468 5.91 33.99 -21.26
CA ASN A 468 4.91 34.80 -20.57
C ASN A 468 4.32 34.20 -19.30
N LYS A 469 5.01 33.20 -18.74
CA LYS A 469 4.64 32.68 -17.45
C LYS A 469 5.82 32.65 -16.49
N GLN A 470 5.56 33.05 -15.26
CA GLN A 470 6.54 32.91 -14.20
C GLN A 470 6.60 31.43 -13.82
N ILE A 471 7.52 30.67 -14.43
CA ILE A 471 7.63 29.23 -14.14
C ILE A 471 8.65 28.92 -13.03
N GLY A 472 9.61 29.82 -12.82
CA GLY A 472 10.59 29.65 -11.76
C GLY A 472 10.43 30.71 -10.69
N PRO A 473 11.27 30.66 -9.64
CA PRO A 473 11.24 31.71 -8.62
C PRO A 473 11.46 33.07 -9.27
N LYS A 474 10.94 34.12 -8.66
CA LYS A 474 11.21 35.46 -9.15
C LYS A 474 12.51 35.97 -8.53
N THR A 475 13.64 35.52 -9.09
CA THR A 475 14.95 35.93 -8.63
C THR A 475 15.23 37.35 -9.12
N GLN A 476 16.30 37.95 -8.61
CA GLN A 476 16.65 39.34 -8.94
C GLN A 476 16.63 39.64 -10.45
N ASN A 477 16.06 40.79 -10.82
CA ASN A 477 16.13 41.25 -12.21
C ASN A 477 17.57 41.37 -12.67
N PHE A 478 17.87 40.70 -13.77
CA PHE A 478 19.22 40.65 -14.30
C PHE A 478 19.71 42.06 -14.63
N GLU A 479 18.79 42.89 -15.11
CA GLU A 479 19.06 44.29 -15.44
C GLU A 479 19.68 45.08 -14.30
N GLU A 480 19.32 44.74 -13.07
CA GLU A 480 19.75 45.51 -11.90
C GLU A 480 21.02 44.94 -11.27
N MET A 481 21.49 43.80 -11.77
CA MET A 481 22.65 43.15 -11.18
C MET A 481 23.91 43.94 -11.48
N LYS A 482 24.72 44.11 -10.45
CA LYS A 482 25.93 44.91 -10.56
C LYS A 482 27.19 44.07 -10.41
N SER A 483 27.04 42.82 -9.98
CA SER A 483 28.18 41.92 -9.84
C SER A 483 27.85 40.51 -10.34
N PHE A 484 28.90 39.77 -10.69
CA PHE A 484 28.75 38.38 -11.10
C PHE A 484 28.26 37.52 -9.94
N ASP A 485 28.63 37.89 -8.72
CA ASP A 485 28.16 37.19 -7.54
C ASP A 485 26.64 37.18 -7.43
N GLU A 486 26.01 38.30 -7.75
CA GLU A 486 24.54 38.38 -7.75
C GLU A 486 23.96 37.40 -8.75
N PHE A 487 24.67 37.19 -9.85
CA PHE A 487 24.22 36.30 -10.89
C PHE A 487 24.29 34.83 -10.42
N MET A 488 25.39 34.46 -9.79
CA MET A 488 25.57 33.10 -9.30
C MET A 488 24.50 32.76 -8.25
N LYS A 489 24.14 33.74 -7.43
CA LYS A 489 23.09 33.55 -6.42
C LYS A 489 21.74 33.24 -7.06
N ALA A 490 21.41 33.99 -8.11
CA ALA A 490 20.14 33.82 -8.82
C ALA A 490 20.14 32.46 -9.51
N TYR A 491 21.29 32.13 -10.08
CA TYR A 491 21.48 30.86 -10.75
C TYR A 491 21.32 29.71 -9.74
N LYS A 492 21.97 29.83 -8.57
CA LYS A 492 21.74 28.85 -7.51
C LYS A 492 20.25 28.75 -7.12
N ALA A 493 19.56 29.89 -7.06
CA ALA A 493 18.17 29.85 -6.61
C ALA A 493 17.26 29.22 -7.67
N GLN A 494 17.50 29.50 -8.95
CA GLN A 494 16.75 28.82 -10.00
C GLN A 494 17.00 27.31 -9.93
N MET A 495 18.27 26.94 -9.82
CA MET A 495 18.64 25.53 -9.71
C MET A 495 17.94 24.83 -8.54
N GLU A 496 17.91 25.50 -7.38
CA GLU A 496 17.33 24.91 -6.19
C GLU A 496 15.87 24.55 -6.43
N TYR A 497 15.14 25.49 -7.03
CA TYR A 497 13.72 25.26 -7.27
C TYR A 497 13.44 24.03 -8.16
N PHE A 498 14.07 23.97 -9.32
CA PHE A 498 13.74 22.89 -10.26
C PHE A 498 14.32 21.52 -9.87
N VAL A 499 15.49 21.51 -9.23
CA VAL A 499 16.04 20.25 -8.74
C VAL A 499 15.14 19.70 -7.64
N LYS A 500 14.61 20.60 -6.79
CA LYS A 500 13.66 20.18 -5.77
C LYS A 500 12.47 19.44 -6.41
N HIS A 501 11.80 20.08 -7.37
CA HIS A 501 10.64 19.42 -7.98
C HIS A 501 10.97 18.18 -8.81
N MET A 502 12.12 18.18 -9.48
CA MET A 502 12.59 16.96 -10.14
C MET A 502 12.69 15.76 -9.17
N CYS A 503 13.29 15.97 -8.01
CA CYS A 503 13.57 14.87 -7.10
C CYS A 503 12.29 14.41 -6.37
N CYS A 504 11.47 15.35 -5.96
CA CYS A 504 10.18 15.02 -5.39
C CYS A 504 9.31 14.30 -6.43
N ALA A 505 9.33 14.76 -7.67
CA ALA A 505 8.64 14.05 -8.74
C ALA A 505 9.16 12.62 -8.85
N ASP A 506 10.49 12.47 -8.87
CA ASP A 506 11.10 11.14 -8.86
C ASP A 506 10.57 10.31 -7.69
N ASN A 507 10.51 10.93 -6.51
CA ASN A 507 10.02 10.20 -5.33
C ASN A 507 8.56 9.72 -5.46
N CYS A 508 7.73 10.54 -6.12
CA CYS A 508 6.34 10.17 -6.38
C CYS A 508 6.25 8.95 -7.30
N ILE A 509 7.07 8.95 -8.34
CA ILE A 509 7.23 7.80 -9.23
C ILE A 509 7.77 6.56 -8.51
N ASP A 510 8.72 6.76 -7.59
CA ASP A 510 9.30 5.68 -6.77
C ASP A 510 8.19 4.99 -5.98
N ILE A 511 7.39 5.79 -5.29
CA ILE A 511 6.27 5.28 -4.52
C ILE A 511 5.29 4.53 -5.41
N ALA A 512 5.01 5.09 -6.58
CA ALA A 512 4.05 4.47 -7.50
C ALA A 512 4.48 3.05 -7.88
N HIS A 513 5.74 2.90 -8.23
CA HIS A 513 6.27 1.59 -8.62
C HIS A 513 6.16 0.59 -7.50
N ALA A 514 6.43 1.03 -6.28
CA ALA A 514 6.39 0.17 -5.11
C ALA A 514 4.96 -0.27 -4.88
N GLU A 515 4.05 0.66 -5.14
CA GLU A 515 2.65 0.46 -4.80
C GLU A 515 1.92 -0.42 -5.82
N ARG A 516 2.34 -0.39 -7.08
CA ARG A 516 1.63 -1.10 -8.16
C ARG A 516 2.48 -2.05 -9.01
N ALA A 517 3.80 -1.91 -8.98
CA ALA A 517 4.66 -2.84 -9.70
C ALA A 517 5.91 -3.28 -8.91
N PRO A 518 5.72 -3.82 -7.70
CA PRO A 518 6.90 -4.38 -7.06
C PRO A 518 7.29 -5.66 -7.80
N LEU A 519 8.58 -5.89 -8.02
CA LEU A 519 8.99 -6.99 -8.88
C LEU A 519 9.53 -8.19 -8.10
N PRO A 520 8.73 -9.28 -8.03
CA PRO A 520 9.14 -10.47 -7.28
C PRO A 520 10.34 -11.14 -7.95
N PHE A 521 10.37 -11.13 -9.28
CA PHE A 521 11.43 -11.88 -9.95
C PHE A 521 12.79 -11.17 -9.89
N LEU A 522 12.80 -9.89 -10.23
CA LEU A 522 14.05 -9.13 -10.25
C LEU A 522 14.64 -9.05 -8.84
N SER A 523 13.77 -8.78 -7.87
CA SER A 523 14.20 -8.62 -6.48
C SER A 523 14.86 -9.86 -5.91
N SER A 524 14.46 -11.04 -6.38
CA SER A 524 14.95 -12.30 -5.82
C SER A 524 16.43 -12.45 -6.08
N MET A 525 16.96 -11.65 -7.01
CA MET A 525 18.35 -11.78 -7.44
C MET A 525 19.24 -10.60 -7.01
N VAL A 526 18.76 -9.83 -6.04
CA VAL A 526 19.53 -8.70 -5.51
C VAL A 526 19.60 -8.75 -3.98
N ASP A 527 20.80 -8.59 -3.44
CA ASP A 527 21.01 -8.88 -2.04
C ASP A 527 20.20 -8.01 -1.14
N ASN A 528 19.75 -8.74 -0.12
CA ASN A 528 18.91 -8.36 0.99
C ASN A 528 17.40 -8.57 0.76
N CYS A 529 16.96 -8.69 -0.49
CA CYS A 529 15.52 -8.76 -0.76
C CYS A 529 14.82 -9.97 -0.15
N ILE A 530 15.36 -11.16 -0.39
CA ILE A 530 14.83 -12.36 0.20
C ILE A 530 14.95 -12.31 1.73
N GLY A 531 16.15 -11.97 2.22
CA GLY A 531 16.39 -11.85 3.65
C GLY A 531 15.50 -10.85 4.37
N LYS A 532 15.33 -9.65 3.80
CA LYS A 532 14.43 -8.66 4.39
C LYS A 532 12.99 -9.00 4.07
N GLY A 533 12.79 -9.88 3.09
CA GLY A 533 11.46 -10.25 2.67
C GLY A 533 10.69 -9.10 2.06
N LYS A 534 11.39 -8.28 1.29
CA LYS A 534 10.72 -7.15 0.63
C LYS A 534 11.39 -6.76 -0.70
N SER A 535 10.58 -6.30 -1.65
CA SER A 535 11.06 -6.04 -3.01
C SER A 535 12.08 -4.90 -3.11
N LEU A 536 12.73 -4.83 -4.27
CA LEU A 536 13.60 -3.71 -4.64
C LEU A 536 12.87 -2.39 -4.43
N GLN A 537 11.63 -2.34 -4.90
CA GLN A 537 10.81 -1.14 -4.87
C GLN A 537 10.53 -0.68 -3.43
N ASP A 538 10.59 -1.63 -2.50
CA ASP A 538 10.23 -1.39 -1.11
C ASP A 538 11.47 -1.28 -0.24
N GLY A 539 12.62 -1.09 -0.89
CA GLY A 539 13.88 -0.83 -0.23
C GLY A 539 14.69 -2.04 0.21
N GLY A 540 14.40 -3.21 -0.36
CA GLY A 540 15.12 -4.42 -0.03
C GLY A 540 16.63 -4.43 -0.35
N ALA A 541 17.07 -3.65 -1.33
CA ALA A 541 18.49 -3.67 -1.70
C ALA A 541 19.37 -3.18 -0.54
N GLU A 542 20.55 -3.78 -0.41
CA GLU A 542 21.57 -3.32 0.52
C GLU A 542 21.88 -1.83 0.24
N TYR A 543 22.10 -1.51 -1.03
CA TYR A 543 22.39 -0.13 -1.40
C TYR A 543 21.25 0.49 -2.22
N ASN A 544 20.89 1.71 -1.85
CA ASN A 544 19.83 2.44 -2.52
C ASN A 544 20.25 3.86 -2.94
N PHE A 545 19.94 4.21 -4.18
CA PHE A 545 20.25 5.56 -4.68
C PHE A 545 19.14 6.04 -5.61
N SER A 546 19.16 7.32 -5.94
CA SER A 546 18.44 7.83 -7.11
C SER A 546 19.41 8.73 -7.89
N GLY A 547 19.42 8.63 -9.21
CA GLY A 547 20.40 9.32 -10.03
C GLY A 547 19.90 10.14 -11.21
N PRO A 548 19.70 11.45 -11.00
CA PRO A 548 19.30 12.39 -12.06
C PRO A 548 20.50 13.07 -12.75
N GLN A 549 20.37 13.31 -14.05
CA GLN A 549 21.48 13.76 -14.88
C GLN A 549 21.41 15.23 -15.22
N GLY A 550 22.56 15.89 -15.11
CA GLY A 550 22.72 17.23 -15.63
C GLY A 550 23.11 17.13 -17.08
N VAL A 551 22.59 18.02 -17.91
CA VAL A 551 22.89 18.04 -19.32
C VAL A 551 23.19 19.48 -19.73
N GLY A 552 24.34 19.71 -20.36
CA GLY A 552 24.71 21.05 -20.84
C GLY A 552 25.88 21.66 -20.09
N VAL A 553 26.77 20.82 -19.58
CA VAL A 553 27.92 21.25 -18.81
C VAL A 553 28.80 22.30 -19.52
N ALA A 554 29.25 22.02 -20.75
CA ALA A 554 30.12 22.96 -21.44
C ALA A 554 29.37 24.25 -21.68
N ASN A 555 28.07 24.14 -21.97
CA ASN A 555 27.27 25.32 -22.24
C ASN A 555 27.23 26.22 -21.00
N ILE A 556 27.18 25.60 -19.83
CA ILE A 556 27.06 26.34 -18.58
C ILE A 556 28.36 27.07 -18.26
N GLY A 557 29.48 26.38 -18.37
CA GLY A 557 30.77 27.01 -18.14
C GLY A 557 31.05 28.14 -19.12
N ASP A 558 30.81 27.89 -20.39
CA ASP A 558 31.02 28.90 -21.42
C ASP A 558 30.07 30.09 -21.22
N SER A 559 28.81 29.81 -20.87
CA SER A 559 27.88 30.88 -20.57
C SER A 559 28.31 31.72 -19.38
N LEU A 560 28.70 31.07 -18.30
CA LEU A 560 29.06 31.76 -17.07
C LEU A 560 30.28 32.65 -17.25
N VAL A 561 31.33 32.11 -17.88
CA VAL A 561 32.53 32.90 -18.14
C VAL A 561 32.24 34.10 -19.05
N ALA A 562 31.34 33.93 -20.01
CA ALA A 562 30.99 35.02 -20.91
C ALA A 562 30.24 36.09 -20.16
N VAL A 563 29.33 35.68 -19.28
CA VAL A 563 28.57 36.65 -18.50
C VAL A 563 29.50 37.42 -17.57
N LYS A 564 30.39 36.68 -16.92
CA LYS A 564 31.37 37.26 -16.00
C LYS A 564 32.30 38.26 -16.69
N LYS A 565 32.95 37.83 -17.78
CA LYS A 565 33.94 38.64 -18.49
C LYS A 565 33.33 39.79 -19.28
N ILE A 566 32.47 39.43 -20.23
CA ILE A 566 31.93 40.40 -21.17
C ILE A 566 31.02 41.43 -20.48
N VAL A 567 30.24 41.00 -19.49
CA VAL A 567 29.29 41.93 -18.86
C VAL A 567 29.82 42.58 -17.58
N PHE A 568 30.26 41.77 -16.62
CA PHE A 568 30.65 42.28 -15.31
C PHE A 568 32.09 42.74 -15.19
N ASP A 569 33.01 42.08 -15.89
CA ASP A 569 34.41 42.46 -15.81
C ASP A 569 34.76 43.61 -16.75
N GLU A 570 34.41 43.45 -18.03
CA GLU A 570 34.87 44.34 -19.08
C GLU A 570 33.81 45.36 -19.47
N ASN A 571 32.60 45.19 -18.95
CA ASN A 571 31.50 46.11 -19.21
C ASN A 571 31.28 46.41 -20.67
N LYS A 572 31.50 45.42 -21.51
CA LYS A 572 31.32 45.57 -22.96
C LYS A 572 29.87 45.84 -23.30
N ILE A 573 28.96 45.15 -22.60
CA ILE A 573 27.52 45.37 -22.76
C ILE A 573 26.89 45.37 -21.37
N THR A 574 25.71 45.95 -21.26
CA THR A 574 24.97 45.91 -20.01
C THR A 574 24.20 44.59 -19.88
N PRO A 575 23.78 44.25 -18.66
CA PRO A 575 22.89 43.09 -18.50
C PRO A 575 21.61 43.18 -19.37
N SER A 576 20.98 44.35 -19.42
CA SER A 576 19.79 44.55 -20.26
C SER A 576 20.07 44.17 -21.69
N GLU A 577 21.20 44.66 -22.21
CA GLU A 577 21.57 44.44 -23.61
C GLU A 577 21.76 42.95 -23.89
N LEU A 578 22.47 42.28 -22.99
CA LEU A 578 22.67 40.84 -23.12
C LEU A 578 21.33 40.12 -23.12
N LYS A 579 20.50 40.43 -22.13
CA LYS A 579 19.17 39.82 -22.02
C LYS A 579 18.34 40.02 -23.29
N LYS A 580 18.35 41.22 -23.85
CA LYS A 580 17.56 41.50 -25.06
C LYS A 580 18.08 40.75 -26.28
N THR A 581 19.41 40.75 -26.44
CA THR A 581 20.03 40.06 -27.58
C THR A 581 19.69 38.59 -27.54
N LEU A 582 19.76 38.00 -26.34
CA LEU A 582 19.46 36.58 -26.19
C LEU A 582 18.01 36.26 -26.52
N ASN A 583 17.08 37.05 -26.00
CA ASN A 583 15.69 36.85 -26.30
C ASN A 583 15.38 37.08 -27.78
N ASN A 584 16.19 37.90 -28.43
CA ASN A 584 16.05 38.13 -29.88
C ASN A 584 16.84 37.14 -30.72
N ASP A 585 17.52 36.21 -30.05
CA ASP A 585 18.33 35.21 -30.74
C ASP A 585 19.46 35.85 -31.58
N PHE A 586 20.05 36.90 -31.03
CA PHE A 586 21.14 37.64 -31.67
C PHE A 586 20.74 38.34 -32.98
N LYS A 587 19.45 38.48 -33.22
CA LYS A 587 18.96 39.14 -34.44
C LYS A 587 19.48 40.57 -34.56
N ASN A 588 20.25 40.83 -35.62
CA ASN A 588 20.84 42.15 -35.87
C ASN A 588 21.76 42.66 -34.75
N SER A 589 22.32 41.74 -33.98
CA SER A 589 23.38 42.09 -33.04
C SER A 589 24.45 41.02 -33.05
N GLU A 590 24.90 40.69 -34.27
CA GLU A 590 26.00 39.76 -34.49
C GLU A 590 27.27 40.19 -33.76
N GLU A 591 27.42 41.49 -33.54
CA GLU A 591 28.63 42.03 -32.95
C GLU A 591 28.70 41.58 -31.50
N ILE A 592 27.53 41.50 -30.87
CA ILE A 592 27.46 41.03 -29.49
C ILE A 592 27.65 39.52 -29.43
N GLN A 593 27.08 38.82 -30.41
CA GLN A 593 27.28 37.38 -30.50
C GLN A 593 28.77 37.03 -30.61
N ALA A 594 29.50 37.83 -31.40
CA ALA A 594 30.93 37.61 -31.63
C ALA A 594 31.74 37.72 -30.35
N LEU A 595 31.49 38.79 -29.58
CA LEU A 595 32.07 38.97 -28.25
C LEU A 595 31.89 37.72 -27.37
N LEU A 596 30.67 37.20 -27.36
CA LEU A 596 30.34 36.00 -26.60
C LEU A 596 31.10 34.77 -27.14
N LYS A 597 31.09 34.57 -28.46
CA LYS A 597 31.77 33.43 -29.08
C LYS A 597 33.27 33.45 -28.85
N ASN A 598 33.83 34.66 -28.77
CA ASN A 598 35.27 34.83 -28.58
C ASN A 598 35.74 34.81 -27.13
N ALA A 599 34.81 34.77 -26.18
CA ALA A 599 35.16 34.57 -24.78
C ALA A 599 35.82 33.18 -24.65
N PRO A 600 36.66 32.98 -23.63
CA PRO A 600 37.34 31.68 -23.50
C PRO A 600 36.34 30.52 -23.43
N LYS A 601 36.66 29.43 -24.11
CA LYS A 601 35.76 28.28 -24.13
C LYS A 601 36.36 27.08 -23.40
N PHE A 602 35.49 26.33 -22.75
CA PHE A 602 35.82 25.10 -22.05
C PHE A 602 36.39 24.07 -23.02
N GLY A 603 37.51 23.45 -22.65
CA GLY A 603 38.14 22.45 -23.49
C GLY A 603 39.47 22.87 -24.08
N ASN A 604 40.07 23.93 -23.55
CA ASN A 604 41.33 24.43 -24.05
C ASN A 604 42.34 24.65 -22.93
N ASP A 605 42.11 23.99 -21.81
CA ASP A 605 42.97 24.08 -20.64
C ASP A 605 43.09 25.50 -20.07
N ILE A 606 41.99 26.25 -20.18
CA ILE A 606 41.93 27.61 -19.65
C ILE A 606 41.16 27.64 -18.34
N ASP A 607 41.88 27.91 -17.25
CA ASP A 607 41.32 27.85 -15.89
C ASP A 607 40.14 28.79 -15.66
N GLU A 608 40.19 29.97 -16.24
CA GLU A 608 39.12 30.94 -16.03
C GLU A 608 37.76 30.38 -16.41
N VAL A 609 37.71 29.63 -17.51
CA VAL A 609 36.43 29.08 -17.96
C VAL A 609 36.25 27.67 -17.42
N ASP A 610 37.33 26.90 -17.38
CA ASP A 610 37.21 25.53 -16.87
C ASP A 610 36.67 25.50 -15.43
N ASN A 611 37.12 26.44 -14.62
CA ASN A 611 36.64 26.49 -13.23
C ASN A 611 35.18 26.85 -13.10
N LEU A 612 34.68 27.66 -14.03
CA LEU A 612 33.27 28.03 -13.96
C LEU A 612 32.39 26.88 -14.45
N ALA A 613 32.92 26.08 -15.37
CA ALA A 613 32.26 24.83 -15.76
C ALA A 613 32.18 23.92 -14.53
N ARG A 614 33.26 23.85 -13.77
CA ARG A 614 33.30 23.08 -12.52
C ARG A 614 32.25 23.59 -11.54
N GLU A 615 32.29 24.89 -11.27
CA GLU A 615 31.38 25.46 -10.31
C GLU A 615 29.93 25.42 -10.81
N GLY A 616 29.72 25.67 -12.10
CA GLY A 616 28.38 25.63 -12.67
C GLY A 616 27.72 24.28 -12.45
N ALA A 617 28.50 23.23 -12.66
CA ALA A 617 28.05 21.86 -12.47
C ALA A 617 27.94 21.45 -10.99
N LEU A 618 28.84 21.95 -10.16
CA LEU A 618 28.78 21.61 -8.73
C LEU A 618 27.51 22.15 -8.11
N VAL A 619 27.04 23.28 -8.60
CA VAL A 619 25.78 23.88 -8.15
C VAL A 619 24.63 22.89 -8.33
N TYR A 620 24.55 22.28 -9.51
CA TYR A 620 23.57 21.26 -9.79
C TYR A 620 23.75 20.11 -8.81
N CYS A 621 24.98 19.63 -8.72
CA CYS A 621 25.33 18.45 -7.91
C CYS A 621 25.03 18.61 -6.44
N ARG A 622 25.38 19.78 -5.88
CA ARG A 622 25.13 20.05 -4.47
C ARG A 622 23.65 20.04 -4.15
N GLU A 623 22.85 20.55 -5.09
CA GLU A 623 21.38 20.51 -4.93
C GLU A 623 20.86 19.09 -4.91
N VAL A 624 21.31 18.27 -5.86
CA VAL A 624 20.86 16.89 -5.94
C VAL A 624 21.19 16.11 -4.65
N ASN A 625 22.37 16.36 -4.09
CA ASN A 625 22.81 15.69 -2.86
C ASN A 625 21.86 15.83 -1.66
N LYS A 626 21.02 16.86 -1.68
CA LYS A 626 20.15 17.16 -0.56
C LYS A 626 19.02 16.16 -0.38
N TYR A 627 18.70 15.40 -1.42
CA TYR A 627 17.47 14.60 -1.44
C TYR A 627 17.64 13.13 -1.08
N THR A 628 16.61 12.58 -0.46
CA THR A 628 16.55 11.15 -0.20
C THR A 628 15.29 10.53 -0.83
N ASN A 629 15.33 9.23 -1.09
CA ASN A 629 14.23 8.56 -1.80
C ASN A 629 13.40 7.69 -0.83
N PRO A 630 12.23 7.17 -1.28
CA PRO A 630 11.44 6.41 -0.30
C PRO A 630 12.10 5.08 0.10
N ARG A 631 13.19 4.69 -0.54
CA ARG A 631 13.87 3.44 -0.18
C ARG A 631 14.99 3.71 0.81
N GLY A 632 15.04 4.92 1.33
CA GLY A 632 16.00 5.28 2.36
C GLY A 632 17.37 5.58 1.76
N GLY A 633 17.42 5.70 0.44
CA GLY A 633 18.67 5.99 -0.23
C GLY A 633 18.82 7.48 -0.51
N ASN A 634 20.05 7.87 -0.82
CA ASN A 634 20.40 9.22 -1.17
C ASN A 634 20.39 9.45 -2.67
N PHE A 635 20.01 10.66 -3.09
CA PHE A 635 20.22 11.06 -4.47
C PHE A 635 21.71 11.32 -4.74
N GLN A 636 22.15 10.96 -5.94
CA GLN A 636 23.49 11.27 -6.40
C GLN A 636 23.38 11.73 -7.85
N PRO A 637 24.06 12.84 -8.18
CA PRO A 637 23.95 13.40 -9.52
C PRO A 637 24.85 12.68 -10.51
N GLY A 638 24.48 12.74 -11.78
CA GLY A 638 25.34 12.27 -12.87
C GLY A 638 25.36 13.34 -13.95
N LEU A 639 26.24 13.19 -14.93
CA LEU A 639 26.36 14.17 -16.01
C LEU A 639 26.53 13.47 -17.36
N TYR A 640 25.42 13.00 -17.91
CA TYR A 640 25.41 12.33 -19.20
C TYR A 640 24.08 12.57 -19.90
N PRO A 641 24.09 12.54 -21.23
CA PRO A 641 22.93 13.05 -21.97
C PRO A 641 22.07 12.00 -22.66
N SER A 642 22.55 10.77 -22.77
CA SER A 642 21.99 9.84 -23.75
C SER A 642 21.98 10.57 -25.11
N SER A 643 20.82 10.75 -25.70
CA SER A 643 20.73 11.54 -26.93
C SER A 643 19.92 12.80 -26.71
N ILE A 644 19.61 13.10 -25.45
CA ILE A 644 18.68 14.19 -25.12
C ILE A 644 19.21 15.63 -25.27
N ASN A 645 20.53 15.78 -25.41
CA ASN A 645 21.12 17.11 -25.60
C ASN A 645 20.65 17.81 -26.87
N VAL A 646 20.33 17.03 -27.90
CA VAL A 646 19.73 17.59 -29.11
C VAL A 646 18.31 18.08 -28.85
N TYR A 647 17.46 17.21 -28.33
CA TYR A 647 16.09 17.60 -27.99
C TYR A 647 16.05 18.72 -26.97
N PHE A 648 16.85 18.59 -25.91
CA PHE A 648 16.96 19.62 -24.89
C PHE A 648 17.34 20.94 -25.54
N GLY A 649 18.30 20.87 -26.47
CA GLY A 649 18.79 22.07 -27.12
C GLY A 649 17.71 22.77 -27.93
N SER A 650 16.84 21.96 -28.52
CA SER A 650 15.73 22.49 -29.30
C SER A 650 14.70 23.19 -28.42
N LEU A 651 14.72 22.92 -27.11
CA LEU A 651 13.80 23.60 -26.18
C LEU A 651 14.43 24.80 -25.49
N THR A 652 15.67 25.12 -25.85
CA THR A 652 16.42 26.14 -25.13
C THR A 652 16.70 27.36 -26.00
N GLY A 653 16.44 28.55 -25.45
CA GLY A 653 16.77 29.77 -26.16
C GLY A 653 18.27 29.94 -26.37
N ALA A 654 18.64 31.05 -27.01
CA ALA A 654 20.03 31.42 -27.18
C ALA A 654 20.68 31.56 -25.80
N THR A 655 21.94 31.18 -25.72
CA THR A 655 22.67 31.25 -24.45
C THR A 655 23.92 32.14 -24.54
N PRO A 656 24.40 32.63 -23.39
CA PRO A 656 25.52 33.59 -23.36
C PRO A 656 26.84 33.06 -23.95
N ASP A 657 26.94 31.76 -24.19
CA ASP A 657 28.15 31.24 -24.82
C ASP A 657 28.16 31.51 -26.33
N GLY A 658 27.07 32.08 -26.84
CA GLY A 658 26.97 32.42 -28.24
C GLY A 658 26.16 31.41 -29.06
N ARG A 659 25.63 30.41 -28.36
CA ARG A 659 24.84 29.37 -29.00
C ARG A 659 23.47 29.91 -29.42
N LYS A 660 23.10 29.77 -30.68
CA LYS A 660 21.77 30.21 -31.15
C LYS A 660 20.64 29.36 -30.56
N SER A 661 19.46 29.98 -30.46
CA SER A 661 18.28 29.31 -29.96
C SER A 661 17.98 28.04 -30.76
N GLY A 662 17.63 26.99 -30.03
CA GLY A 662 17.19 25.75 -30.66
C GLY A 662 18.30 24.81 -31.06
N GLN A 663 19.53 25.22 -30.83
CA GLN A 663 20.69 24.43 -31.22
C GLN A 663 20.97 23.42 -30.12
N PRO A 664 21.55 22.26 -30.47
CA PRO A 664 21.89 21.22 -29.50
C PRO A 664 22.74 21.72 -28.35
N LEU A 665 22.59 21.11 -27.18
CA LEU A 665 23.50 21.33 -26.08
C LEU A 665 24.68 20.40 -26.25
N ALA A 666 25.74 20.63 -25.49
CA ALA A 666 26.89 19.74 -25.47
C ALA A 666 26.50 18.40 -24.86
N ASP A 667 27.20 17.35 -25.30
CA ASP A 667 26.99 15.99 -24.81
C ASP A 667 27.86 15.71 -23.59
N GLY A 668 27.23 15.35 -22.48
CA GLY A 668 27.97 14.94 -21.29
C GLY A 668 28.85 16.06 -20.77
N VAL A 669 30.12 15.74 -20.54
CA VAL A 669 31.06 16.75 -20.06
C VAL A 669 32.04 17.14 -21.15
N SER A 670 31.72 16.70 -22.36
CA SER A 670 32.51 17.05 -23.54
C SER A 670 32.46 18.55 -23.80
N PRO A 671 33.55 19.12 -24.29
CA PRO A 671 33.49 20.53 -24.69
C PRO A 671 32.48 20.69 -25.82
N SER A 672 31.89 21.88 -25.98
CA SER A 672 30.99 22.13 -27.10
C SER A 672 31.71 21.98 -28.44
N ARG A 673 30.97 21.61 -29.47
CA ARG A 673 31.54 21.41 -30.82
C ARG A 673 32.31 22.61 -31.32
N GLY A 674 33.49 22.35 -31.88
CA GLY A 674 34.34 23.39 -32.41
C GLY A 674 35.04 24.28 -31.39
N CYS A 675 34.75 24.10 -30.11
CA CYS A 675 35.34 24.97 -29.07
C CYS A 675 36.70 24.52 -28.59
N ASP A 676 36.93 23.21 -28.61
CA ASP A 676 38.20 22.62 -28.23
C ASP A 676 39.15 22.61 -29.43
N VAL A 677 39.90 23.70 -29.54
CA VAL A 677 40.79 23.96 -30.67
C VAL A 677 42.26 23.87 -30.26
N SER A 678 42.56 23.14 -29.19
CA SER A 678 43.93 23.07 -28.68
C SER A 678 44.47 21.66 -28.63
N GLY A 679 43.83 20.75 -29.36
CA GLY A 679 44.25 19.36 -29.28
C GLY A 679 43.54 18.59 -28.17
N PRO A 680 43.50 17.26 -28.29
CA PRO A 680 42.73 16.44 -27.34
C PRO A 680 43.30 16.38 -25.92
N THR A 681 44.62 16.54 -25.76
CA THR A 681 45.18 16.54 -24.41
C THR A 681 44.70 17.74 -23.62
N ALA A 682 44.66 18.89 -24.28
CA ALA A 682 44.19 20.10 -23.61
C ALA A 682 42.74 19.95 -23.20
N ALA A 683 41.95 19.31 -24.07
CA ALA A 683 40.54 19.08 -23.76
C ALA A 683 40.41 18.14 -22.55
N CYS A 684 41.21 17.08 -22.54
CA CYS A 684 41.25 16.15 -21.41
C CYS A 684 41.58 16.88 -20.13
N ASN A 685 42.57 17.78 -20.18
CA ASN A 685 42.96 18.52 -18.98
C ASN A 685 41.78 19.34 -18.50
N SER A 686 41.03 19.89 -19.44
CA SER A 686 39.91 20.76 -19.10
C SER A 686 38.85 19.97 -18.38
N VAL A 687 38.45 18.84 -18.98
CA VAL A 687 37.35 18.06 -18.44
C VAL A 687 37.70 17.48 -17.07
N SER A 688 38.99 17.15 -16.91
CA SER A 688 39.46 16.59 -15.66
C SER A 688 39.38 17.57 -14.48
N LYS A 689 39.18 18.86 -14.75
CA LYS A 689 39.09 19.87 -13.69
C LYS A 689 37.72 19.90 -12.99
N LEU A 690 36.73 19.24 -13.59
CA LEU A 690 35.43 19.10 -12.96
C LEU A 690 35.51 18.15 -11.76
N ASP A 691 34.49 18.22 -10.91
CA ASP A 691 34.42 17.29 -9.79
C ASP A 691 33.73 16.02 -10.26
N HIS A 692 34.53 15.01 -10.57
CA HIS A 692 33.99 13.74 -11.04
C HIS A 692 33.68 12.79 -9.88
N PHE A 693 34.06 13.19 -8.66
CA PHE A 693 33.77 12.40 -7.46
C PHE A 693 32.34 12.60 -6.97
N ILE A 694 31.91 13.85 -6.88
CA ILE A 694 30.57 14.16 -6.44
C ILE A 694 29.51 13.62 -7.43
N ALA A 695 29.80 13.68 -8.73
CA ALA A 695 28.90 13.16 -9.75
C ALA A 695 29.05 11.63 -9.86
N SER A 696 28.80 10.95 -8.75
CA SER A 696 29.03 9.51 -8.65
C SER A 696 27.98 8.67 -9.39
N ASN A 697 26.94 9.31 -9.93
CA ASN A 697 26.09 8.57 -10.82
C ASN A 697 26.68 8.55 -12.22
N GLY A 698 27.90 9.10 -12.37
CA GLY A 698 28.63 8.99 -13.63
C GLY A 698 28.76 10.25 -14.49
N THR A 699 29.89 10.42 -15.15
CA THR A 699 30.04 11.53 -16.10
C THR A 699 30.52 10.94 -17.41
N LEU A 700 30.18 11.58 -18.51
CA LEU A 700 30.43 11.00 -19.81
C LEU A 700 31.23 11.97 -20.69
N PHE A 701 32.33 11.46 -21.25
CA PHE A 701 33.22 12.30 -22.04
C PHE A 701 33.39 11.66 -23.42
N ASN A 702 32.89 12.34 -24.45
CA ASN A 702 33.08 11.93 -25.84
C ASN A 702 34.29 12.61 -26.50
N GLN A 703 35.12 11.82 -27.18
CA GLN A 703 36.05 12.39 -28.12
C GLN A 703 35.92 11.67 -29.47
N LYS A 704 36.25 12.38 -30.54
CA LYS A 704 36.14 11.82 -31.89
C LYS A 704 37.43 12.03 -32.65
N PHE A 705 38.03 10.93 -33.11
CA PHE A 705 39.30 11.01 -33.84
C PHE A 705 39.22 10.73 -35.33
N HIS A 706 39.96 11.51 -36.11
CA HIS A 706 40.28 11.11 -37.47
C HIS A 706 40.97 9.75 -37.42
N PRO A 707 40.62 8.86 -38.35
CA PRO A 707 41.20 7.51 -38.34
C PRO A 707 42.73 7.49 -38.40
N SER A 708 43.34 8.53 -38.96
CA SER A 708 44.80 8.56 -39.07
C SER A 708 45.47 8.59 -37.69
N ALA A 709 44.78 9.16 -36.71
CA ALA A 709 45.31 9.29 -35.37
C ALA A 709 45.50 7.95 -34.69
N LEU A 710 44.78 6.93 -35.16
CA LEU A 710 44.87 5.61 -34.55
C LEU A 710 45.78 4.66 -35.32
N LYS A 711 46.29 5.11 -36.47
CA LYS A 711 47.09 4.26 -37.34
C LYS A 711 48.38 3.76 -36.67
N GLY A 712 48.65 2.47 -36.79
CA GLY A 712 49.92 1.92 -36.35
C GLY A 712 50.10 1.79 -34.85
N ASP A 713 51.22 1.21 -34.45
CA ASP A 713 51.48 0.98 -33.03
C ASP A 713 51.44 2.29 -32.29
N ASN A 714 52.01 3.32 -32.91
CA ASN A 714 52.01 4.67 -32.35
C ASN A 714 50.62 5.17 -32.01
N GLY A 715 49.69 4.94 -32.92
CA GLY A 715 48.30 5.30 -32.70
C GLY A 715 47.76 4.69 -31.41
N LEU A 716 48.00 3.39 -31.22
CA LEU A 716 47.53 2.71 -30.03
C LEU A 716 48.24 3.27 -28.79
N MET A 717 49.55 3.51 -28.90
CA MET A 717 50.33 4.05 -27.80
C MET A 717 49.84 5.43 -27.38
N ASN A 718 49.43 6.21 -28.36
CA ASN A 718 49.01 7.57 -28.12
C ASN A 718 47.64 7.63 -27.46
N LEU A 719 46.71 6.81 -27.93
CA LEU A 719 45.39 6.74 -27.33
C LEU A 719 45.52 6.24 -25.90
N SER A 720 46.34 5.22 -25.71
CA SER A 720 46.57 4.68 -24.39
C SER A 720 47.16 5.75 -23.46
N SER A 721 48.10 6.51 -23.98
CA SER A 721 48.72 7.58 -23.22
C SER A 721 47.71 8.72 -22.89
N LEU A 722 46.84 9.02 -23.85
CA LEU A 722 45.83 10.05 -23.68
C LEU A 722 44.87 9.64 -22.56
N ILE A 723 44.41 8.40 -22.63
CA ILE A 723 43.53 7.87 -21.62
C ILE A 723 44.16 7.92 -20.22
N ARG A 724 45.40 7.44 -20.10
CA ARG A 724 46.06 7.37 -18.79
C ARG A 724 46.24 8.74 -18.14
N SER A 725 46.60 9.73 -18.95
CA SER A 725 46.79 11.09 -18.45
C SER A 725 45.47 11.70 -17.98
N TYR A 726 44.40 11.48 -18.74
CA TYR A 726 43.08 11.91 -18.30
C TYR A 726 42.66 11.21 -16.98
N PHE A 727 42.88 9.91 -16.89
CA PHE A 727 42.55 9.20 -15.66
C PHE A 727 43.46 9.58 -14.47
N ASP A 728 44.75 9.75 -14.71
CA ASP A 728 45.67 10.21 -13.67
C ASP A 728 45.23 11.53 -13.07
N GLN A 729 44.61 12.36 -13.90
CA GLN A 729 44.10 13.64 -13.44
C GLN A 729 42.67 13.61 -12.92
N LYS A 730 42.15 12.40 -12.73
CA LYS A 730 40.89 12.15 -12.05
C LYS A 730 39.63 12.30 -12.92
N GLY A 731 39.79 12.14 -14.23
CA GLY A 731 38.63 11.97 -15.10
C GLY A 731 37.92 10.67 -14.77
N PHE A 732 36.63 10.58 -15.09
CA PHE A 732 35.76 9.47 -14.68
C PHE A 732 35.68 8.43 -15.80
N HIS A 733 35.52 8.94 -17.01
CA HIS A 733 35.21 8.09 -18.14
C HIS A 733 35.56 8.81 -19.42
N VAL A 734 35.97 8.04 -20.43
CA VAL A 734 36.16 8.59 -21.75
C VAL A 734 35.88 7.49 -22.79
N GLN A 735 35.50 7.89 -24.00
CA GLN A 735 35.20 6.95 -25.07
C GLN A 735 35.35 7.67 -26.40
N PHE A 736 35.62 6.91 -27.45
CA PHE A 736 36.05 7.47 -28.74
C PHE A 736 35.32 6.96 -29.99
N ASN A 737 34.79 7.90 -30.78
CA ASN A 737 34.49 7.63 -32.17
C ASN A 737 35.78 7.71 -32.99
N VAL A 738 35.96 6.78 -33.91
CA VAL A 738 37.08 6.81 -34.83
C VAL A 738 36.53 6.48 -36.20
N ILE A 739 36.06 7.50 -36.91
CA ILE A 739 35.46 7.25 -38.20
C ILE A 739 35.66 8.38 -39.21
N ASP A 740 35.70 7.99 -40.48
CA ASP A 740 35.84 8.92 -41.58
C ASP A 740 34.52 9.65 -41.83
N LYS A 741 34.58 10.98 -41.74
CA LYS A 741 33.41 11.84 -41.89
C LYS A 741 32.60 11.56 -43.16
N LYS A 742 33.31 11.27 -44.25
CA LYS A 742 32.68 10.95 -45.53
C LYS A 742 31.73 9.76 -45.44
N ILE A 743 32.12 8.76 -44.66
CA ILE A 743 31.27 7.59 -44.48
C ILE A 743 29.94 7.92 -43.81
N LEU A 744 29.96 8.85 -42.86
CA LEU A 744 28.71 9.24 -42.22
C LEU A 744 27.81 10.03 -43.16
N LEU A 745 28.41 10.87 -44.00
CA LEU A 745 27.63 11.70 -44.92
C LEU A 745 27.07 10.81 -46.02
N ALA A 746 27.85 9.81 -46.40
CA ALA A 746 27.43 8.86 -47.42
C ALA A 746 26.29 7.98 -46.90
N ALA A 747 26.37 7.64 -45.61
CA ALA A 747 25.32 6.86 -44.97
C ALA A 747 24.03 7.65 -44.93
N GLN A 748 24.14 8.96 -44.77
CA GLN A 748 22.95 9.80 -44.79
C GLN A 748 22.26 9.76 -46.15
N LYS A 749 23.04 9.81 -47.23
CA LYS A 749 22.48 9.90 -48.56
C LYS A 749 21.95 8.55 -49.06
N ASN A 750 22.64 7.47 -48.70
CA ASN A 750 22.23 6.14 -49.12
C ASN A 750 22.20 5.13 -47.98
N PRO A 751 21.20 5.23 -47.09
CA PRO A 751 21.07 4.41 -45.87
C PRO A 751 21.18 2.91 -46.14
N GLU A 752 20.52 2.44 -47.21
CA GLU A 752 20.50 1.02 -47.56
C GLU A 752 21.90 0.46 -47.84
N LYS A 753 22.84 1.35 -48.16
CA LYS A 753 24.21 0.94 -48.47
C LYS A 753 25.05 0.80 -47.19
N TYR A 754 24.55 1.34 -46.08
CA TYR A 754 25.34 1.39 -44.85
C TYR A 754 24.60 0.82 -43.65
N GLN A 755 23.92 -0.30 -43.87
CA GLN A 755 23.10 -0.89 -42.81
C GLN A 755 23.89 -1.34 -41.59
N ASP A 756 25.16 -1.65 -41.78
CA ASP A 756 25.98 -2.16 -40.68
C ASP A 756 26.93 -1.13 -40.05
N LEU A 757 26.75 0.13 -40.39
CA LEU A 757 27.60 1.21 -39.88
C LEU A 757 27.23 1.56 -38.44
N ILE A 758 28.15 1.26 -37.52
CA ILE A 758 27.94 1.54 -36.10
C ILE A 758 28.65 2.82 -35.72
N VAL A 759 28.00 3.66 -34.92
CA VAL A 759 28.60 4.91 -34.45
C VAL A 759 28.34 5.10 -32.94
N ARG A 760 29.25 5.79 -32.25
CA ARG A 760 29.06 6.11 -30.85
C ARG A 760 28.18 7.35 -30.66
N VAL A 761 27.12 7.19 -29.89
CA VAL A 761 26.28 8.31 -29.53
C VAL A 761 26.79 8.86 -28.20
N ALA A 762 26.34 8.29 -27.08
CA ALA A 762 26.82 8.76 -25.78
C ALA A 762 26.61 7.72 -24.69
N GLY A 763 27.66 6.96 -24.38
CA GLY A 763 27.59 5.89 -23.41
C GLY A 763 27.09 4.63 -24.08
N TYR A 764 26.80 4.75 -25.38
CA TYR A 764 26.38 3.61 -26.18
C TYR A 764 26.63 3.83 -27.66
N SER A 765 26.72 2.73 -28.41
CA SER A 765 26.84 2.82 -29.86
C SER A 765 25.49 2.51 -30.50
N ALA A 766 25.29 2.94 -31.74
CA ALA A 766 24.04 2.67 -32.45
C ALA A 766 24.31 2.36 -33.91
N GLN A 767 23.34 1.69 -34.54
CA GLN A 767 23.29 1.58 -35.98
C GLN A 767 22.96 2.96 -36.53
N PHE A 768 23.94 3.59 -37.18
CA PHE A 768 23.84 4.98 -37.62
C PHE A 768 22.53 5.34 -38.34
N ILE A 769 22.11 4.50 -39.28
CA ILE A 769 20.92 4.79 -40.08
C ILE A 769 19.58 4.69 -39.33
N SER A 770 19.58 4.09 -38.14
CA SER A 770 18.36 4.02 -37.32
C SER A 770 18.14 5.31 -36.53
N LEU A 771 19.16 6.13 -36.47
CA LEU A 771 19.10 7.38 -35.72
C LEU A 771 18.44 8.47 -36.53
N ASP A 772 17.58 9.25 -35.89
CA ASP A 772 17.00 10.43 -36.48
C ASP A 772 18.09 11.38 -37.00
N LYS A 773 17.79 12.13 -38.04
CA LYS A 773 18.78 12.96 -38.72
C LYS A 773 19.40 13.98 -37.75
N SER A 774 18.58 14.52 -36.85
CA SER A 774 19.05 15.49 -35.87
C SER A 774 20.17 14.96 -34.97
N ILE A 775 20.08 13.70 -34.60
CA ILE A 775 21.12 13.08 -33.79
C ILE A 775 22.32 12.74 -34.67
N GLN A 776 22.05 12.28 -35.89
CA GLN A 776 23.12 12.04 -36.88
C GLN A 776 23.96 13.30 -37.10
N ASN A 777 23.29 14.43 -37.32
CA ASN A 777 24.01 15.68 -37.55
C ASN A 777 24.79 16.16 -36.32
N ASP A 778 24.25 15.93 -35.14
CA ASP A 778 24.96 16.33 -33.92
C ASP A 778 26.28 15.57 -33.82
N ILE A 779 26.24 14.27 -34.11
CA ILE A 779 27.46 13.46 -34.07
C ILE A 779 28.47 13.87 -35.16
N ILE A 780 27.99 14.11 -36.37
CA ILE A 780 28.85 14.55 -37.46
C ILE A 780 29.53 15.87 -37.08
N ALA A 781 28.76 16.74 -36.42
CA ALA A 781 29.24 18.09 -36.12
C ALA A 781 30.25 18.14 -34.97
N ARG A 782 30.47 17.02 -34.30
CA ARG A 782 31.41 17.01 -33.19
C ARG A 782 32.81 17.33 -33.66
N THR A 783 33.61 17.92 -32.78
CA THR A 783 35.01 18.20 -33.04
C THR A 783 35.72 16.91 -33.43
N GLU A 784 36.51 16.98 -34.49
CA GLU A 784 37.35 15.87 -34.89
C GLU A 784 38.80 16.19 -34.56
N HIS A 785 39.42 15.36 -33.74
CA HIS A 785 40.80 15.56 -33.31
C HIS A 785 41.76 14.64 -34.03
N VAL A 786 43.03 15.05 -34.06
CA VAL A 786 44.13 14.14 -34.26
C VAL A 786 44.95 14.23 -32.99
N MET A 787 45.94 13.35 -32.87
CA MET A 787 46.67 13.22 -31.63
C MET A 787 47.60 14.43 -31.44
N ILE B 2 -37.41 8.51 47.90
CA ILE B 2 -38.66 8.05 47.31
C ILE B 2 -38.47 7.93 45.80
N SER B 3 -39.45 7.38 45.10
CA SER B 3 -39.42 7.30 43.65
C SER B 3 -40.09 8.52 43.04
N LYS B 4 -39.31 9.32 42.32
CA LYS B 4 -39.82 10.54 41.72
C LYS B 4 -40.84 10.25 40.60
N GLY B 5 -40.64 9.15 39.88
CA GLY B 5 -41.40 8.89 38.67
C GLY B 5 -40.81 9.63 37.47
N PHE B 6 -41.33 9.36 36.29
CA PHE B 6 -40.80 9.97 35.08
C PHE B 6 -41.80 10.93 34.44
N SER B 7 -41.30 12.03 33.90
CA SER B 7 -42.16 13.00 33.22
C SER B 7 -42.70 12.44 31.90
N THR B 8 -43.61 13.17 31.27
CA THR B 8 -44.26 12.74 30.04
C THR B 8 -43.74 13.49 28.81
N GLN B 9 -43.36 12.75 27.77
CA GLN B 9 -42.82 13.35 26.57
C GLN B 9 -43.89 14.09 25.78
N THR B 10 -43.48 15.07 24.99
CA THR B 10 -44.41 15.82 24.15
C THR B 10 -45.05 14.88 23.13
N GLU B 11 -46.14 15.34 22.52
CA GLU B 11 -46.83 14.56 21.51
C GLU B 11 -45.96 14.31 20.28
N ARG B 12 -45.16 15.31 19.92
CA ARG B 12 -44.19 15.18 18.82
C ARG B 12 -43.30 13.95 18.99
N ILE B 13 -42.84 13.71 20.21
CA ILE B 13 -42.02 12.53 20.48
C ILE B 13 -42.80 11.28 20.11
N ASN B 14 -44.08 11.21 20.48
CA ASN B 14 -44.91 10.06 20.11
C ASN B 14 -45.03 9.88 18.59
N ILE B 15 -45.25 10.97 17.86
CA ILE B 15 -45.29 10.94 16.40
C ILE B 15 -43.98 10.44 15.79
N LEU B 16 -42.85 11.02 16.21
CA LEU B 16 -41.54 10.62 15.71
C LEU B 16 -41.23 9.16 16.03
N LYS B 17 -41.59 8.72 17.23
CA LYS B 17 -41.42 7.32 17.62
C LYS B 17 -42.22 6.36 16.73
N ALA B 18 -43.46 6.74 16.38
CA ALA B 18 -44.31 5.89 15.54
C ALA B 18 -43.74 5.76 14.12
N GLN B 19 -43.12 6.83 13.62
CA GLN B 19 -42.40 6.75 12.36
C GLN B 19 -41.38 5.59 12.37
N ILE B 20 -40.71 5.40 13.51
CA ILE B 20 -39.74 4.31 13.63
C ILE B 20 -40.41 2.93 13.63
N LEU B 21 -41.39 2.74 14.51
CA LEU B 21 -42.04 1.44 14.64
C LEU B 21 -42.92 1.06 13.45
N ASN B 22 -43.47 2.07 12.76
CA ASN B 22 -44.33 1.81 11.62
C ASN B 22 -43.56 1.57 10.34
N ALA B 23 -42.26 1.81 10.38
CA ALA B 23 -41.45 1.70 9.18
C ALA B 23 -41.31 0.25 8.77
N LYS B 24 -41.09 0.02 7.49
CA LYS B 24 -40.77 -1.31 7.03
C LYS B 24 -39.31 -1.33 6.58
N PRO B 25 -38.44 -1.83 7.47
CA PRO B 25 -36.99 -1.79 7.19
C PRO B 25 -36.69 -2.36 5.82
N CYS B 26 -35.91 -1.62 5.04
CA CYS B 26 -35.56 -2.09 3.70
C CYS B 26 -34.11 -1.80 3.39
N VAL B 27 -33.66 -2.34 2.27
CA VAL B 27 -32.33 -2.06 1.75
C VAL B 27 -32.45 -1.05 0.59
N GLU B 28 -31.78 0.09 0.73
CA GLU B 28 -31.78 1.13 -0.30
C GLU B 28 -30.48 1.09 -1.11
N SER B 29 -30.53 1.60 -2.34
CA SER B 29 -29.42 1.40 -3.28
C SER B 29 -28.60 2.64 -3.66
N GLU B 30 -29.07 3.84 -3.32
CA GLU B 30 -28.42 5.05 -3.77
C GLU B 30 -26.93 5.13 -3.42
N ARG B 31 -26.59 4.86 -2.16
CA ARG B 31 -25.18 4.96 -1.73
C ARG B 31 -24.29 4.02 -2.55
N ALA B 32 -24.76 2.80 -2.73
CA ALA B 32 -24.03 1.80 -3.49
C ALA B 32 -23.71 2.32 -4.90
N ILE B 33 -24.72 2.88 -5.55
CA ILE B 33 -24.60 3.36 -6.92
C ILE B 33 -23.61 4.52 -7.00
N LEU B 34 -23.66 5.38 -5.99
CA LEU B 34 -22.83 6.57 -5.95
C LEU B 34 -21.37 6.24 -5.64
N ILE B 35 -21.13 5.32 -4.71
CA ILE B 35 -19.75 4.98 -4.39
C ILE B 35 -19.13 4.31 -5.60
N THR B 36 -19.90 3.45 -6.26
CA THR B 36 -19.44 2.74 -7.45
C THR B 36 -19.08 3.72 -8.56
N GLU B 37 -19.98 4.67 -8.77
CA GLU B 37 -19.78 5.73 -9.75
C GLU B 37 -18.46 6.48 -9.47
N SER B 38 -18.24 6.89 -8.23
CA SER B 38 -17.03 7.63 -7.87
C SER B 38 -15.76 6.82 -8.11
N PHE B 39 -15.72 5.60 -7.57
CA PHE B 39 -14.56 4.73 -7.71
C PHE B 39 -14.14 4.53 -9.16
N LYS B 40 -15.12 4.47 -10.06
CA LYS B 40 -14.84 4.38 -11.48
C LYS B 40 -14.06 5.59 -11.98
N GLN B 41 -14.27 6.77 -11.37
CA GLN B 41 -13.56 7.98 -11.79
C GLN B 41 -12.17 8.20 -11.14
N THR B 42 -11.82 7.38 -10.15
CA THR B 42 -10.65 7.66 -9.31
C THR B 42 -9.66 6.52 -9.27
N GLU B 43 -9.74 5.66 -10.27
CA GLU B 43 -8.92 4.49 -10.40
C GLU B 43 -7.42 4.81 -10.21
N GLY B 44 -6.99 6.00 -10.67
CA GLY B 44 -5.58 6.37 -10.65
C GLY B 44 -5.12 7.09 -9.38
N GLN B 45 -5.98 7.11 -8.38
CA GLN B 45 -5.78 7.88 -7.15
C GLN B 45 -5.38 6.91 -6.03
N PRO B 46 -4.59 7.38 -5.05
CA PRO B 46 -4.30 6.50 -3.90
C PRO B 46 -5.59 6.21 -3.12
N ALA B 47 -5.62 5.09 -2.39
CA ALA B 47 -6.84 4.67 -1.67
C ALA B 47 -7.47 5.75 -0.75
N ILE B 48 -6.64 6.52 -0.06
CA ILE B 48 -7.14 7.51 0.88
C ILE B 48 -7.89 8.62 0.13
N LEU B 49 -7.42 8.98 -1.06
CA LEU B 49 -8.11 10.00 -1.84
C LEU B 49 -9.39 9.45 -2.49
N ARG B 50 -9.35 8.20 -2.91
CA ARG B 50 -10.55 7.56 -3.43
C ARG B 50 -11.61 7.55 -2.34
N ARG B 51 -11.19 7.28 -1.10
CA ARG B 51 -12.13 7.28 0.01
C ARG B 51 -12.77 8.65 0.19
N ALA B 52 -11.93 9.69 0.16
CA ALA B 52 -12.40 11.06 0.34
C ALA B 52 -13.33 11.50 -0.81
N LEU B 53 -12.92 11.25 -2.04
CA LEU B 53 -13.72 11.63 -3.20
C LEU B 53 -15.05 10.84 -3.27
N ALA B 54 -15.02 9.59 -2.85
CA ALA B 54 -16.25 8.80 -2.80
C ALA B 54 -17.19 9.35 -1.74
N LEU B 55 -16.65 9.70 -0.57
CA LEU B 55 -17.49 10.26 0.47
C LEU B 55 -18.12 11.56 -0.01
N LYS B 56 -17.31 12.38 -0.70
CA LYS B 56 -17.76 13.62 -1.30
C LYS B 56 -18.92 13.37 -2.28
N HIS B 57 -18.76 12.35 -3.11
CA HIS B 57 -19.74 12.08 -4.14
C HIS B 57 -21.07 11.61 -3.55
N ILE B 58 -21.00 10.77 -2.53
CA ILE B 58 -22.16 10.30 -1.78
C ILE B 58 -22.88 11.46 -1.10
N LEU B 59 -22.11 12.23 -0.33
CA LEU B 59 -22.70 13.31 0.45
C LEU B 59 -23.35 14.37 -0.46
N GLU B 60 -22.79 14.59 -1.64
CA GLU B 60 -23.38 15.52 -2.59
C GLU B 60 -24.65 14.99 -3.29
N ASN B 61 -24.78 13.69 -3.45
CA ASN B 61 -25.85 13.14 -4.28
C ASN B 61 -26.83 12.16 -3.63
N ILE B 62 -26.56 11.74 -2.40
CA ILE B 62 -27.43 10.85 -1.67
C ILE B 62 -28.76 11.57 -1.40
N PRO B 63 -29.89 10.85 -1.44
CA PRO B 63 -31.18 11.46 -1.11
C PRO B 63 -31.24 12.02 0.31
N ILE B 64 -31.91 13.15 0.44
CA ILE B 64 -32.01 13.85 1.71
C ILE B 64 -33.47 13.79 2.16
N THR B 65 -33.71 13.50 3.43
CA THR B 65 -35.07 13.43 3.93
C THR B 65 -35.23 14.14 5.25
N ILE B 66 -36.29 14.94 5.33
CA ILE B 66 -36.72 15.52 6.58
C ILE B 66 -38.09 14.91 6.86
N ARG B 67 -38.20 14.21 7.97
CA ARG B 67 -39.45 13.53 8.31
C ARG B 67 -40.33 14.52 9.04
N ASP B 68 -41.64 14.32 8.94
CA ASP B 68 -42.57 15.27 9.54
C ASP B 68 -42.38 15.38 11.05
N GLN B 69 -42.48 16.62 11.54
CA GLN B 69 -42.39 16.97 12.96
C GLN B 69 -40.98 16.92 13.55
N GLU B 70 -40.00 16.49 12.75
CA GLU B 70 -38.61 16.44 13.22
C GLU B 70 -38.12 17.81 13.65
N LEU B 71 -37.42 17.85 14.80
CA LEU B 71 -36.70 19.06 15.20
C LEU B 71 -35.20 18.87 14.88
N ILE B 72 -34.73 17.63 15.03
CA ILE B 72 -33.37 17.28 14.65
C ILE B 72 -33.46 16.50 13.35
N VAL B 73 -32.73 16.95 12.33
CA VAL B 73 -32.85 16.38 10.99
C VAL B 73 -31.55 15.72 10.52
N GLY B 74 -31.70 14.84 9.52
CA GLY B 74 -30.60 14.08 8.98
C GLY B 74 -31.05 12.63 8.93
N SER B 75 -31.29 12.13 7.73
CA SER B 75 -31.74 10.76 7.57
C SER B 75 -30.91 10.03 6.55
N LEU B 76 -30.42 8.86 6.94
CA LEU B 76 -29.50 8.09 6.13
C LEU B 76 -30.24 7.36 5.03
N THR B 77 -31.52 7.14 5.24
CA THR B 77 -32.33 6.41 4.28
C THR B 77 -33.66 7.13 4.11
N LYS B 78 -34.27 6.95 2.94
CA LYS B 78 -35.59 7.51 2.69
C LYS B 78 -36.60 6.89 3.64
N GLU B 79 -36.73 5.58 3.58
CA GLU B 79 -37.56 4.86 4.52
C GLU B 79 -36.89 4.90 5.88
N PRO B 80 -37.69 5.11 6.94
CA PRO B 80 -37.13 5.10 8.29
C PRO B 80 -36.55 3.75 8.63
N ARG B 81 -35.61 3.71 9.57
CA ARG B 81 -35.13 2.45 10.14
C ARG B 81 -34.60 1.49 9.07
N SER B 82 -33.95 2.06 8.05
CA SER B 82 -33.52 1.25 6.90
C SER B 82 -32.02 1.33 6.67
N SER B 83 -31.52 0.64 5.64
CA SER B 83 -30.07 0.51 5.45
C SER B 83 -29.57 0.75 4.04
N GLN B 84 -28.50 1.55 3.92
CA GLN B 84 -27.75 1.63 2.68
C GLN B 84 -26.86 0.38 2.49
N VAL B 85 -26.17 0.31 1.36
CA VAL B 85 -25.29 -0.80 1.02
C VAL B 85 -23.83 -0.33 0.98
N PHE B 86 -22.92 -1.11 1.56
CA PHE B 86 -21.51 -0.71 1.58
C PHE B 86 -20.66 -1.73 0.84
N PRO B 87 -20.69 -1.70 -0.50
CA PRO B 87 -20.11 -2.81 -1.28
C PRO B 87 -18.60 -2.83 -1.25
N GLU B 88 -17.98 -1.79 -0.69
CA GLU B 88 -16.52 -1.72 -0.61
C GLU B 88 -15.95 -2.75 0.36
N PHE B 89 -16.78 -3.24 1.28
CA PHE B 89 -16.33 -4.24 2.25
C PHE B 89 -16.65 -5.67 1.81
N SER B 90 -17.90 -5.88 1.41
CA SER B 90 -18.36 -7.12 0.77
C SER B 90 -19.68 -6.84 0.08
N ASN B 91 -20.10 -7.74 -0.80
CA ASN B 91 -21.38 -7.56 -1.49
C ASN B 91 -21.94 -8.82 -2.11
N LYS B 92 -21.10 -9.84 -2.26
CA LYS B 92 -21.56 -11.08 -2.87
C LYS B 92 -22.65 -11.77 -2.03
N TRP B 93 -22.56 -11.64 -0.70
CA TRP B 93 -23.59 -12.20 0.18
C TRP B 93 -24.94 -11.59 -0.18
N LEU B 94 -24.92 -10.28 -0.46
CA LEU B 94 -26.13 -9.53 -0.75
C LEU B 94 -26.69 -9.96 -2.11
N GLN B 95 -25.82 -10.15 -3.08
CA GLN B 95 -26.22 -10.63 -4.39
C GLN B 95 -26.85 -12.00 -4.26
N ASP B 96 -26.35 -12.80 -3.32
CA ASP B 96 -26.88 -14.13 -3.09
C ASP B 96 -28.25 -14.15 -2.39
N GLU B 97 -28.49 -13.18 -1.51
CA GLU B 97 -29.70 -13.20 -0.68
C GLU B 97 -30.83 -12.30 -1.16
N LEU B 98 -30.60 -11.57 -2.25
CA LEU B 98 -31.53 -10.56 -2.76
C LEU B 98 -33.00 -10.95 -2.71
N ASP B 99 -33.28 -12.20 -3.06
CA ASP B 99 -34.67 -12.65 -3.17
C ASP B 99 -35.24 -13.26 -1.90
N ARG B 100 -34.46 -13.37 -0.85
CA ARG B 100 -34.97 -13.97 0.37
C ARG B 100 -34.89 -13.11 1.64
N LEU B 101 -34.48 -11.85 1.49
CA LEU B 101 -34.40 -10.92 2.61
C LEU B 101 -35.75 -10.65 3.26
N ASN B 102 -36.82 -10.68 2.49
CA ASN B 102 -38.15 -10.45 3.04
C ASN B 102 -38.81 -11.72 3.56
N LYS B 103 -38.07 -12.82 3.53
CA LYS B 103 -38.59 -14.11 4.00
C LYS B 103 -38.01 -14.52 5.36
N ARG B 104 -37.17 -13.66 5.93
CA ARG B 104 -36.54 -13.95 7.21
C ARG B 104 -37.51 -14.02 8.39
N THR B 105 -37.20 -14.87 9.37
CA THR B 105 -38.00 -14.97 10.59
C THR B 105 -37.88 -13.72 11.44
N GLY B 106 -36.65 -13.25 11.65
CA GLY B 106 -36.41 -11.99 12.33
C GLY B 106 -35.50 -11.14 11.46
N ASP B 107 -35.35 -9.85 11.81
CA ASP B 107 -34.47 -8.95 11.06
C ASP B 107 -34.74 -8.97 9.55
N ALA B 108 -36.02 -8.98 9.19
CA ALA B 108 -36.39 -9.03 7.79
C ALA B 108 -36.17 -7.67 7.13
N PHE B 109 -35.77 -7.68 5.87
CA PHE B 109 -35.60 -6.45 5.10
C PHE B 109 -36.37 -6.51 3.79
N GLN B 110 -37.05 -5.42 3.46
CA GLN B 110 -37.64 -5.28 2.14
C GLN B 110 -36.56 -4.77 1.17
N ILE B 111 -36.78 -4.95 -0.13
CA ILE B 111 -35.92 -4.40 -1.16
C ILE B 111 -36.68 -4.38 -2.47
N SER B 112 -36.76 -3.22 -3.09
CA SER B 112 -37.55 -3.05 -4.31
C SER B 112 -36.92 -3.78 -5.49
N GLU B 113 -37.73 -4.10 -6.49
CA GLU B 113 -37.23 -4.73 -7.70
C GLU B 113 -36.28 -3.80 -8.43
N GLU B 114 -36.59 -2.51 -8.41
CA GLU B 114 -35.72 -1.47 -8.96
C GLU B 114 -34.33 -1.52 -8.31
N SER B 115 -34.29 -1.54 -6.98
CA SER B 115 -33.02 -1.67 -6.26
C SER B 115 -32.24 -2.93 -6.62
N LYS B 116 -32.92 -4.07 -6.73
CA LYS B 116 -32.23 -5.30 -7.09
C LYS B 116 -31.55 -5.12 -8.43
N GLU B 117 -32.26 -4.48 -9.36
CA GLU B 117 -31.78 -4.31 -10.72
C GLU B 117 -30.58 -3.39 -10.74
N LYS B 118 -30.66 -2.30 -10.00
CA LYS B 118 -29.56 -1.35 -9.95
C LYS B 118 -28.30 -1.90 -9.28
N LEU B 119 -28.44 -2.93 -8.46
CA LEU B 119 -27.30 -3.47 -7.75
C LEU B 119 -26.42 -4.37 -8.61
N LYS B 120 -26.96 -4.80 -9.74
CA LYS B 120 -26.22 -5.68 -10.66
C LYS B 120 -24.86 -5.10 -11.07
N ASP B 121 -24.88 -3.86 -11.57
CA ASP B 121 -23.64 -3.20 -11.97
C ASP B 121 -22.69 -3.02 -10.77
N VAL B 122 -23.26 -2.78 -9.59
CA VAL B 122 -22.48 -2.70 -8.36
C VAL B 122 -21.73 -4.01 -8.08
N PHE B 123 -22.44 -5.13 -8.13
CA PHE B 123 -21.83 -6.43 -7.87
C PHE B 123 -20.74 -6.69 -8.89
N GLU B 124 -21.00 -6.25 -10.12
CA GLU B 124 -20.06 -6.41 -11.22
C GLU B 124 -18.78 -5.62 -11.02
N TYR B 125 -18.90 -4.32 -10.77
CA TYR B 125 -17.72 -3.49 -10.57
C TYR B 125 -16.84 -3.92 -9.39
N TRP B 126 -17.46 -4.19 -8.24
CA TRP B 126 -16.69 -4.43 -7.02
C TRP B 126 -16.05 -5.82 -6.90
N ASN B 127 -16.22 -6.64 -7.94
CA ASN B 127 -15.65 -7.98 -7.97
C ASN B 127 -14.13 -7.96 -7.77
N GLY B 128 -13.68 -8.54 -6.67
CA GLY B 128 -12.27 -8.58 -6.36
C GLY B 128 -11.71 -7.33 -5.70
N LYS B 129 -12.52 -6.27 -5.61
CA LYS B 129 -12.03 -4.96 -5.18
C LYS B 129 -12.39 -4.55 -3.76
N THR B 130 -12.91 -5.50 -2.98
CA THR B 130 -13.38 -5.19 -1.63
C THR B 130 -12.30 -5.46 -0.60
N THR B 131 -12.50 -4.97 0.61
CA THR B 131 -11.62 -5.32 1.72
C THR B 131 -11.68 -6.83 2.02
N SER B 132 -12.89 -7.41 1.97
CA SER B 132 -13.02 -8.83 2.30
C SER B 132 -12.18 -9.72 1.39
N GLU B 133 -12.12 -9.41 0.11
CA GLU B 133 -11.40 -10.24 -0.85
C GLU B 133 -9.88 -10.10 -0.71
N LEU B 134 -9.43 -8.90 -0.35
CA LEU B 134 -8.00 -8.72 -0.06
C LEU B 134 -7.63 -9.43 1.25
N ALA B 135 -8.51 -9.34 2.24
CA ALA B 135 -8.30 -9.99 3.53
C ALA B 135 -8.08 -11.49 3.38
N THR B 136 -8.98 -12.15 2.67
CA THR B 136 -8.82 -13.58 2.37
C THR B 136 -7.48 -13.85 1.70
N SER B 137 -7.11 -13.00 0.74
CA SER B 137 -5.82 -13.15 0.04
C SER B 137 -4.62 -13.11 0.98
N TYR B 138 -4.68 -12.25 1.98
CA TYR B 138 -3.60 -12.13 2.97
C TYR B 138 -3.50 -13.31 3.93
N MET B 139 -4.62 -14.01 4.12
CA MET B 139 -4.65 -15.14 5.06
C MET B 139 -3.97 -16.34 4.45
N THR B 140 -3.23 -17.09 5.26
CA THR B 140 -2.68 -18.36 4.81
C THR B 140 -3.79 -19.38 4.64
N GLU B 141 -3.48 -20.47 3.95
CA GLU B 141 -4.44 -21.54 3.75
C GLU B 141 -4.81 -22.18 5.09
N GLU B 142 -3.82 -22.38 5.96
CA GLU B 142 -4.08 -22.97 7.26
C GLU B 142 -5.05 -22.09 8.04
N THR B 143 -4.86 -20.77 7.95
CA THR B 143 -5.76 -19.85 8.61
C THR B 143 -7.18 -19.87 8.03
N ARG B 144 -7.29 -19.92 6.70
CA ARG B 144 -8.61 -19.95 6.07
C ARG B 144 -9.42 -21.14 6.59
N GLU B 145 -8.76 -22.29 6.73
CA GLU B 145 -9.43 -23.45 7.26
C GLU B 145 -9.78 -23.29 8.73
N ALA B 146 -8.86 -22.77 9.52
CA ALA B 146 -9.14 -22.52 10.94
C ALA B 146 -10.33 -21.59 11.13
N VAL B 147 -10.49 -20.64 10.21
CA VAL B 147 -11.59 -19.68 10.21
C VAL B 147 -12.94 -20.35 9.87
N ASN B 148 -12.93 -21.48 9.18
CA ASN B 148 -14.18 -22.13 8.76
C ASN B 148 -14.49 -23.46 9.45
N CYS B 149 -13.95 -23.59 10.66
CA CYS B 149 -14.01 -24.77 11.52
C CYS B 149 -15.19 -24.82 12.47
N ASP B 150 -15.99 -23.76 12.51
CA ASP B 150 -17.00 -23.58 13.58
C ASP B 150 -16.39 -23.49 14.98
N VAL B 151 -15.21 -22.87 15.06
CA VAL B 151 -14.61 -22.56 16.37
C VAL B 151 -14.76 -21.07 16.64
N PHE B 152 -14.43 -20.23 15.66
CA PHE B 152 -14.61 -18.79 15.82
C PHE B 152 -15.10 -18.16 14.53
N THR B 153 -15.38 -16.87 14.60
CA THR B 153 -15.78 -16.11 13.43
C THR B 153 -15.10 -14.76 13.47
N VAL B 154 -14.47 -14.39 12.36
CA VAL B 154 -13.92 -13.06 12.19
C VAL B 154 -14.73 -12.26 11.17
N GLY B 155 -16.01 -12.57 11.11
CA GLY B 155 -16.88 -11.98 10.10
C GLY B 155 -17.12 -10.50 10.24
N ASN B 156 -17.17 -10.03 11.48
CA ASN B 156 -17.59 -8.66 11.76
C ASN B 156 -16.95 -7.59 10.88
N TYR B 157 -15.64 -7.47 10.95
CA TYR B 157 -14.89 -6.51 10.14
C TYR B 157 -14.55 -7.09 8.75
N TYR B 158 -14.87 -8.37 8.56
CA TYR B 158 -14.67 -9.00 7.26
C TYR B 158 -15.72 -8.53 6.26
N TYR B 159 -16.99 -8.65 6.62
CA TYR B 159 -18.08 -8.39 5.67
C TYR B 159 -18.47 -6.93 5.61
N ASN B 160 -18.26 -6.22 6.71
CA ASN B 160 -18.63 -4.81 6.78
C ASN B 160 -17.56 -3.94 7.47
N GLY B 161 -17.88 -2.67 7.69
CA GLY B 161 -16.93 -1.71 8.25
C GLY B 161 -16.56 -2.01 9.69
N VAL B 162 -15.59 -1.25 10.19
CA VAL B 162 -15.03 -1.47 11.52
C VAL B 162 -15.88 -0.78 12.59
N GLY B 163 -15.86 0.56 12.60
CA GLY B 163 -16.58 1.32 13.62
C GLY B 163 -15.97 1.17 15.00
N HIS B 164 -16.82 0.79 15.97
CA HIS B 164 -16.38 0.54 17.35
C HIS B 164 -15.49 1.63 17.89
N VAL B 165 -16.04 2.82 17.98
CA VAL B 165 -15.25 3.99 18.31
C VAL B 165 -16.16 5.09 18.84
N SER B 166 -15.63 5.89 19.77
CA SER B 166 -16.28 7.14 20.15
C SER B 166 -15.33 8.27 19.76
N VAL B 167 -15.67 8.97 18.66
CA VAL B 167 -14.86 10.08 18.17
C VAL B 167 -14.84 11.23 19.16
N ASP B 168 -14.00 12.21 18.89
CA ASP B 168 -13.91 13.42 19.71
C ASP B 168 -15.08 14.37 19.41
N TYR B 169 -16.29 13.98 19.79
CA TYR B 169 -17.47 14.81 19.56
C TYR B 169 -17.27 16.20 20.16
N GLY B 170 -16.78 16.22 21.40
CA GLY B 170 -16.55 17.45 22.12
C GLY B 170 -15.71 18.43 21.34
N LYS B 171 -14.65 17.95 20.71
CA LYS B 171 -13.78 18.81 19.93
C LYS B 171 -14.51 19.38 18.70
N VAL B 172 -15.28 18.54 18.02
CA VAL B 172 -15.93 18.99 16.80
C VAL B 172 -17.07 19.97 17.13
N LEU B 173 -17.74 19.76 18.26
CA LEU B 173 -18.77 20.69 18.69
C LEU B 173 -18.17 22.04 18.99
N ARG B 174 -16.94 22.05 19.46
CA ARG B 174 -16.31 23.30 19.83
C ARG B 174 -15.84 24.06 18.59
N VAL B 175 -15.16 23.37 17.68
CA VAL B 175 -14.48 24.06 16.58
C VAL B 175 -15.12 23.86 15.20
N GLY B 176 -16.13 23.01 15.12
CA GLY B 176 -16.83 22.76 13.88
C GLY B 176 -16.00 22.02 12.85
N PHE B 177 -16.60 21.67 11.72
CA PHE B 177 -15.85 21.09 10.61
C PHE B 177 -14.77 22.04 10.08
N ASN B 178 -15.00 23.35 10.23
CA ASN B 178 -14.00 24.35 9.86
C ASN B 178 -12.72 24.20 10.66
N GLY B 179 -12.87 24.03 11.97
CA GLY B 179 -11.73 23.90 12.86
C GLY B 179 -10.90 22.66 12.52
N ILE B 180 -11.60 21.57 12.23
CA ILE B 180 -10.92 20.36 11.79
C ILE B 180 -10.17 20.62 10.49
N ILE B 181 -10.82 21.30 9.55
CA ILE B 181 -10.15 21.63 8.29
C ILE B 181 -8.89 22.46 8.52
N ASN B 182 -9.01 23.48 9.37
CA ASN B 182 -7.90 24.38 9.65
C ASN B 182 -6.70 23.72 10.35
N GLU B 183 -7.01 22.74 11.20
CA GLU B 183 -5.97 21.97 11.88
C GLU B 183 -5.19 21.21 10.82
N ALA B 184 -5.93 20.60 9.90
CA ALA B 184 -5.31 19.83 8.82
C ALA B 184 -4.48 20.73 7.93
N LYS B 185 -4.97 21.94 7.67
CA LYS B 185 -4.23 22.90 6.85
C LYS B 185 -2.96 23.37 7.55
N GLU B 186 -2.99 23.43 8.89
CA GLU B 186 -1.81 23.78 9.68
C GLU B 186 -0.78 22.67 9.69
N GLN B 187 -1.21 21.41 9.73
CA GLN B 187 -0.24 20.31 9.72
C GLN B 187 0.46 20.27 8.37
N LEU B 188 -0.32 20.49 7.32
CA LEU B 188 0.18 20.60 5.96
C LEU B 188 1.33 21.61 5.91
N GLU B 189 1.15 22.74 6.60
CA GLU B 189 2.17 23.76 6.67
C GLU B 189 3.40 23.29 7.44
N LYS B 190 3.19 22.76 8.64
CA LYS B 190 4.27 22.20 9.44
C LYS B 190 5.03 21.10 8.70
N ASN B 191 4.32 20.33 7.89
CA ASN B 191 4.89 19.17 7.23
C ASN B 191 5.63 19.49 5.96
N ARG B 192 5.59 20.73 5.51
CA ARG B 192 6.26 20.99 4.24
C ARG B 192 7.76 20.75 4.35
N SER B 193 8.24 19.91 3.45
CA SER B 193 9.56 19.33 3.56
C SER B 193 9.85 18.54 2.29
N ILE B 194 11.12 18.27 2.04
CA ILE B 194 11.56 17.51 0.88
C ILE B 194 11.70 16.02 1.22
N ASP B 195 11.59 15.70 2.51
CA ASP B 195 11.53 14.32 2.98
C ASP B 195 10.33 13.63 2.34
N PRO B 196 10.56 12.48 1.68
CA PRO B 196 9.49 11.77 0.98
C PRO B 196 8.37 11.24 1.89
N ASP B 197 8.68 11.01 3.17
CA ASP B 197 7.67 10.59 4.14
C ASP B 197 6.46 11.49 4.15
N PHE B 198 6.64 12.74 3.74
CA PHE B 198 5.54 13.69 3.80
C PHE B 198 4.59 13.60 2.61
N ILE B 199 5.00 12.87 1.58
CA ILE B 199 4.15 12.67 0.38
C ILE B 199 2.82 11.98 0.71
N LYS B 200 2.89 10.81 1.33
CA LYS B 200 1.68 10.10 1.74
C LYS B 200 0.88 10.83 2.83
N LYS B 201 1.58 11.50 3.75
CA LYS B 201 0.90 12.28 4.79
C LYS B 201 0.09 13.42 4.17
N GLU B 202 0.62 13.98 3.09
CA GLU B 202 -0.04 15.07 2.41
C GLU B 202 -1.37 14.62 1.81
N LYS B 203 -1.35 13.45 1.18
CA LYS B 203 -2.57 12.93 0.60
C LYS B 203 -3.59 12.62 1.70
N PHE B 204 -3.12 12.13 2.85
CA PHE B 204 -4.02 11.92 3.98
C PHE B 204 -4.65 13.23 4.44
N LEU B 205 -3.82 14.26 4.63
CA LEU B 205 -4.35 15.55 5.09
C LEU B 205 -5.33 16.20 4.10
N ASN B 206 -4.98 16.21 2.81
CA ASN B 206 -5.89 16.68 1.77
C ASN B 206 -7.20 15.92 1.79
N SER B 207 -7.13 14.62 2.08
CA SER B 207 -8.32 13.78 2.08
C SER B 207 -9.22 14.16 3.24
N VAL B 208 -8.61 14.45 4.38
CA VAL B 208 -9.34 14.93 5.53
C VAL B 208 -10.12 16.20 5.16
N ILE B 209 -9.43 17.11 4.46
CA ILE B 209 -10.02 18.41 4.09
C ILE B 209 -11.19 18.23 3.15
N ILE B 210 -10.99 17.45 2.09
CA ILE B 210 -12.04 17.15 1.13
C ILE B 210 -13.24 16.55 1.83
N SER B 211 -12.95 15.69 2.81
CA SER B 211 -13.99 14.99 3.56
C SER B 211 -14.78 15.94 4.45
N CYS B 212 -14.07 16.75 5.22
CA CYS B 212 -14.77 17.71 6.05
C CYS B 212 -15.48 18.78 5.23
N GLU B 213 -14.96 19.13 4.06
CA GLU B 213 -15.66 20.07 3.16
C GLU B 213 -16.96 19.45 2.62
N ALA B 214 -16.93 18.15 2.33
CA ALA B 214 -18.14 17.45 1.92
C ALA B 214 -19.12 17.42 3.08
N ALA B 215 -18.62 17.27 4.30
CA ALA B 215 -19.49 17.29 5.47
C ALA B 215 -20.24 18.61 5.54
N ILE B 216 -19.53 19.70 5.26
CA ILE B 216 -20.15 21.01 5.25
C ILE B 216 -21.25 21.08 4.19
N THR B 217 -20.96 20.54 3.01
CA THR B 217 -21.92 20.53 1.91
C THR B 217 -23.20 19.82 2.30
N TYR B 218 -23.03 18.71 3.01
CA TYR B 218 -24.14 17.84 3.36
C TYR B 218 -25.10 18.54 4.31
N VAL B 219 -24.53 19.16 5.33
CA VAL B 219 -25.32 19.94 6.27
C VAL B 219 -26.07 21.05 5.53
N ASN B 220 -25.37 21.75 4.63
CA ASN B 220 -25.99 22.81 3.88
C ASN B 220 -27.17 22.34 3.03
N ARG B 221 -27.13 21.07 2.60
CA ARG B 221 -28.26 20.52 1.85
C ARG B 221 -29.52 20.42 2.70
N TYR B 222 -29.35 20.05 3.97
CA TYR B 222 -30.48 20.04 4.88
C TYR B 222 -31.02 21.43 5.10
N ALA B 223 -30.11 22.40 5.22
CA ALA B 223 -30.50 23.78 5.46
C ALA B 223 -31.43 24.27 4.35
N LYS B 224 -31.06 23.91 3.12
CA LYS B 224 -31.81 24.29 1.94
C LYS B 224 -33.16 23.57 1.90
N LYS B 225 -33.14 22.25 2.10
CA LYS B 225 -34.37 21.46 2.10
C LYS B 225 -35.36 21.90 3.19
N ALA B 226 -34.84 22.30 4.35
CA ALA B 226 -35.65 22.78 5.46
C ALA B 226 -36.43 24.03 5.07
N LYS B 227 -35.74 24.93 4.36
CA LYS B 227 -36.31 26.17 3.87
C LYS B 227 -37.41 25.87 2.84
N GLU B 228 -37.09 25.01 1.89
CA GLU B 228 -38.03 24.69 0.82
C GLU B 228 -39.29 24.07 1.41
N ILE B 229 -39.13 23.27 2.45
CA ILE B 229 -40.30 22.69 3.09
C ILE B 229 -41.07 23.76 3.85
N ALA B 230 -40.36 24.67 4.52
CA ALA B 230 -41.03 25.76 5.22
C ALA B 230 -41.90 26.58 4.26
N ASP B 231 -41.35 26.91 3.09
CA ASP B 231 -42.03 27.74 2.10
C ASP B 231 -43.39 27.16 1.66
N ASN B 232 -43.58 25.86 1.84
CA ASN B 232 -44.85 25.23 1.48
C ASN B 232 -45.61 24.65 2.67
N THR B 233 -45.31 25.15 3.86
CA THR B 233 -46.02 24.74 5.08
C THR B 233 -46.95 25.85 5.51
N SER B 234 -48.24 25.53 5.61
CA SER B 234 -49.25 26.50 6.06
C SER B 234 -49.16 26.79 7.53
N ASP B 235 -49.23 25.73 8.32
CA ASP B 235 -49.18 25.84 9.77
C ASP B 235 -48.02 26.72 10.23
N ALA B 236 -48.36 27.83 10.89
CA ALA B 236 -47.36 28.82 11.26
C ALA B 236 -46.29 28.25 12.18
N LYS B 237 -46.72 27.37 13.10
CA LYS B 237 -45.82 26.80 14.09
C LYS B 237 -44.79 25.89 13.45
N ARG B 238 -45.26 24.96 12.62
CA ARG B 238 -44.38 24.05 11.94
C ARG B 238 -43.50 24.79 10.92
N LYS B 239 -44.04 25.85 10.31
CA LYS B 239 -43.24 26.66 9.38
C LYS B 239 -42.06 27.29 10.11
N ALA B 240 -42.33 27.77 11.33
CA ALA B 240 -41.29 28.42 12.11
C ALA B 240 -40.22 27.41 12.59
N GLU B 241 -40.63 26.18 12.84
CA GLU B 241 -39.72 25.13 13.26
C GLU B 241 -38.75 24.85 12.13
N LEU B 242 -39.29 24.75 10.92
CA LEU B 242 -38.48 24.43 9.76
C LEU B 242 -37.49 25.54 9.43
N ASN B 243 -37.94 26.79 9.52
CA ASN B 243 -37.08 27.95 9.31
C ASN B 243 -35.94 28.02 10.33
N GLU B 244 -36.23 27.60 11.55
CA GLU B 244 -35.24 27.57 12.63
C GLU B 244 -34.21 26.44 12.41
N ILE B 245 -34.72 25.27 12.02
CA ILE B 245 -33.89 24.17 11.55
C ILE B 245 -32.93 24.65 10.46
N ALA B 246 -33.45 25.34 9.45
CA ALA B 246 -32.63 25.90 8.38
C ALA B 246 -31.53 26.81 8.92
N LYS B 247 -31.90 27.69 9.84
CA LYS B 247 -30.96 28.60 10.46
C LYS B 247 -29.87 27.84 11.22
N ILE B 248 -30.26 26.82 11.96
CA ILE B 248 -29.31 26.08 12.76
C ILE B 248 -28.35 25.26 11.89
N CYS B 249 -28.87 24.69 10.81
CA CYS B 249 -28.02 23.92 9.92
C CYS B 249 -27.02 24.81 9.22
N SER B 250 -27.45 25.97 8.74
CA SER B 250 -26.54 26.90 8.07
C SER B 250 -25.41 27.32 9.00
N LYS B 251 -25.72 27.38 10.29
CA LYS B 251 -24.75 27.78 11.29
C LYS B 251 -23.75 26.68 11.66
N VAL B 252 -24.19 25.43 11.77
CA VAL B 252 -23.28 24.35 12.17
C VAL B 252 -22.70 23.57 10.98
N SER B 253 -22.95 24.09 9.78
CA SER B 253 -22.28 23.58 8.60
C SER B 253 -20.92 24.28 8.51
N GLY B 254 -20.04 23.99 9.46
CA GLY B 254 -18.74 24.61 9.41
C GLY B 254 -18.33 25.16 10.74
N GLU B 255 -19.21 25.94 11.35
CA GLU B 255 -18.90 26.53 12.63
C GLU B 255 -19.19 25.55 13.77
N GLY B 256 -18.57 25.76 14.92
CA GLY B 256 -18.89 25.01 16.11
C GLY B 256 -20.19 25.54 16.69
N ALA B 257 -20.83 24.75 17.55
CA ALA B 257 -22.11 25.11 18.12
C ALA B 257 -21.97 26.12 19.24
N LYS B 258 -23.01 26.92 19.46
CA LYS B 258 -23.05 27.75 20.66
C LYS B 258 -24.24 27.41 21.52
N SER B 259 -25.42 27.37 20.92
CA SER B 259 -26.64 27.08 21.68
C SER B 259 -26.74 25.57 21.88
N PHE B 260 -27.70 25.16 22.71
CA PHE B 260 -27.87 23.73 22.96
C PHE B 260 -28.50 23.02 21.75
N TYR B 261 -29.42 23.72 21.09
CA TYR B 261 -30.07 23.21 19.89
C TYR B 261 -29.00 23.01 18.82
N GLU B 262 -28.14 24.00 18.65
CA GLU B 262 -27.03 23.89 17.69
C GLU B 262 -26.15 22.68 18.00
N ALA B 263 -25.90 22.44 19.28
CA ALA B 263 -25.05 21.33 19.71
C ALA B 263 -25.69 19.99 19.39
N CYS B 264 -27.00 19.88 19.63
CA CYS B 264 -27.74 18.66 19.34
C CYS B 264 -27.75 18.33 17.85
N GLN B 265 -27.94 19.33 17.02
CA GLN B 265 -27.97 19.13 15.58
C GLN B 265 -26.58 18.82 15.02
N LEU B 266 -25.57 19.56 15.47
CA LEU B 266 -24.21 19.28 15.04
C LEU B 266 -23.83 17.89 15.49
N PHE B 267 -24.16 17.57 16.75
CA PHE B 267 -23.91 16.22 17.26
C PHE B 267 -24.43 15.17 16.28
N TRP B 268 -25.68 15.33 15.86
CA TRP B 268 -26.31 14.33 15.02
C TRP B 268 -25.64 14.25 13.64
N PHE B 269 -25.25 15.39 13.09
CA PHE B 269 -24.60 15.39 11.79
C PHE B 269 -23.24 14.70 11.82
N ILE B 270 -22.49 14.88 12.91
CA ILE B 270 -21.22 14.18 13.09
C ILE B 270 -21.51 12.68 13.10
N HIS B 271 -22.42 12.28 13.99
CA HIS B 271 -22.78 10.88 14.13
C HIS B 271 -23.28 10.27 12.81
N ALA B 272 -24.19 10.98 12.16
CA ALA B 272 -24.78 10.50 10.93
C ALA B 272 -23.76 10.33 9.82
N ILE B 273 -22.94 11.36 9.61
CA ILE B 273 -21.99 11.33 8.50
C ILE B 273 -21.01 10.17 8.66
N ILE B 274 -20.56 9.94 9.90
CA ILE B 274 -19.76 8.76 10.22
C ILE B 274 -20.38 7.50 9.66
N ASN B 275 -21.68 7.34 9.90
CA ASN B 275 -22.46 6.19 9.42
C ASN B 275 -22.70 6.22 7.91
N ILE B 276 -22.34 7.30 7.25
CA ILE B 276 -22.41 7.31 5.79
C ILE B 276 -21.08 6.86 5.19
N GLU B 277 -20.00 7.26 5.84
CA GLU B 277 -18.67 6.89 5.35
C GLU B 277 -18.49 5.38 5.40
N SER B 278 -18.93 4.78 6.49
CA SER B 278 -18.74 3.37 6.71
C SER B 278 -19.90 2.79 7.53
N ASN B 279 -20.15 1.50 7.37
CA ASN B 279 -21.20 0.85 8.15
C ASN B 279 -20.69 0.03 9.33
N GLY B 280 -19.46 0.28 9.76
CA GLY B 280 -18.97 -0.28 11.01
C GLY B 280 -19.91 0.16 12.12
N HIS B 281 -20.36 -0.77 12.95
CA HIS B 281 -21.34 -0.40 13.99
C HIS B 281 -20.64 -0.08 15.31
N SER B 282 -21.40 -0.01 16.39
CA SER B 282 -20.88 0.43 17.68
C SER B 282 -20.26 1.82 17.64
N ILE B 283 -20.74 2.66 16.72
CA ILE B 283 -20.41 4.08 16.72
C ILE B 283 -21.07 4.66 17.97
N SER B 284 -20.28 4.88 19.02
CA SER B 284 -20.83 5.14 20.36
C SER B 284 -20.63 6.57 20.86
N PRO B 285 -21.73 7.26 21.17
CA PRO B 285 -21.67 8.64 21.68
C PRO B 285 -20.86 8.77 22.96
N ALA B 286 -20.76 7.68 23.71
CA ALA B 286 -20.04 7.68 24.99
C ALA B 286 -20.53 8.74 25.98
N ARG B 287 -19.63 9.60 26.47
CA ARG B 287 -19.96 10.48 27.60
C ARG B 287 -20.74 11.73 27.18
N PHE B 288 -21.87 11.47 26.52
CA PHE B 288 -22.80 12.48 26.03
C PHE B 288 -23.11 13.55 27.08
N ASP B 289 -23.25 13.14 28.34
CA ASP B 289 -23.58 14.11 29.38
C ASP B 289 -22.38 15.02 29.71
N GLN B 290 -21.17 14.54 29.42
CA GLN B 290 -20.00 15.36 29.72
C GLN B 290 -19.73 16.43 28.65
N TYR B 291 -19.88 16.08 27.37
CA TYR B 291 -19.64 17.09 26.34
C TYR B 291 -20.86 17.91 25.95
N MET B 292 -22.07 17.45 26.27
CA MET B 292 -23.27 18.21 25.95
C MET B 292 -23.70 19.14 27.09
N TYR B 293 -23.34 18.80 28.32
CA TYR B 293 -23.75 19.60 29.46
C TYR B 293 -23.36 21.09 29.37
N PRO B 294 -22.09 21.40 29.00
CA PRO B 294 -21.72 22.81 28.89
C PRO B 294 -22.63 23.60 27.94
N TYR B 295 -22.99 23.00 26.82
CA TYR B 295 -23.89 23.67 25.87
C TYR B 295 -25.27 23.91 26.49
N TYR B 296 -25.75 22.95 27.29
CA TYR B 296 -26.99 23.12 28.05
C TYR B 296 -26.88 24.24 29.08
N GLU B 297 -25.79 24.23 29.85
CA GLU B 297 -25.63 25.13 30.99
C GLU B 297 -25.40 26.58 30.58
N ASN B 298 -24.71 26.79 29.47
CA ASN B 298 -24.44 28.14 28.97
C ASN B 298 -25.60 28.72 28.20
N ASP B 299 -26.55 27.88 27.82
CA ASP B 299 -27.70 28.33 27.04
C ASP B 299 -28.69 29.00 27.96
N LYS B 300 -28.70 30.31 27.97
CA LYS B 300 -29.51 31.05 28.93
C LYS B 300 -30.95 31.29 28.48
N ASN B 301 -31.35 30.70 27.34
CA ASN B 301 -32.71 30.90 26.82
C ASN B 301 -33.57 29.64 26.81
N ILE B 302 -32.95 28.50 26.54
CA ILE B 302 -33.70 27.26 26.37
C ILE B 302 -34.34 26.85 27.69
N THR B 303 -35.54 26.28 27.60
CA THR B 303 -36.21 25.74 28.78
C THR B 303 -35.83 24.28 28.95
N ASP B 304 -35.95 23.77 30.17
CA ASP B 304 -35.63 22.38 30.42
C ASP B 304 -36.52 21.48 29.57
N LYS B 305 -37.81 21.82 29.49
CA LYS B 305 -38.72 21.04 28.65
C LYS B 305 -38.23 20.92 27.19
N PHE B 306 -37.83 22.05 26.60
CA PHE B 306 -37.42 22.04 25.19
C PHE B 306 -36.09 21.29 25.02
N ALA B 307 -35.17 21.53 25.96
CA ALA B 307 -33.92 20.80 26.02
C ALA B 307 -34.18 19.29 26.10
N GLN B 308 -35.14 18.88 26.93
CA GLN B 308 -35.52 17.49 27.02
C GLN B 308 -36.12 16.96 25.71
N GLU B 309 -36.96 17.78 25.06
CA GLU B 309 -37.56 17.37 23.79
C GLU B 309 -36.46 17.16 22.74
N LEU B 310 -35.52 18.10 22.70
CA LEU B 310 -34.37 18.01 21.83
C LEU B 310 -33.59 16.73 22.07
N ILE B 311 -33.39 16.39 23.34
CA ILE B 311 -32.69 15.16 23.65
C ILE B 311 -33.50 13.96 23.20
N ASP B 312 -34.80 13.96 23.49
CA ASP B 312 -35.69 12.88 23.03
C ASP B 312 -35.63 12.70 21.51
N CYS B 313 -35.51 13.81 20.77
CA CYS B 313 -35.37 13.74 19.30
C CYS B 313 -34.09 13.03 18.86
N ILE B 314 -32.98 13.32 19.55
CA ILE B 314 -31.73 12.60 19.35
C ILE B 314 -31.96 11.10 19.57
N TRP B 315 -32.57 10.76 20.71
CA TRP B 315 -32.86 9.37 21.02
C TRP B 315 -33.56 8.69 19.88
N ILE B 316 -34.52 9.37 19.27
CA ILE B 316 -35.30 8.76 18.21
C ILE B 316 -34.49 8.62 16.94
N LYS B 317 -33.73 9.66 16.61
CA LYS B 317 -32.81 9.61 15.46
C LYS B 317 -31.84 8.46 15.60
N LEU B 318 -31.40 8.18 16.83
CA LEU B 318 -30.45 7.11 17.06
C LEU B 318 -31.06 5.76 16.66
N ASN B 319 -32.39 5.69 16.63
CA ASN B 319 -33.09 4.50 16.20
C ASN B 319 -33.39 4.47 14.69
N ASP B 320 -33.10 5.57 14.01
CA ASP B 320 -33.35 5.65 12.58
C ASP B 320 -32.29 4.91 11.75
N ILE B 321 -31.10 4.76 12.33
CA ILE B 321 -30.03 4.08 11.62
C ILE B 321 -30.21 2.57 11.74
N ASN B 322 -29.97 1.86 10.63
CA ASN B 322 -30.07 0.40 10.62
C ASN B 322 -29.01 -0.11 9.64
N LYS B 323 -28.76 -1.42 9.64
CA LYS B 323 -27.66 -1.98 8.85
C LYS B 323 -27.99 -3.43 8.47
N VAL B 324 -28.07 -3.71 7.17
CA VAL B 324 -28.35 -5.07 6.75
C VAL B 324 -27.08 -5.91 6.76
N ARG B 325 -27.21 -7.15 7.20
CA ARG B 325 -26.06 -8.05 7.27
C ARG B 325 -26.46 -9.37 6.64
N ASP B 326 -25.47 -10.19 6.32
CA ASP B 326 -25.74 -11.51 5.75
C ASP B 326 -26.53 -12.41 6.72
N GLU B 327 -27.10 -13.48 6.18
CA GLU B 327 -27.90 -14.46 6.92
C GLU B 327 -27.24 -14.99 8.19
N ILE B 328 -25.97 -15.36 8.08
CA ILE B 328 -25.25 -15.94 9.19
C ILE B 328 -24.93 -14.86 10.21
N SER B 329 -24.41 -13.73 9.72
CA SER B 329 -23.97 -12.67 10.62
C SER B 329 -25.14 -12.09 11.39
N THR B 330 -26.30 -12.05 10.75
CA THR B 330 -27.52 -11.56 11.39
C THR B 330 -27.82 -12.37 12.66
N LYS B 331 -27.34 -13.61 12.70
CA LYS B 331 -27.53 -14.44 13.90
C LYS B 331 -26.62 -13.96 15.02
N HIS B 332 -25.49 -13.38 14.65
CA HIS B 332 -24.52 -12.89 15.62
C HIS B 332 -25.05 -11.58 16.20
N PHE B 333 -25.88 -10.89 15.41
CA PHE B 333 -26.35 -9.55 15.79
C PHE B 333 -27.85 -9.38 15.57
N GLY B 334 -28.66 -10.09 16.34
CA GLY B 334 -30.11 -10.04 16.15
C GLY B 334 -30.79 -8.80 16.70
N GLY B 335 -31.83 -8.35 16.02
CA GLY B 335 -32.68 -7.28 16.53
C GLY B 335 -32.43 -5.92 15.92
N TYR B 336 -32.01 -5.89 14.65
CA TYR B 336 -31.65 -4.65 13.98
C TYR B 336 -30.64 -3.78 14.78
N PRO B 337 -29.62 -4.41 15.41
CA PRO B 337 -28.84 -3.63 16.37
C PRO B 337 -27.73 -2.79 15.74
N MET B 338 -27.59 -1.56 16.24
CA MET B 338 -26.48 -0.69 15.86
C MET B 338 -25.48 -0.55 17.02
N TYR B 339 -25.93 -0.85 18.23
CA TYR B 339 -25.07 -0.85 19.43
C TYR B 339 -24.41 0.52 19.66
N GLN B 340 -25.17 1.59 19.54
CA GLN B 340 -24.65 2.92 19.78
C GLN B 340 -24.69 3.23 21.27
N ASN B 341 -23.60 2.91 21.96
CA ASN B 341 -23.56 3.05 23.41
C ASN B 341 -23.38 4.49 23.87
N LEU B 342 -24.15 4.87 24.88
CA LEU B 342 -24.16 6.23 25.41
C LEU B 342 -24.20 6.08 26.92
N ILE B 343 -23.20 6.65 27.59
CA ILE B 343 -23.01 6.47 29.01
C ILE B 343 -23.11 7.82 29.74
N VAL B 344 -23.59 7.79 30.98
CA VAL B 344 -23.72 9.01 31.78
C VAL B 344 -23.24 8.76 33.20
N GLY B 345 -22.91 9.84 33.91
CA GLY B 345 -22.36 9.72 35.25
C GLY B 345 -20.91 9.28 35.25
N GLY B 346 -20.42 8.94 36.43
CA GLY B 346 -19.03 8.54 36.57
C GLY B 346 -18.25 9.65 37.21
N GLN B 347 -16.94 9.59 37.05
CA GLN B 347 -16.07 10.63 37.60
C GLN B 347 -15.31 11.33 36.47
N ASN B 348 -14.68 12.45 36.79
CA ASN B 348 -13.81 13.13 35.83
C ASN B 348 -12.36 12.72 35.95
N SER B 349 -11.50 13.49 35.31
CA SER B 349 -10.07 13.20 35.31
C SER B 349 -9.42 13.45 36.66
N GLU B 350 -10.08 14.25 37.49
CA GLU B 350 -9.56 14.59 38.81
C GLU B 350 -9.98 13.58 39.86
N GLY B 351 -10.83 12.62 39.46
CA GLY B 351 -11.39 11.67 40.39
C GLY B 351 -12.53 12.22 41.24
N LYS B 352 -13.18 13.28 40.74
CA LYS B 352 -14.38 13.81 41.39
C LYS B 352 -15.63 13.43 40.59
N ASP B 353 -16.77 13.38 41.25
CA ASP B 353 -17.99 12.95 40.58
C ASP B 353 -18.42 13.92 39.51
N ALA B 354 -18.96 13.39 38.42
CA ALA B 354 -19.28 14.16 37.24
C ALA B 354 -20.79 14.16 36.92
N THR B 355 -21.61 13.71 37.85
CA THR B 355 -23.06 13.68 37.60
C THR B 355 -23.52 15.10 37.31
N ASN B 356 -24.28 15.28 36.23
CA ASN B 356 -24.85 16.59 35.91
C ASN B 356 -26.28 16.46 35.41
N LYS B 357 -26.91 17.59 35.16
CA LYS B 357 -28.29 17.64 34.70
C LYS B 357 -28.51 16.80 33.44
N VAL B 358 -27.57 16.83 32.52
CA VAL B 358 -27.74 16.05 31.30
C VAL B 358 -27.70 14.54 31.59
N SER B 359 -26.97 14.13 32.61
CA SER B 359 -26.93 12.72 33.00
C SER B 359 -28.34 12.25 33.32
N TYR B 360 -29.09 13.09 34.05
CA TYR B 360 -30.48 12.78 34.37
C TYR B 360 -31.44 12.88 33.18
N MET B 361 -31.23 13.86 32.30
CA MET B 361 -32.07 14.01 31.12
C MET B 361 -31.92 12.83 30.14
N ALA B 362 -30.76 12.17 30.18
CA ALA B 362 -30.55 10.96 29.41
C ALA B 362 -31.40 9.83 29.94
N LEU B 363 -31.36 9.63 31.27
CA LEU B 363 -32.17 8.60 31.91
C LEU B 363 -33.66 8.85 31.62
N GLU B 364 -34.08 10.11 31.73
CA GLU B 364 -35.46 10.52 31.42
C GLU B 364 -35.82 10.22 29.96
N ALA B 365 -34.85 10.37 29.06
CA ALA B 365 -35.10 10.16 27.64
C ALA B 365 -35.41 8.72 27.34
N ALA B 366 -34.74 7.82 28.05
CA ALA B 366 -35.00 6.39 27.88
C ALA B 366 -36.50 6.08 28.06
N VAL B 367 -37.12 6.74 29.03
CA VAL B 367 -38.52 6.47 29.39
C VAL B 367 -39.49 7.26 28.52
N HIS B 368 -39.07 8.45 28.09
CA HIS B 368 -39.81 9.24 27.14
C HIS B 368 -40.00 8.54 25.79
N VAL B 369 -38.99 7.76 25.39
CA VAL B 369 -38.88 7.24 24.03
C VAL B 369 -39.09 5.72 23.97
N LYS B 370 -38.43 4.99 24.86
CA LYS B 370 -38.65 3.55 25.00
C LYS B 370 -38.40 2.78 23.73
N LEU B 371 -37.34 3.14 23.01
CA LEU B 371 -36.91 2.39 21.84
C LEU B 371 -35.59 1.66 22.16
N PRO B 372 -35.15 0.75 21.27
CA PRO B 372 -33.96 -0.03 21.61
C PRO B 372 -32.66 0.78 21.70
N GLN B 373 -32.59 1.88 20.97
CA GLN B 373 -31.40 2.70 20.92
C GLN B 373 -31.70 4.03 21.62
N PRO B 374 -30.68 4.71 22.17
CA PRO B 374 -29.29 4.24 22.19
C PRO B 374 -29.11 3.20 23.28
N SER B 375 -27.99 2.48 23.28
CA SER B 375 -27.70 1.55 24.36
C SER B 375 -27.26 2.37 25.56
N LEU B 376 -28.21 2.76 26.40
CA LEU B 376 -27.94 3.65 27.51
C LEU B 376 -27.26 2.93 28.70
N SER B 377 -26.27 3.61 29.26
CA SER B 377 -25.41 3.07 30.32
C SER B 377 -25.14 4.12 31.38
N VAL B 378 -24.82 3.67 32.58
CA VAL B 378 -24.32 4.57 33.61
C VAL B 378 -23.00 4.05 34.17
N ARG B 379 -22.11 4.96 34.52
CA ARG B 379 -20.91 4.60 35.25
C ARG B 379 -21.21 4.65 36.75
N ILE B 380 -20.72 3.65 37.48
CA ILE B 380 -20.85 3.56 38.93
C ILE B 380 -19.45 3.57 39.53
N TRP B 381 -19.28 4.31 40.63
CA TRP B 381 -18.03 4.22 41.38
C TRP B 381 -18.26 4.39 42.87
N ASN B 382 -17.17 4.51 43.63
CA ASN B 382 -17.30 4.59 45.07
C ASN B 382 -18.14 5.76 45.56
N LYS B 383 -18.05 6.88 44.87
CA LYS B 383 -18.71 8.07 45.36
C LYS B 383 -19.86 8.43 44.44
N THR B 384 -20.42 7.42 43.78
CA THR B 384 -21.66 7.63 43.02
C THR B 384 -22.72 8.13 43.98
N PRO B 385 -23.34 9.28 43.65
CA PRO B 385 -24.42 9.81 44.49
C PRO B 385 -25.60 8.86 44.53
N ASP B 386 -26.13 8.58 45.72
CA ASP B 386 -27.30 7.71 45.90
C ASP B 386 -28.48 8.06 44.99
N GLU B 387 -28.76 9.35 44.83
CA GLU B 387 -29.84 9.85 43.97
C GLU B 387 -29.69 9.31 42.56
N PHE B 388 -28.45 9.37 42.06
CA PHE B 388 -28.13 8.89 40.73
C PHE B 388 -28.37 7.37 40.59
N LEU B 389 -27.81 6.59 41.53
CA LEU B 389 -27.97 5.13 41.47
C LEU B 389 -29.44 4.72 41.60
N LEU B 390 -30.17 5.36 42.52
CA LEU B 390 -31.58 5.06 42.67
C LEU B 390 -32.37 5.47 41.43
N ARG B 391 -32.00 6.59 40.83
CA ARG B 391 -32.63 7.00 39.58
C ARG B 391 -32.37 5.98 38.48
N ALA B 392 -31.15 5.46 38.41
CA ALA B 392 -30.83 4.39 37.47
C ALA B 392 -31.67 3.14 37.77
N ALA B 393 -31.84 2.83 39.06
CA ALA B 393 -32.66 1.70 39.47
C ALA B 393 -34.08 1.87 38.97
N GLU B 394 -34.63 3.07 39.16
CA GLU B 394 -35.97 3.41 38.70
C GLU B 394 -36.14 3.18 37.20
N LEU B 395 -35.09 3.47 36.45
CA LEU B 395 -35.09 3.22 35.01
C LEU B 395 -35.13 1.71 34.75
N THR B 396 -34.29 0.98 35.46
CA THR B 396 -34.29 -0.49 35.38
C THR B 396 -35.68 -1.10 35.61
N ARG B 397 -36.41 -0.54 36.57
CA ARG B 397 -37.76 -0.98 36.87
C ARG B 397 -38.75 -0.79 35.70
N GLU B 398 -38.47 0.16 34.81
CA GLU B 398 -39.33 0.38 33.64
C GLU B 398 -39.41 -0.83 32.74
N GLY B 399 -38.39 -1.69 32.82
CA GLY B 399 -38.40 -2.93 32.08
C GLY B 399 -37.89 -2.85 30.66
N LEU B 400 -37.09 -1.83 30.38
CA LEU B 400 -36.51 -1.66 29.05
C LEU B 400 -35.19 -2.39 28.94
N GLY B 401 -34.69 -2.90 30.06
CA GLY B 401 -33.39 -3.56 30.09
C GLY B 401 -32.27 -2.54 30.27
N LEU B 402 -32.67 -1.29 30.44
CA LEU B 402 -31.71 -0.20 30.63
C LEU B 402 -31.75 0.24 32.08
N PRO B 403 -30.65 0.82 32.58
CA PRO B 403 -29.41 1.01 31.83
C PRO B 403 -28.48 -0.15 32.08
N ALA B 404 -27.41 -0.25 31.30
CA ALA B 404 -26.33 -1.16 31.64
C ALA B 404 -25.45 -0.44 32.65
N TYR B 405 -25.00 -1.15 33.68
CA TYR B 405 -24.16 -0.54 34.73
C TYR B 405 -22.70 -0.97 34.52
N TYR B 406 -21.77 -0.04 34.72
CA TYR B 406 -20.34 -0.29 34.50
C TYR B 406 -19.51 0.14 35.71
N ASN B 407 -18.57 -0.69 36.10
CA ASN B 407 -17.82 -0.45 37.33
C ASN B 407 -16.50 0.29 37.15
N ASP B 408 -16.51 1.59 37.45
CA ASP B 408 -15.30 2.42 37.40
C ASP B 408 -14.16 1.78 38.15
N GLU B 409 -14.47 1.15 39.27
CA GLU B 409 -13.43 0.66 40.18
C GLU B 409 -12.54 -0.44 39.56
N VAL B 410 -13.09 -1.28 38.67
CA VAL B 410 -12.27 -2.26 37.96
C VAL B 410 -11.78 -1.72 36.61
N ILE B 411 -12.67 -1.06 35.89
CA ILE B 411 -12.36 -0.62 34.53
C ILE B 411 -11.19 0.34 34.49
N ILE B 412 -11.16 1.29 35.42
CA ILE B 412 -10.09 2.27 35.46
C ILE B 412 -8.67 1.66 35.62
N PRO B 413 -8.46 0.82 36.66
CA PRO B 413 -7.14 0.18 36.78
C PRO B 413 -6.86 -0.71 35.56
N ALA B 414 -7.88 -1.39 35.07
CA ALA B 414 -7.75 -2.28 33.91
C ALA B 414 -7.21 -1.51 32.72
N LEU B 415 -7.79 -0.33 32.46
CA LEU B 415 -7.34 0.53 31.36
C LEU B 415 -5.91 1.06 31.54
N VAL B 416 -5.58 1.49 32.75
CA VAL B 416 -4.24 2.00 33.01
C VAL B 416 -3.22 0.87 32.83
N SER B 417 -3.60 -0.32 33.26
CA SER B 417 -2.82 -1.54 33.03
C SER B 417 -2.49 -1.71 31.54
N ARG B 418 -3.44 -1.36 30.68
CA ARG B 418 -3.28 -1.50 29.24
C ARG B 418 -2.55 -0.32 28.58
N GLY B 419 -2.12 0.66 29.37
CA GLY B 419 -1.30 1.73 28.84
C GLY B 419 -1.93 3.10 28.81
N LEU B 420 -3.18 3.24 29.27
CA LEU B 420 -3.78 4.57 29.29
C LEU B 420 -3.24 5.36 30.48
N THR B 421 -3.16 6.67 30.36
CA THR B 421 -2.87 7.46 31.55
C THR B 421 -4.04 7.37 32.51
N LEU B 422 -3.80 7.70 33.77
CA LEU B 422 -4.86 7.70 34.75
C LEU B 422 -5.95 8.70 34.35
N GLU B 423 -5.54 9.87 33.85
CA GLU B 423 -6.50 10.86 33.38
C GLU B 423 -7.39 10.32 32.25
N ASP B 424 -6.75 9.71 31.25
CA ASP B 424 -7.49 9.16 30.12
C ASP B 424 -8.42 8.03 30.56
N ALA B 425 -7.92 7.13 31.41
CA ALA B 425 -8.72 6.02 31.88
C ALA B 425 -9.94 6.49 32.70
N ARG B 426 -9.75 7.48 33.55
CA ARG B 426 -10.86 8.00 34.33
C ARG B 426 -11.99 8.58 33.47
N ASP B 427 -11.66 8.91 32.22
CA ASP B 427 -12.60 9.55 31.29
C ASP B 427 -13.19 8.56 30.28
N TYR B 428 -13.12 7.27 30.59
CA TYR B 428 -13.58 6.27 29.64
C TYR B 428 -15.07 6.34 29.31
N GLY B 429 -15.42 5.93 28.10
CA GLY B 429 -16.80 5.64 27.76
C GLY B 429 -16.90 4.18 27.35
N ILE B 430 -18.11 3.72 27.07
CA ILE B 430 -18.30 2.34 26.64
C ILE B 430 -18.57 2.30 25.14
N ILE B 431 -17.88 1.38 24.45
CA ILE B 431 -18.13 1.10 23.05
C ILE B 431 -18.98 -0.15 22.90
N GLY B 432 -19.99 -0.09 22.04
CA GLY B 432 -20.74 -1.27 21.67
C GLY B 432 -21.57 -1.87 22.78
N CYS B 433 -21.17 -3.05 23.24
CA CYS B 433 -21.88 -3.68 24.35
C CYS B 433 -21.26 -3.32 25.67
N VAL B 434 -19.97 -3.62 25.84
CA VAL B 434 -19.32 -3.47 27.15
C VAL B 434 -17.84 -3.04 27.08
N GLU B 435 -17.42 -2.50 25.93
CA GLU B 435 -16.01 -2.29 25.63
C GLU B 435 -15.54 -0.87 25.95
N PRO B 436 -14.70 -0.71 26.98
CA PRO B 436 -14.28 0.62 27.43
C PRO B 436 -13.12 1.18 26.61
N GLN B 437 -13.10 2.49 26.46
CA GLN B 437 -12.00 3.17 25.78
C GLN B 437 -11.99 4.63 26.16
N LYS B 438 -10.84 5.25 25.95
CA LYS B 438 -10.72 6.69 26.02
C LYS B 438 -11.24 7.23 24.69
N PRO B 439 -12.43 7.86 24.71
CA PRO B 439 -13.01 8.43 23.49
C PRO B 439 -12.11 9.51 22.89
N GLY B 440 -12.04 9.57 21.56
CA GLY B 440 -11.25 10.57 20.87
C GLY B 440 -9.77 10.24 20.73
N LYS B 441 -9.35 9.06 21.17
CA LYS B 441 -7.93 8.70 21.17
C LYS B 441 -7.65 7.25 20.79
N THR B 442 -8.70 6.51 20.45
CA THR B 442 -8.55 5.08 20.36
C THR B 442 -9.06 4.47 19.06
N GLU B 443 -8.25 3.60 18.45
CA GLU B 443 -8.76 2.63 17.50
C GLU B 443 -8.74 1.27 18.19
N GLY B 444 -9.87 0.86 18.75
CA GLY B 444 -9.93 -0.30 19.63
C GLY B 444 -10.27 -1.65 19.01
N TRP B 445 -10.88 -1.66 17.83
CA TRP B 445 -11.35 -2.89 17.20
C TRP B 445 -12.06 -3.79 18.22
N HIS B 446 -12.94 -3.18 19.02
CA HIS B 446 -13.49 -3.78 20.23
C HIS B 446 -14.44 -4.97 20.04
N ASP B 447 -14.65 -5.42 18.80
CA ASP B 447 -15.37 -6.66 18.54
C ASP B 447 -14.85 -7.33 17.27
N SER B 448 -13.61 -7.81 17.33
CA SER B 448 -12.93 -8.22 16.11
C SER B 448 -13.24 -9.68 15.76
N ALA B 449 -13.84 -10.38 16.71
CA ALA B 449 -14.14 -11.79 16.53
C ALA B 449 -15.03 -12.28 17.68
N PHE B 450 -15.78 -13.34 17.42
CA PHE B 450 -16.34 -14.14 18.50
C PHE B 450 -15.68 -15.51 18.47
N PHE B 451 -15.38 -16.03 19.66
CA PHE B 451 -14.64 -17.27 19.81
C PHE B 451 -15.44 -18.25 20.69
N ASN B 452 -15.56 -19.50 20.26
CA ASN B 452 -16.39 -20.49 20.95
C ASN B 452 -15.58 -21.38 21.89
N LEU B 453 -15.60 -21.03 23.17
CA LEU B 453 -14.87 -21.76 24.20
C LEU B 453 -15.38 -23.18 24.38
N ALA B 454 -16.68 -23.38 24.19
CA ALA B 454 -17.29 -24.71 24.30
C ALA B 454 -16.72 -25.67 23.26
N ARG B 455 -16.48 -25.16 22.05
CA ARG B 455 -15.90 -25.98 21.00
C ARG B 455 -14.49 -26.44 21.41
N ILE B 456 -13.79 -25.61 22.17
CA ILE B 456 -12.46 -25.98 22.63
C ILE B 456 -12.55 -27.15 23.60
N VAL B 457 -13.54 -27.12 24.48
CA VAL B 457 -13.78 -28.27 25.35
C VAL B 457 -14.12 -29.51 24.52
N GLU B 458 -15.04 -29.36 23.57
CA GLU B 458 -15.39 -30.44 22.63
C GLU B 458 -14.15 -31.05 21.96
N LEU B 459 -13.25 -30.18 21.52
CA LEU B 459 -12.07 -30.59 20.75
C LEU B 459 -10.98 -31.17 21.63
N THR B 460 -11.03 -30.86 22.93
CA THR B 460 -10.07 -31.43 23.87
C THR B 460 -10.45 -32.87 24.10
N ILE B 461 -11.74 -33.07 24.33
CA ILE B 461 -12.29 -34.40 24.48
C ILE B 461 -12.07 -35.24 23.22
N ASN B 462 -12.22 -34.62 22.05
CA ASN B 462 -12.04 -35.32 20.78
C ASN B 462 -10.67 -35.18 20.14
N SER B 463 -9.68 -34.74 20.91
CA SER B 463 -8.30 -34.66 20.44
C SER B 463 -8.11 -33.92 19.11
N GLY B 464 -8.88 -32.84 18.91
CA GLY B 464 -8.75 -32.04 17.71
C GLY B 464 -9.51 -32.55 16.50
N PHE B 465 -10.18 -33.68 16.68
CA PHE B 465 -10.87 -34.34 15.57
C PHE B 465 -12.35 -33.96 15.57
N ASP B 466 -12.87 -33.61 14.41
CA ASP B 466 -14.24 -33.10 14.33
C ASP B 466 -14.79 -33.32 12.94
N LYS B 467 -16.01 -33.86 12.86
CA LYS B 467 -16.65 -34.13 11.58
C LYS B 467 -15.73 -34.89 10.62
N ASN B 468 -15.03 -35.89 11.15
CA ASN B 468 -14.07 -36.69 10.39
C ASN B 468 -12.87 -35.96 9.78
N LYS B 469 -12.57 -34.77 10.27
CA LYS B 469 -11.35 -34.08 9.87
C LYS B 469 -10.56 -33.73 11.14
N GLN B 470 -9.25 -33.80 11.05
CA GLN B 470 -8.40 -33.30 12.12
C GLN B 470 -8.31 -31.78 11.98
N ILE B 471 -9.17 -31.04 12.67
CA ILE B 471 -9.20 -29.60 12.51
C ILE B 471 -8.33 -28.82 13.50
N GLY B 472 -8.00 -29.44 14.64
CA GLY B 472 -7.11 -28.81 15.58
C GLY B 472 -5.87 -29.67 15.78
N PRO B 473 -4.98 -29.27 16.71
CA PRO B 473 -3.79 -30.08 16.95
C PRO B 473 -4.20 -31.45 17.46
N LYS B 474 -3.36 -32.46 17.20
CA LYS B 474 -3.59 -33.78 17.74
C LYS B 474 -3.06 -33.88 19.17
N THR B 475 -3.86 -33.39 20.12
CA THR B 475 -3.51 -33.44 21.52
C THR B 475 -3.74 -34.85 22.06
N GLN B 476 -3.25 -35.11 23.26
CA GLN B 476 -3.31 -36.43 23.88
C GLN B 476 -4.72 -37.05 23.78
N ASN B 477 -4.81 -38.34 23.43
CA ASN B 477 -6.11 -39.00 23.39
C ASN B 477 -6.74 -38.99 24.78
N PHE B 478 -7.98 -38.52 24.85
CA PHE B 478 -8.69 -38.36 26.11
C PHE B 478 -8.81 -39.70 26.83
N GLU B 479 -9.08 -40.76 26.07
CA GLU B 479 -9.12 -42.14 26.55
C GLU B 479 -7.94 -42.50 27.46
N GLU B 480 -6.79 -41.92 27.18
CA GLU B 480 -5.55 -42.33 27.84
C GLU B 480 -5.19 -41.47 29.04
N MET B 481 -5.98 -40.43 29.30
CA MET B 481 -5.64 -39.47 30.34
C MET B 481 -5.88 -40.01 31.74
N LYS B 482 -4.97 -39.68 32.65
CA LYS B 482 -5.04 -40.20 34.00
C LYS B 482 -5.17 -39.10 35.05
N SER B 483 -4.99 -37.85 34.65
CA SER B 483 -5.15 -36.75 35.60
C SER B 483 -5.83 -35.57 34.92
N PHE B 484 -6.50 -34.76 35.74
CA PHE B 484 -7.14 -33.55 35.24
C PHE B 484 -6.09 -32.58 34.69
N ASP B 485 -4.88 -32.63 35.24
CA ASP B 485 -3.78 -31.82 34.72
C ASP B 485 -3.55 -32.09 33.24
N GLU B 486 -3.56 -33.36 32.87
CA GLU B 486 -3.42 -33.71 31.45
C GLU B 486 -4.52 -33.08 30.62
N PHE B 487 -5.72 -33.02 31.17
CA PHE B 487 -6.84 -32.49 30.44
C PHE B 487 -6.66 -30.99 30.20
N MET B 488 -6.20 -30.28 31.23
CA MET B 488 -6.02 -28.83 31.18
C MET B 488 -4.91 -28.45 30.21
N LYS B 489 -3.88 -29.29 30.14
CA LYS B 489 -2.80 -29.10 29.20
C LYS B 489 -3.31 -29.20 27.75
N ALA B 490 -4.12 -30.22 27.47
CA ALA B 490 -4.63 -30.41 26.13
C ALA B 490 -5.60 -29.30 25.78
N TYR B 491 -6.35 -28.87 26.80
CA TYR B 491 -7.32 -27.80 26.66
C TYR B 491 -6.59 -26.51 26.28
N LYS B 492 -5.46 -26.26 26.93
CA LYS B 492 -4.60 -25.13 26.59
C LYS B 492 -4.08 -25.23 25.15
N ALA B 493 -3.65 -26.42 24.74
CA ALA B 493 -3.07 -26.59 23.41
C ALA B 493 -4.10 -26.34 22.30
N GLN B 494 -5.31 -26.83 22.50
CA GLN B 494 -6.40 -26.49 21.58
C GLN B 494 -6.65 -24.98 21.56
N MET B 495 -6.72 -24.37 22.74
CA MET B 495 -6.94 -22.93 22.84
C MET B 495 -5.87 -22.15 22.07
N GLU B 496 -4.60 -22.48 22.32
CA GLU B 496 -3.48 -21.82 21.65
C GLU B 496 -3.60 -21.83 20.13
N TYR B 497 -3.92 -23.00 19.58
CA TYR B 497 -3.96 -23.12 18.14
C TYR B 497 -5.01 -22.21 17.53
N PHE B 498 -6.23 -22.25 18.05
CA PHE B 498 -7.32 -21.52 17.43
C PHE B 498 -7.31 -20.01 17.70
N VAL B 499 -6.90 -19.61 18.90
CA VAL B 499 -6.74 -18.19 19.20
C VAL B 499 -5.69 -17.57 18.26
N LYS B 500 -4.60 -18.32 18.04
CA LYS B 500 -3.56 -17.91 17.10
C LYS B 500 -4.14 -17.59 15.73
N HIS B 501 -4.85 -18.55 15.15
CA HIS B 501 -5.38 -18.29 13.82
C HIS B 501 -6.48 -17.22 13.86
N MET B 502 -7.21 -17.14 14.95
CA MET B 502 -8.21 -16.06 15.05
C MET B 502 -7.53 -14.69 15.02
N CYS B 503 -6.52 -14.48 15.85
CA CYS B 503 -5.86 -13.18 15.87
C CYS B 503 -5.11 -12.85 14.56
N CYS B 504 -4.48 -13.85 13.96
CA CYS B 504 -3.79 -13.66 12.68
C CYS B 504 -4.79 -13.36 11.56
N ALA B 505 -5.94 -14.01 11.58
CA ALA B 505 -7.00 -13.66 10.66
C ALA B 505 -7.41 -12.21 10.88
N ASP B 506 -7.47 -11.79 12.15
CA ASP B 506 -7.83 -10.41 12.44
C ASP B 506 -6.82 -9.44 11.85
N ASN B 507 -5.55 -9.80 11.95
CA ASN B 507 -4.48 -8.94 11.41
C ASN B 507 -4.51 -8.83 9.88
N CYS B 508 -4.85 -9.93 9.21
CA CYS B 508 -5.03 -9.89 7.76
C CYS B 508 -6.16 -8.94 7.36
N ILE B 509 -7.24 -9.00 8.12
CA ILE B 509 -8.37 -8.10 7.91
C ILE B 509 -7.95 -6.66 8.22
N ASP B 510 -7.21 -6.48 9.31
CA ASP B 510 -6.67 -5.17 9.71
C ASP B 510 -5.88 -4.53 8.55
N ILE B 511 -5.02 -5.33 7.93
CA ILE B 511 -4.21 -4.86 6.81
C ILE B 511 -5.06 -4.53 5.60
N ALA B 512 -6.08 -5.35 5.35
CA ALA B 512 -6.96 -5.13 4.20
C ALA B 512 -7.70 -3.80 4.31
N HIS B 513 -8.12 -3.46 5.53
CA HIS B 513 -8.82 -2.21 5.77
C HIS B 513 -7.90 -1.01 5.57
N ALA B 514 -6.69 -1.10 6.07
CA ALA B 514 -5.71 -0.04 5.87
C ALA B 514 -5.42 0.17 4.39
N GLU B 515 -5.39 -0.94 3.65
CA GLU B 515 -4.94 -0.93 2.28
C GLU B 515 -6.01 -0.48 1.27
N ARG B 516 -7.28 -0.79 1.54
CA ARG B 516 -8.35 -0.45 0.60
C ARG B 516 -9.41 0.48 1.17
N ALA B 517 -9.48 0.62 2.49
CA ALA B 517 -10.46 1.53 3.04
C ALA B 517 -9.99 2.35 4.25
N PRO B 518 -8.87 3.10 4.09
CA PRO B 518 -8.51 4.02 5.18
C PRO B 518 -9.53 5.16 5.25
N LEU B 519 -10.01 5.52 6.43
CA LEU B 519 -11.11 6.47 6.54
C LEU B 519 -10.71 7.92 6.86
N PRO B 520 -10.78 8.81 5.86
CA PRO B 520 -10.32 10.19 6.07
C PRO B 520 -11.21 10.95 7.05
N PHE B 521 -12.52 10.74 6.96
CA PHE B 521 -13.46 11.49 7.80
C PHE B 521 -13.42 11.08 9.28
N LEU B 522 -13.60 9.78 9.55
CA LEU B 522 -13.59 9.30 10.92
C LEU B 522 -12.23 9.62 11.60
N SER B 523 -11.13 9.36 10.89
CA SER B 523 -9.78 9.57 11.40
C SER B 523 -9.52 11.00 11.86
N SER B 524 -10.18 11.96 11.21
CA SER B 524 -9.93 13.36 11.51
C SER B 524 -10.44 13.73 12.89
N MET B 525 -11.27 12.87 13.48
CA MET B 525 -11.88 13.15 14.76
C MET B 525 -11.30 12.31 15.91
N VAL B 526 -10.16 11.68 15.68
CA VAL B 526 -9.52 10.86 16.71
C VAL B 526 -8.06 11.24 16.82
N ASP B 527 -7.63 11.50 18.06
CA ASP B 527 -6.31 12.03 18.33
C ASP B 527 -5.16 11.26 17.79
N ASN B 528 -4.23 12.10 17.34
CA ASN B 528 -2.97 11.83 16.68
C ASN B 528 -3.07 11.70 15.15
N CYS B 529 -4.24 11.37 14.61
CA CYS B 529 -4.35 11.14 13.17
C CYS B 529 -3.88 12.32 12.33
N ILE B 530 -4.38 13.52 12.63
CA ILE B 530 -3.99 14.71 11.90
C ILE B 530 -2.51 15.02 12.13
N GLY B 531 -2.10 14.96 13.40
CA GLY B 531 -0.72 15.23 13.77
C GLY B 531 0.30 14.26 13.19
N LYS B 532 -0.06 12.99 13.11
CA LYS B 532 0.84 11.99 12.56
C LYS B 532 0.65 11.97 11.05
N GLY B 533 -0.46 12.56 10.60
CA GLY B 533 -0.81 12.55 9.19
C GLY B 533 -1.07 11.15 8.69
N LYS B 534 -1.75 10.35 9.53
CA LYS B 534 -2.01 8.92 9.26
C LYS B 534 -3.44 8.56 9.65
N SER B 535 -4.09 7.73 8.83
CA SER B 535 -5.43 7.25 9.15
C SER B 535 -5.49 6.36 10.40
N LEU B 536 -6.72 6.11 10.86
CA LEU B 536 -6.98 5.21 11.97
C LEU B 536 -6.48 3.82 11.61
N GLN B 537 -6.71 3.43 10.36
CA GLN B 537 -6.32 2.12 9.86
C GLN B 537 -4.81 1.93 9.82
N ASP B 538 -4.09 3.04 9.78
CA ASP B 538 -2.63 3.01 9.69
C ASP B 538 -1.91 3.34 11.01
N GLY B 539 -2.65 3.27 12.12
CA GLY B 539 -2.05 3.42 13.45
C GLY B 539 -1.98 4.85 13.96
N GLY B 540 -2.81 5.72 13.41
CA GLY B 540 -2.81 7.11 13.80
C GLY B 540 -3.30 7.37 15.22
N ALA B 541 -4.14 6.49 15.75
CA ALA B 541 -4.67 6.71 17.08
C ALA B 541 -3.62 6.60 18.18
N GLU B 542 -3.76 7.42 19.20
CA GLU B 542 -2.92 7.38 20.39
C GLU B 542 -2.90 5.98 21.02
N TYR B 543 -4.07 5.36 21.07
CA TYR B 543 -4.22 4.03 21.65
C TYR B 543 -4.72 3.03 20.61
N ASN B 544 -4.05 1.89 20.51
CA ASN B 544 -4.52 0.87 19.56
C ASN B 544 -4.70 -0.49 20.21
N PHE B 545 -5.82 -1.13 19.92
CA PHE B 545 -6.09 -2.47 20.42
C PHE B 545 -6.78 -3.33 19.36
N SER B 546 -6.91 -4.62 19.66
CA SER B 546 -7.84 -5.51 18.97
C SER B 546 -8.53 -6.32 20.07
N GLY B 547 -9.86 -6.48 19.97
CA GLY B 547 -10.64 -7.17 20.99
C GLY B 547 -11.55 -8.33 20.54
N PRO B 548 -11.05 -9.58 20.66
CA PRO B 548 -11.84 -10.78 20.34
C PRO B 548 -12.55 -11.36 21.58
N GLN B 549 -13.77 -11.85 21.38
CA GLN B 549 -14.64 -12.22 22.49
C GLN B 549 -14.68 -13.72 22.72
N GLY B 550 -14.59 -14.10 23.98
CA GLY B 550 -14.85 -15.47 24.37
C GLY B 550 -16.33 -15.65 24.63
N VAL B 551 -16.88 -16.76 24.15
CA VAL B 551 -18.27 -17.11 24.38
C VAL B 551 -18.39 -18.52 24.98
N GLY B 552 -19.10 -18.62 26.11
CA GLY B 552 -19.36 -19.91 26.76
C GLY B 552 -18.69 -20.10 28.12
N VAL B 553 -18.50 -19.01 28.85
CA VAL B 553 -17.81 -19.04 30.14
C VAL B 553 -18.47 -20.03 31.14
N ALA B 554 -19.76 -19.88 31.39
CA ALA B 554 -20.47 -20.80 32.29
C ALA B 554 -20.32 -22.27 31.86
N ASN B 555 -20.58 -22.55 30.58
CA ASN B 555 -20.38 -23.88 30.02
C ASN B 555 -18.96 -24.46 30.26
N ILE B 556 -17.95 -23.60 30.19
CA ILE B 556 -16.57 -24.04 30.36
C ILE B 556 -16.26 -24.40 31.82
N GLY B 557 -16.69 -23.56 32.75
CA GLY B 557 -16.48 -23.85 34.16
C GLY B 557 -17.24 -25.11 34.58
N ASP B 558 -18.52 -25.17 34.22
CA ASP B 558 -19.34 -26.32 34.54
C ASP B 558 -18.80 -27.62 33.92
N SER B 559 -18.36 -27.55 32.65
CA SER B 559 -17.76 -28.72 31.99
C SER B 559 -16.48 -29.18 32.68
N LEU B 560 -15.62 -28.22 33.00
CA LEU B 560 -14.32 -28.53 33.58
C LEU B 560 -14.45 -29.19 34.94
N VAL B 561 -15.35 -28.66 35.76
CA VAL B 561 -15.56 -29.23 37.08
C VAL B 561 -16.17 -30.63 36.97
N ALA B 562 -16.99 -30.85 35.96
CA ALA B 562 -17.62 -32.15 35.79
C ALA B 562 -16.58 -33.17 35.34
N VAL B 563 -15.69 -32.76 34.45
CA VAL B 563 -14.63 -33.66 34.01
C VAL B 563 -13.73 -33.98 35.19
N LYS B 564 -13.43 -32.96 35.99
CA LYS B 564 -12.51 -33.12 37.10
C LYS B 564 -13.10 -34.04 38.19
N LYS B 565 -14.36 -33.79 38.53
CA LYS B 565 -15.00 -34.45 39.63
C LYS B 565 -15.55 -35.82 39.22
N ILE B 566 -16.41 -35.84 38.20
CA ILE B 566 -17.06 -37.08 37.79
C ILE B 566 -16.07 -38.11 37.21
N VAL B 567 -15.09 -37.63 36.45
CA VAL B 567 -14.15 -38.56 35.80
C VAL B 567 -12.86 -38.82 36.60
N PHE B 568 -12.12 -37.76 36.92
CA PHE B 568 -10.79 -37.94 37.51
C PHE B 568 -10.77 -38.07 39.02
N ASP B 569 -11.65 -37.33 39.71
CA ASP B 569 -11.71 -37.40 41.16
C ASP B 569 -12.45 -38.65 41.62
N GLU B 570 -13.68 -38.82 41.14
CA GLU B 570 -14.58 -39.83 41.68
C GLU B 570 -14.59 -41.12 40.87
N ASN B 571 -14.07 -41.07 39.65
CA ASN B 571 -14.02 -42.23 38.77
C ASN B 571 -15.37 -42.88 38.53
N LYS B 572 -16.41 -42.06 38.52
CA LYS B 572 -17.76 -42.54 38.25
C LYS B 572 -17.82 -43.15 36.85
N ILE B 573 -17.12 -42.52 35.91
CA ILE B 573 -17.01 -43.03 34.54
C ILE B 573 -15.58 -42.83 34.03
N THR B 574 -15.21 -43.61 33.02
CA THR B 574 -13.90 -43.46 32.39
C THR B 574 -13.91 -42.34 31.32
N PRO B 575 -12.73 -41.82 30.96
CA PRO B 575 -12.68 -40.86 29.86
C PRO B 575 -13.41 -41.36 28.60
N SER B 576 -13.15 -42.60 28.18
CA SER B 576 -13.81 -43.15 26.99
C SER B 576 -15.32 -43.08 27.09
N GLU B 577 -15.86 -43.50 28.23
CA GLU B 577 -17.30 -43.53 28.44
C GLU B 577 -17.87 -42.13 28.30
N LEU B 578 -17.16 -41.16 28.86
CA LEU B 578 -17.56 -39.77 28.73
C LEU B 578 -17.50 -39.33 27.26
N LYS B 579 -16.36 -39.58 26.61
CA LYS B 579 -16.19 -39.23 25.21
C LYS B 579 -17.28 -39.83 24.33
N LYS B 580 -17.62 -41.10 24.57
CA LYS B 580 -18.63 -41.77 23.75
C LYS B 580 -20.02 -41.19 23.97
N THR B 581 -20.39 -40.98 25.22
CA THR B 581 -21.73 -40.48 25.53
C THR B 581 -21.93 -39.05 24.98
N LEU B 582 -20.87 -38.23 25.04
CA LEU B 582 -20.93 -36.87 24.48
C LEU B 582 -21.13 -36.88 22.98
N ASN B 583 -20.38 -37.74 22.30
CA ASN B 583 -20.57 -37.90 20.86
C ASN B 583 -21.93 -38.47 20.50
N ASN B 584 -22.54 -39.17 21.44
CA ASN B 584 -23.90 -39.72 21.29
C ASN B 584 -25.02 -38.77 21.71
N ASP B 585 -24.66 -37.59 22.21
CA ASP B 585 -25.63 -36.66 22.77
C ASP B 585 -26.48 -37.30 23.90
N PHE B 586 -25.81 -38.09 24.73
CA PHE B 586 -26.43 -38.75 25.89
C PHE B 586 -27.52 -39.78 25.56
N LYS B 587 -27.57 -40.22 24.30
CA LYS B 587 -28.58 -41.19 23.89
C LYS B 587 -28.38 -42.51 24.63
N ASN B 588 -29.42 -42.94 25.35
CA ASN B 588 -29.39 -44.19 26.11
C ASN B 588 -28.34 -44.19 27.22
N SER B 589 -28.01 -43.01 27.73
CA SER B 589 -27.12 -42.88 28.87
C SER B 589 -27.47 -41.66 29.71
N GLU B 590 -28.78 -41.48 29.94
CA GLU B 590 -29.32 -40.45 30.80
C GLU B 590 -28.76 -40.50 32.23
N GLU B 591 -28.35 -41.68 32.66
CA GLU B 591 -27.79 -41.84 34.00
C GLU B 591 -26.44 -41.14 34.08
N ILE B 592 -25.70 -41.14 32.98
CA ILE B 592 -24.42 -40.44 32.92
C ILE B 592 -24.67 -38.94 32.77
N GLN B 593 -25.69 -38.56 31.99
CA GLN B 593 -26.04 -37.16 31.89
C GLN B 593 -26.44 -36.58 33.26
N ALA B 594 -27.15 -37.36 34.07
CA ALA B 594 -27.57 -36.90 35.40
C ALA B 594 -26.38 -36.56 36.31
N LEU B 595 -25.41 -37.46 36.33
CA LEU B 595 -24.14 -37.23 37.03
C LEU B 595 -23.51 -35.88 36.68
N LEU B 596 -23.49 -35.60 35.38
CA LEU B 596 -22.90 -34.35 34.90
C LEU B 596 -23.74 -33.15 35.34
N LYS B 597 -25.05 -33.26 35.15
CA LYS B 597 -25.95 -32.16 35.51
C LYS B 597 -25.87 -31.88 37.00
N ASN B 598 -25.72 -32.92 37.80
CA ASN B 598 -25.73 -32.79 39.27
C ASN B 598 -24.40 -32.32 39.88
N ALA B 599 -23.37 -32.24 39.04
CA ALA B 599 -22.09 -31.70 39.46
C ALA B 599 -22.25 -30.22 39.78
N PRO B 600 -21.38 -29.68 40.66
CA PRO B 600 -21.53 -28.26 41.04
C PRO B 600 -21.58 -27.30 39.84
N LYS B 601 -22.50 -26.34 39.87
CA LYS B 601 -22.67 -25.40 38.76
C LYS B 601 -22.28 -23.97 39.14
N PHE B 602 -21.61 -23.32 38.19
CA PHE B 602 -21.21 -21.91 38.29
C PHE B 602 -22.44 -21.06 38.56
N GLY B 603 -22.33 -20.10 39.49
CA GLY B 603 -23.46 -19.26 39.81
C GLY B 603 -24.11 -19.52 41.16
N ASN B 604 -23.47 -20.37 41.98
CA ASN B 604 -24.01 -20.67 43.30
C ASN B 604 -23.01 -20.43 44.43
N ASP B 605 -22.01 -19.58 44.18
CA ASP B 605 -20.98 -19.25 45.16
C ASP B 605 -20.20 -20.48 45.65
N ILE B 606 -20.09 -21.49 44.79
CA ILE B 606 -19.28 -22.68 45.03
C ILE B 606 -17.88 -22.58 44.40
N ASP B 607 -16.87 -22.44 45.25
CA ASP B 607 -15.49 -22.19 44.80
C ASP B 607 -14.95 -23.25 43.85
N GLU B 608 -15.29 -24.50 44.10
CA GLU B 608 -14.74 -25.59 43.30
C GLU B 608 -15.01 -25.37 41.80
N VAL B 609 -16.23 -24.96 41.47
CA VAL B 609 -16.60 -24.77 40.08
C VAL B 609 -16.30 -23.34 39.65
N ASP B 610 -16.58 -22.37 40.52
CA ASP B 610 -16.28 -20.98 40.24
C ASP B 610 -14.81 -20.76 39.83
N ASN B 611 -13.89 -21.43 40.52
CA ASN B 611 -12.48 -21.31 40.21
C ASN B 611 -12.08 -21.91 38.87
N LEU B 612 -12.81 -22.94 38.44
CA LEU B 612 -12.53 -23.53 37.15
C LEU B 612 -13.12 -22.68 36.03
N ALA B 613 -14.24 -22.01 36.30
CA ALA B 613 -14.79 -21.06 35.35
C ALA B 613 -13.78 -19.92 35.20
N ARG B 614 -13.23 -19.44 36.32
CA ARG B 614 -12.15 -18.46 36.29
C ARG B 614 -10.95 -18.92 35.45
N GLU B 615 -10.43 -20.10 35.76
CA GLU B 615 -9.24 -20.59 35.09
C GLU B 615 -9.53 -20.90 33.62
N GLY B 616 -10.69 -21.48 33.37
CA GLY B 616 -11.09 -21.84 32.02
C GLY B 616 -11.06 -20.61 31.12
N ALA B 617 -11.60 -19.51 31.64
CA ALA B 617 -11.59 -18.23 30.93
C ALA B 617 -10.18 -17.63 30.83
N LEU B 618 -9.37 -17.79 31.87
CA LEU B 618 -8.02 -17.21 31.87
C LEU B 618 -7.14 -17.81 30.78
N VAL B 619 -7.35 -19.09 30.49
CA VAL B 619 -6.60 -19.76 29.44
C VAL B 619 -6.85 -19.06 28.09
N TYR B 620 -8.12 -18.77 27.81
CA TYR B 620 -8.47 -17.98 26.63
C TYR B 620 -7.76 -16.61 26.69
N CYS B 621 -7.93 -15.91 27.80
CA CYS B 621 -7.42 -14.56 27.94
C CYS B 621 -5.90 -14.46 27.82
N ARG B 622 -5.19 -15.44 28.38
CA ARG B 622 -3.74 -15.41 28.35
C ARG B 622 -3.23 -15.61 26.93
N GLU B 623 -3.94 -16.44 26.17
CA GLU B 623 -3.63 -16.65 24.75
C GLU B 623 -3.78 -15.36 23.92
N VAL B 624 -4.93 -14.71 24.05
CA VAL B 624 -5.20 -13.45 23.37
C VAL B 624 -4.13 -12.37 23.66
N ASN B 625 -3.72 -12.26 24.93
CA ASN B 625 -2.71 -11.27 25.30
C ASN B 625 -1.37 -11.39 24.53
N LYS B 626 -1.13 -12.52 23.89
CA LYS B 626 0.14 -12.77 23.22
C LYS B 626 0.29 -11.96 21.94
N TYR B 627 -0.83 -11.48 21.41
CA TYR B 627 -0.87 -10.96 20.04
C TYR B 627 -0.85 -9.44 19.93
N THR B 628 -0.23 -8.96 18.85
CA THR B 628 -0.25 -7.54 18.53
C THR B 628 -0.79 -7.35 17.10
N ASN B 629 -1.31 -6.16 16.82
CA ASN B 629 -1.93 -5.89 15.52
C ASN B 629 -1.03 -4.99 14.64
N PRO B 630 -1.41 -4.79 13.36
CA PRO B 630 -0.51 -4.02 12.49
C PRO B 630 -0.42 -2.53 12.84
N ARG B 631 -1.25 -2.07 13.77
CA ARG B 631 -1.21 -0.69 14.24
C ARG B 631 -0.35 -0.54 15.50
N GLY B 632 0.38 -1.60 15.85
CA GLY B 632 1.29 -1.54 16.99
C GLY B 632 0.55 -1.66 18.30
N GLY B 633 -0.71 -2.05 18.25
CA GLY B 633 -1.51 -2.19 19.45
C GLY B 633 -1.53 -3.64 19.92
N ASN B 634 -1.90 -3.85 21.17
CA ASN B 634 -2.02 -5.17 21.75
C ASN B 634 -3.45 -5.71 21.65
N PHE B 635 -3.57 -7.02 21.51
CA PHE B 635 -4.87 -7.65 21.66
C PHE B 635 -5.27 -7.68 23.13
N GLN B 636 -6.55 -7.45 23.39
CA GLN B 636 -7.11 -7.60 24.72
C GLN B 636 -8.39 -8.42 24.59
N PRO B 637 -8.59 -9.41 25.47
CA PRO B 637 -9.76 -10.29 25.34
C PRO B 637 -11.01 -9.66 25.94
N GLY B 638 -12.17 -10.05 25.43
CA GLY B 638 -13.43 -9.69 26.04
C GLY B 638 -14.26 -10.95 26.25
N LEU B 639 -15.35 -10.85 27.02
CA LEU B 639 -16.25 -11.98 27.26
C LEU B 639 -17.71 -11.56 27.19
N TYR B 640 -18.19 -11.43 25.95
CA TYR B 640 -19.57 -11.06 25.67
C TYR B 640 -20.05 -11.70 24.38
N PRO B 641 -21.37 -11.92 24.26
CA PRO B 641 -21.86 -12.77 23.17
C PRO B 641 -22.66 -12.08 22.06
N SER B 642 -23.07 -10.83 22.26
CA SER B 642 -24.13 -10.26 21.44
C SER B 642 -25.28 -11.28 21.49
N SER B 643 -25.72 -11.76 20.34
CA SER B 643 -26.73 -12.81 20.31
C SER B 643 -26.16 -14.14 19.81
N ILE B 644 -24.84 -14.21 19.66
CA ILE B 644 -24.21 -15.35 19.00
C ILE B 644 -24.16 -16.64 19.84
N ASN B 645 -24.46 -16.53 21.13
CA ASN B 645 -24.40 -17.70 22.02
C ASN B 645 -25.44 -18.77 21.63
N VAL B 646 -26.52 -18.36 21.00
CA VAL B 646 -27.52 -19.30 20.49
C VAL B 646 -27.02 -20.00 19.24
N TYR B 647 -26.49 -19.23 18.30
CA TYR B 647 -26.00 -19.78 17.05
C TYR B 647 -24.77 -20.66 17.28
N PHE B 648 -23.84 -20.15 18.09
CA PHE B 648 -22.67 -20.90 18.52
C PHE B 648 -23.09 -22.22 19.16
N GLY B 649 -24.12 -22.16 20.00
CA GLY B 649 -24.61 -23.34 20.67
C GLY B 649 -25.13 -24.37 19.68
N SER B 650 -25.75 -23.90 18.61
CA SER B 650 -26.25 -24.80 17.57
C SER B 650 -25.13 -25.49 16.79
N LEU B 651 -23.90 -25.00 16.91
CA LEU B 651 -22.77 -25.59 16.20
C LEU B 651 -21.92 -26.41 17.14
N THR B 652 -22.36 -26.50 18.37
CA THR B 652 -21.57 -27.15 19.41
C THR B 652 -22.21 -28.46 19.84
N GLY B 653 -21.40 -29.50 19.96
CA GLY B 653 -21.90 -30.80 20.40
C GLY B 653 -22.30 -30.77 21.87
N ALA B 654 -22.74 -31.92 22.37
CA ALA B 654 -23.03 -32.07 23.80
C ALA B 654 -21.76 -31.81 24.59
N THR B 655 -21.89 -31.13 25.72
CA THR B 655 -20.73 -30.82 26.54
C THR B 655 -20.81 -31.45 27.94
N PRO B 656 -19.64 -31.64 28.60
CA PRO B 656 -19.58 -32.33 29.90
C PRO B 656 -20.39 -31.70 31.06
N ASP B 657 -20.96 -30.51 30.86
CA ASP B 657 -21.83 -29.94 31.90
C ASP B 657 -23.25 -30.53 31.87
N GLY B 658 -23.52 -31.37 30.87
CA GLY B 658 -24.85 -31.95 30.73
C GLY B 658 -25.70 -31.32 29.64
N ARG B 659 -25.17 -30.28 29.01
CA ARG B 659 -25.85 -29.57 27.93
C ARG B 659 -25.92 -30.44 26.67
N LYS B 660 -27.13 -30.70 26.18
CA LYS B 660 -27.29 -31.46 24.94
C LYS B 660 -26.77 -30.71 23.71
N SER B 661 -26.39 -31.47 22.69
CA SER B 661 -25.88 -30.95 21.46
C SER B 661 -26.87 -29.94 20.86
N GLY B 662 -26.34 -28.86 20.31
CA GLY B 662 -27.17 -27.89 19.62
C GLY B 662 -27.82 -26.85 20.50
N GLN B 663 -27.80 -27.05 21.82
CA GLN B 663 -28.42 -26.09 22.72
C GLN B 663 -27.58 -24.81 22.82
N PRO B 664 -28.23 -23.67 23.11
CA PRO B 664 -27.49 -22.42 23.24
C PRO B 664 -26.42 -22.47 24.32
N LEU B 665 -25.34 -21.74 24.10
CA LEU B 665 -24.33 -21.55 25.13
C LEU B 665 -24.80 -20.44 26.08
N ALA B 666 -24.16 -20.35 27.23
CA ALA B 666 -24.49 -19.28 28.17
C ALA B 666 -24.08 -17.93 27.59
N ASP B 667 -24.79 -16.91 28.01
CA ASP B 667 -24.59 -15.55 27.55
C ASP B 667 -23.61 -14.81 28.46
N GLY B 668 -22.55 -14.27 27.87
CA GLY B 668 -21.57 -13.46 28.60
C GLY B 668 -20.91 -14.26 29.70
N VAL B 669 -20.81 -13.67 30.89
CA VAL B 669 -20.27 -14.40 32.03
C VAL B 669 -21.38 -14.80 32.98
N SER B 670 -22.62 -14.66 32.51
CA SER B 670 -23.79 -15.12 33.27
C SER B 670 -23.75 -16.65 33.49
N PRO B 671 -24.31 -17.11 34.62
CA PRO B 671 -24.44 -18.57 34.81
C PRO B 671 -25.36 -19.17 33.74
N SER B 672 -25.25 -20.47 33.48
CA SER B 672 -26.16 -21.15 32.55
C SER B 672 -27.60 -21.12 33.06
N ARG B 673 -28.56 -21.13 32.13
CA ARG B 673 -29.98 -21.08 32.49
C ARG B 673 -30.33 -22.15 33.50
N GLY B 674 -31.01 -21.73 34.57
CA GLY B 674 -31.42 -22.64 35.61
C GLY B 674 -30.35 -23.15 36.57
N CYS B 675 -29.08 -22.83 36.33
CA CYS B 675 -28.04 -23.37 37.20
C CYS B 675 -27.82 -22.54 38.46
N ASP B 676 -28.13 -21.25 38.39
CA ASP B 676 -28.05 -20.36 39.55
C ASP B 676 -29.33 -20.46 40.38
N VAL B 677 -29.29 -21.34 41.38
CA VAL B 677 -30.48 -21.69 42.17
C VAL B 677 -30.36 -21.21 43.62
N SER B 678 -29.45 -20.29 43.87
CA SER B 678 -29.18 -19.84 45.24
C SER B 678 -29.39 -18.34 45.41
N GLY B 679 -30.20 -17.73 44.55
CA GLY B 679 -30.41 -16.28 44.62
C GLY B 679 -29.40 -15.44 43.85
N PRO B 680 -29.77 -14.19 43.51
CA PRO B 680 -28.94 -13.30 42.70
C PRO B 680 -27.62 -12.91 43.37
N THR B 681 -27.63 -12.79 44.68
CA THR B 681 -26.41 -12.44 45.42
C THR B 681 -25.32 -13.51 45.26
N ALA B 682 -25.72 -14.77 45.46
CA ALA B 682 -24.80 -15.90 45.28
C ALA B 682 -24.25 -15.87 43.87
N ALA B 683 -25.09 -15.54 42.90
CA ALA B 683 -24.66 -15.50 41.51
C ALA B 683 -23.61 -14.40 41.28
N CYS B 684 -23.88 -13.19 41.77
CA CYS B 684 -22.92 -12.11 41.66
C CYS B 684 -21.58 -12.51 42.29
N ASN B 685 -21.66 -13.18 43.43
CA ASN B 685 -20.46 -13.69 44.09
C ASN B 685 -19.67 -14.64 43.19
N SER B 686 -20.35 -15.60 42.58
CA SER B 686 -19.67 -16.48 41.64
C SER B 686 -19.01 -15.67 40.53
N VAL B 687 -19.79 -14.84 39.86
CA VAL B 687 -19.29 -14.15 38.68
C VAL B 687 -18.11 -13.24 39.02
N SER B 688 -18.15 -12.64 40.21
CA SER B 688 -17.09 -11.73 40.63
C SER B 688 -15.75 -12.45 40.85
N LYS B 689 -15.76 -13.77 40.79
CA LYS B 689 -14.52 -14.51 41.03
C LYS B 689 -13.65 -14.61 39.79
N LEU B 690 -14.25 -14.39 38.62
CA LEU B 690 -13.50 -14.34 37.39
C LEU B 690 -12.51 -13.17 37.38
N ASP B 691 -11.55 -13.22 36.48
CA ASP B 691 -10.62 -12.13 36.30
C ASP B 691 -11.25 -11.13 35.32
N HIS B 692 -11.82 -10.07 35.88
CA HIS B 692 -12.43 -9.01 35.07
C HIS B 692 -11.41 -7.95 34.67
N PHE B 693 -10.22 -8.01 35.22
CA PHE B 693 -9.16 -7.05 34.92
C PHE B 693 -8.48 -7.40 33.59
N ILE B 694 -8.18 -8.67 33.40
CA ILE B 694 -7.49 -9.11 32.20
C ILE B 694 -8.38 -9.03 30.93
N ALA B 695 -9.67 -9.29 31.09
CA ALA B 695 -10.62 -9.18 29.99
C ALA B 695 -11.04 -7.70 29.83
N SER B 696 -10.09 -6.87 29.42
CA SER B 696 -10.32 -5.44 29.42
C SER B 696 -11.09 -4.98 28.20
N ASN B 697 -11.39 -5.91 27.30
CA ASN B 697 -12.32 -5.59 26.23
C ASN B 697 -13.77 -5.67 26.72
N GLY B 698 -13.94 -5.99 28.01
CA GLY B 698 -15.25 -6.01 28.64
C GLY B 698 -15.81 -7.39 28.90
N THR B 699 -16.49 -7.56 30.02
CA THR B 699 -17.26 -8.78 30.28
C THR B 699 -18.71 -8.38 30.45
N LEU B 700 -19.62 -9.30 30.18
CA LEU B 700 -21.04 -8.95 30.19
C LEU B 700 -21.83 -9.90 31.08
N PHE B 701 -22.62 -9.33 31.98
CA PHE B 701 -23.36 -10.11 32.98
C PHE B 701 -24.84 -9.76 32.90
N ASN B 702 -25.67 -10.73 32.56
CA ASN B 702 -27.13 -10.55 32.52
C ASN B 702 -27.78 -11.13 33.76
N GLN B 703 -28.68 -10.38 34.37
CA GLN B 703 -29.64 -10.96 35.32
C GLN B 703 -31.04 -10.57 34.93
N LYS B 704 -32.01 -11.38 35.33
CA LYS B 704 -33.40 -11.15 34.98
C LYS B 704 -34.26 -11.28 36.22
N PHE B 705 -35.04 -10.26 36.51
CA PHE B 705 -35.86 -10.24 37.73
C PHE B 705 -37.35 -10.31 37.44
N HIS B 706 -38.06 -11.07 38.27
CA HIS B 706 -39.50 -10.96 38.31
C HIS B 706 -39.84 -9.53 38.72
N PRO B 707 -40.89 -8.95 38.13
CA PRO B 707 -41.18 -7.56 38.45
C PRO B 707 -41.51 -7.27 39.93
N SER B 708 -41.97 -8.27 40.68
CA SER B 708 -42.17 -8.08 42.13
C SER B 708 -40.87 -7.62 42.83
N ALA B 709 -39.73 -8.07 42.33
CA ALA B 709 -38.44 -7.77 42.93
C ALA B 709 -38.07 -6.29 42.93
N LEU B 710 -38.72 -5.50 42.08
CA LEU B 710 -38.39 -4.09 42.00
C LEU B 710 -39.47 -3.15 42.53
N LYS B 711 -40.55 -3.73 43.05
CA LYS B 711 -41.67 -2.97 43.58
C LYS B 711 -41.27 -2.09 44.77
N GLY B 712 -41.69 -0.82 44.73
CA GLY B 712 -41.49 0.10 45.82
C GLY B 712 -40.06 0.56 46.06
N ASP B 713 -39.90 1.42 47.05
CA ASP B 713 -38.58 1.92 47.41
C ASP B 713 -37.62 0.78 47.75
N ASN B 714 -38.14 -0.26 48.41
CA ASN B 714 -37.31 -1.41 48.78
C ASN B 714 -36.69 -2.08 47.57
N GLY B 715 -37.50 -2.25 46.52
CA GLY B 715 -37.03 -2.87 45.30
C GLY B 715 -35.85 -2.11 44.77
N LEU B 716 -35.97 -0.80 44.71
CA LEU B 716 -34.92 0.06 44.20
C LEU B 716 -33.68 -0.07 45.07
N MET B 717 -33.88 -0.06 46.39
CA MET B 717 -32.79 -0.19 47.35
C MET B 717 -32.08 -1.52 47.18
N ASN B 718 -32.86 -2.57 46.98
CA ASN B 718 -32.30 -3.91 46.86
C ASN B 718 -31.46 -4.10 45.61
N LEU B 719 -31.89 -3.49 44.51
CA LEU B 719 -31.18 -3.56 43.24
C LEU B 719 -29.87 -2.80 43.39
N SER B 720 -29.95 -1.63 44.01
CA SER B 720 -28.80 -0.78 44.17
C SER B 720 -27.75 -1.48 45.06
N SER B 721 -28.22 -2.07 46.14
CA SER B 721 -27.40 -2.87 47.03
C SER B 721 -26.81 -4.10 46.32
N LEU B 722 -27.60 -4.73 45.46
CA LEU B 722 -27.11 -5.87 44.68
C LEU B 722 -25.92 -5.47 43.81
N ILE B 723 -26.11 -4.38 43.06
CA ILE B 723 -25.09 -3.86 42.16
C ILE B 723 -23.82 -3.47 42.91
N ARG B 724 -23.98 -2.70 43.99
CA ARG B 724 -22.84 -2.26 44.79
C ARG B 724 -22.02 -3.42 45.33
N SER B 725 -22.69 -4.45 45.80
CA SER B 725 -21.99 -5.61 46.32
C SER B 725 -21.22 -6.32 45.21
N TYR B 726 -21.79 -6.37 44.01
CA TYR B 726 -21.10 -7.02 42.92
C TYR B 726 -19.88 -6.22 42.48
N PHE B 727 -20.05 -4.90 42.35
CA PHE B 727 -18.94 -4.05 41.91
C PHE B 727 -17.86 -3.96 43.00
N ASP B 728 -18.26 -3.98 44.27
CA ASP B 728 -17.28 -3.97 45.36
C ASP B 728 -16.36 -5.17 45.26
N GLN B 729 -16.91 -6.26 44.73
CA GLN B 729 -16.13 -7.49 44.55
C GLN B 729 -15.42 -7.59 43.21
N LYS B 730 -15.40 -6.48 42.48
CA LYS B 730 -14.65 -6.33 41.23
C LYS B 730 -15.35 -6.94 40.02
N GLY B 731 -16.67 -6.96 40.04
CA GLY B 731 -17.41 -7.22 38.83
C GLY B 731 -17.27 -6.06 37.85
N PHE B 732 -17.21 -6.37 36.56
CA PHE B 732 -17.02 -5.39 35.50
C PHE B 732 -18.30 -4.62 35.15
N HIS B 733 -19.40 -5.38 35.02
CA HIS B 733 -20.63 -4.90 34.40
C HIS B 733 -21.82 -5.75 34.80
N VAL B 734 -22.98 -5.12 34.92
CA VAL B 734 -24.21 -5.86 35.14
C VAL B 734 -25.37 -5.08 34.54
N GLN B 735 -26.39 -5.81 34.06
CA GLN B 735 -27.59 -5.22 33.49
C GLN B 735 -28.79 -6.14 33.76
N PHE B 736 -29.98 -5.56 33.79
CA PHE B 736 -31.15 -6.33 34.21
C PHE B 736 -32.36 -6.29 33.30
N ASN B 737 -32.91 -7.47 32.99
CA ASN B 737 -34.26 -7.58 32.45
C ASN B 737 -35.25 -7.58 33.61
N VAL B 738 -36.29 -6.76 33.51
CA VAL B 738 -37.36 -6.77 34.52
C VAL B 738 -38.73 -6.92 33.83
N ILE B 739 -39.13 -8.15 33.57
CA ILE B 739 -40.32 -8.37 32.76
C ILE B 739 -41.14 -9.62 33.11
N ASP B 740 -42.45 -9.51 32.91
CA ASP B 740 -43.37 -10.63 33.09
C ASP B 740 -43.22 -11.66 31.96
N LYS B 741 -42.94 -12.90 32.33
CA LYS B 741 -42.81 -14.00 31.37
C LYS B 741 -44.03 -14.10 30.45
N LYS B 742 -45.21 -13.87 31.02
CA LYS B 742 -46.45 -13.95 30.26
C LYS B 742 -46.45 -12.99 29.05
N ILE B 743 -45.95 -11.77 29.26
CA ILE B 743 -45.89 -10.75 28.22
C ILE B 743 -45.02 -11.19 27.05
N LEU B 744 -43.89 -11.84 27.34
CA LEU B 744 -43.01 -12.31 26.28
C LEU B 744 -43.70 -13.43 25.50
N LEU B 745 -44.35 -14.34 26.21
CA LEU B 745 -45.04 -15.46 25.58
C LEU B 745 -46.18 -14.96 24.71
N ALA B 746 -46.86 -13.93 25.18
CA ALA B 746 -47.95 -13.33 24.43
C ALA B 746 -47.43 -12.60 23.18
N ALA B 747 -46.21 -12.08 23.26
CA ALA B 747 -45.62 -11.38 22.13
C ALA B 747 -45.32 -12.38 21.02
N GLN B 748 -44.90 -13.58 21.40
CA GLN B 748 -44.64 -14.64 20.44
C GLN B 748 -45.91 -15.02 19.67
N LYS B 749 -47.02 -15.20 20.39
CA LYS B 749 -48.26 -15.60 19.75
C LYS B 749 -48.92 -14.51 18.91
N ASN B 750 -48.90 -13.27 19.39
CA ASN B 750 -49.51 -12.16 18.66
C ASN B 750 -48.59 -10.94 18.56
N PRO B 751 -47.57 -11.03 17.69
CA PRO B 751 -46.53 -10.00 17.52
C PRO B 751 -47.11 -8.60 17.29
N GLU B 752 -48.11 -8.50 16.42
CA GLU B 752 -48.73 -7.22 16.08
C GLU B 752 -49.32 -6.51 17.29
N LYS B 753 -49.57 -7.29 18.34
CA LYS B 753 -50.07 -6.75 19.58
C LYS B 753 -48.95 -6.17 20.46
N TYR B 754 -47.70 -6.45 20.10
CA TYR B 754 -46.57 -6.11 20.98
C TYR B 754 -45.38 -5.46 20.26
N GLN B 755 -45.68 -4.55 19.33
CA GLN B 755 -44.63 -3.89 18.53
C GLN B 755 -43.68 -3.01 19.33
N ASP B 756 -44.11 -2.59 20.52
CA ASP B 756 -43.28 -1.67 21.29
C ASP B 756 -42.69 -2.32 22.54
N LEU B 757 -42.65 -3.64 22.52
CA LEU B 757 -42.11 -4.38 23.64
C LEU B 757 -40.59 -4.48 23.50
N ILE B 758 -39.89 -3.86 24.44
CA ILE B 758 -38.43 -3.85 24.44
C ILE B 758 -37.90 -4.87 25.43
N VAL B 759 -36.86 -5.61 25.06
CA VAL B 759 -36.27 -6.59 25.94
C VAL B 759 -34.74 -6.54 25.85
N ARG B 760 -34.05 -6.85 26.93
CA ARG B 760 -32.59 -6.87 26.91
C ARG B 760 -32.10 -8.19 26.35
N VAL B 761 -31.16 -8.10 25.42
CA VAL B 761 -30.50 -9.27 24.84
C VAL B 761 -29.18 -9.48 25.59
N ALA B 762 -28.14 -8.77 25.18
CA ALA B 762 -26.85 -8.78 25.88
C ALA B 762 -25.99 -7.59 25.46
N GLY B 763 -25.96 -6.57 26.30
CA GLY B 763 -25.20 -5.36 26.00
C GLY B 763 -26.06 -4.39 25.22
N TYR B 764 -27.24 -4.87 24.85
CA TYR B 764 -28.20 -4.06 24.13
C TYR B 764 -29.64 -4.54 24.31
N SER B 765 -30.57 -3.61 24.10
CA SER B 765 -31.99 -3.89 24.11
C SER B 765 -32.49 -3.96 22.67
N ALA B 766 -33.52 -4.76 22.43
CA ALA B 766 -34.12 -4.83 21.09
C ALA B 766 -35.65 -4.88 21.14
N GLN B 767 -36.27 -4.55 20.01
CA GLN B 767 -37.69 -4.75 19.82
C GLN B 767 -37.92 -6.25 19.75
N PHE B 768 -38.52 -6.81 20.79
CA PHE B 768 -38.64 -8.25 20.97
C PHE B 768 -39.14 -9.01 19.74
N ILE B 769 -40.16 -8.47 19.08
CA ILE B 769 -40.75 -9.16 17.93
C ILE B 769 -39.87 -9.13 16.68
N SER B 770 -38.79 -8.34 16.71
CA SER B 770 -37.87 -8.28 15.57
C SER B 770 -36.83 -9.40 15.63
N LEU B 771 -36.74 -10.04 16.80
CA LEU B 771 -35.73 -11.07 17.04
C LEU B 771 -36.24 -12.41 16.57
N ASP B 772 -35.36 -13.17 15.93
CA ASP B 772 -35.65 -14.55 15.61
C ASP B 772 -36.15 -15.35 16.83
N LYS B 773 -37.03 -16.32 16.60
CA LYS B 773 -37.60 -17.16 17.66
C LYS B 773 -36.53 -17.77 18.59
N SER B 774 -35.42 -18.22 18.02
CA SER B 774 -34.37 -18.86 18.80
C SER B 774 -33.74 -17.93 19.86
N ILE B 775 -33.75 -16.62 19.59
CA ILE B 775 -33.18 -15.66 20.53
C ILE B 775 -34.25 -15.25 21.54
N GLN B 776 -35.48 -15.12 21.06
CA GLN B 776 -36.62 -14.93 21.96
C GLN B 776 -36.65 -16.04 22.99
N ASN B 777 -36.56 -17.28 22.52
CA ASN B 777 -36.62 -18.43 23.44
C ASN B 777 -35.46 -18.46 24.42
N ASP B 778 -34.26 -18.11 23.96
CA ASP B 778 -33.10 -18.10 24.86
C ASP B 778 -33.34 -17.15 26.02
N ILE B 779 -33.84 -15.97 25.69
CA ILE B 779 -34.08 -14.94 26.68
C ILE B 779 -35.17 -15.36 27.67
N ILE B 780 -36.28 -15.89 27.15
CA ILE B 780 -37.37 -16.40 27.98
C ILE B 780 -36.85 -17.48 28.93
N ALA B 781 -35.93 -18.31 28.43
CA ALA B 781 -35.45 -19.44 29.21
C ALA B 781 -34.43 -19.06 30.29
N ARG B 782 -34.05 -17.78 30.33
CA ARG B 782 -33.08 -17.36 31.32
C ARG B 782 -33.64 -17.50 32.72
N THR B 783 -32.75 -17.76 33.68
CA THR B 783 -33.10 -17.84 35.09
C THR B 783 -33.81 -16.56 35.49
N GLU B 784 -34.92 -16.69 36.20
CA GLU B 784 -35.64 -15.53 36.70
C GLU B 784 -35.47 -15.44 38.21
N HIS B 785 -34.90 -14.34 38.69
CA HIS B 785 -34.63 -14.16 40.11
C HIS B 785 -35.68 -13.28 40.80
N VAL B 786 -35.78 -13.44 42.11
CA VAL B 786 -36.30 -12.42 43.01
C VAL B 786 -35.13 -12.11 43.92
N MET B 787 -35.25 -11.06 44.72
CA MET B 787 -34.15 -10.69 45.61
C MET B 787 -33.87 -11.74 46.67
#